data_6G9E
#
_entry.id   6G9E
#
_cell.length_a   220.063
_cell.length_b   172.618
_cell.length_c   138.564
_cell.angle_alpha   90.000
_cell.angle_beta   128.410
_cell.angle_gamma   90.000
#
_symmetry.space_group_name_H-M   'C 1 2 1'
#
loop_
_entity.id
_entity.type
_entity.pdbx_description
1 polymer 'Immunomodulatory active chitinase'
2 non-polymer 1,2-ETHANEDIOL
3 water water
#
_entity_poly.entity_id   1
_entity_poly.type   'polypeptide(L)'
_entity_poly.pdbx_seq_one_letter_code
;AAESGARSVCNTVRRRSAGMLRKDSQDASDEKYVRGCYFTNWAQYRPGNGKYNPEHYQANLCEYIFYAFAKLNDDFTVDQ
FEWNDIDVLYPGVMKQKSSQPDLKVLLSLGGWNAGTATFKKMAATYSNRAKFISSLVSFLQQNKFDGFDLDWEYPESSDK
ENYLLLCQEILAKFEEVAKCTSTSRLLFTAAVSANPKTVDAGYDVPALAKVLDFVNLMCYDFHGAWETQTGINSPLYSRK
EDSSEFKMWNVEQSSKYWSDKGMPKKQIIIGLPTYGRGWTLSDASKTDIGAPAQGSSTATEYLREAGVISYYEVCQKLSS
GAKRVWDDESKTPYLVQGNQWFSYDDVESMKAKINWIKQENYGGAFVWTLDYDDFLGSFCTEHNGKKYPLISLMQEILGG
GYVPPSTESTTSQVTTTPSTTTSTTSPAGAFQCPSDGLFPDPESCSNFYQCAGGTAYKMKCPTGLMFNPKTSTCDYPSNV
DCQEKTITTHHHHHH
;
_entity_poly.pdbx_strand_id   A,B,C,D,E,F
#
loop_
_chem_comp.id
_chem_comp.type
_chem_comp.name
_chem_comp.formula
EDO non-polymer 1,2-ETHANEDIOL 'C2 H6 O2'
#
# COMPACT_ATOMS: atom_id res chain seq x y z
N LYS A 32 17.64 -4.34 20.50
CA LYS A 32 17.52 -4.68 21.91
C LYS A 32 16.45 -3.85 22.62
N TYR A 33 16.22 -2.62 22.15
CA TYR A 33 15.27 -1.72 22.79
C TYR A 33 14.47 -0.98 21.74
N VAL A 34 13.14 -1.04 21.87
CA VAL A 34 12.25 -0.29 21.02
C VAL A 34 12.29 1.19 21.40
N ARG A 35 12.30 2.06 20.40
CA ARG A 35 12.22 3.50 20.62
C ARG A 35 11.12 4.06 19.72
N GLY A 36 10.06 4.59 20.32
CA GLY A 36 8.88 4.97 19.55
C GLY A 36 8.47 6.40 19.83
N CYS A 37 7.74 6.96 18.86
CA CYS A 37 7.29 8.35 18.93
C CYS A 37 5.93 8.48 18.25
N TYR A 38 5.01 9.18 18.91
CA TYR A 38 3.73 9.48 18.32
C TYR A 38 3.78 10.86 17.65
N PHE A 39 3.45 10.88 16.36
CA PHE A 39 3.14 12.08 15.60
C PHE A 39 1.65 12.34 15.75
N THR A 40 1.25 13.62 15.76
CA THR A 40 -0.17 13.94 15.85
C THR A 40 -0.59 14.84 14.69
N ASN A 41 -1.74 14.55 14.08
CA ASN A 41 -2.09 15.24 12.85
C ASN A 41 -2.85 16.52 13.13
N TRP A 42 -2.97 16.90 14.39
CA TRP A 42 -3.54 18.19 14.72
C TRP A 42 -2.50 19.18 15.21
N ALA A 43 -1.27 18.72 15.46
CA ALA A 43 -0.21 19.63 15.86
C ALA A 43 0.07 20.65 14.77
N GLN A 44 -0.36 20.39 13.53
CA GLN A 44 -0.23 21.38 12.46
C GLN A 44 -1.05 22.63 12.72
N TYR A 45 -1.94 22.62 13.71
CA TYR A 45 -2.85 23.74 13.92
C TYR A 45 -2.51 24.57 15.14
N ARG A 46 -1.41 24.26 15.85
CA ARG A 46 -0.96 25.13 16.92
C ARG A 46 -0.54 26.49 16.35
N PRO A 47 -0.65 27.55 17.13
CA PRO A 47 -0.23 28.87 16.64
C PRO A 47 1.27 29.03 16.71
N GLY A 48 1.77 29.92 15.85
CA GLY A 48 3.17 30.33 15.89
C GLY A 48 4.14 29.17 15.80
N ASN A 49 5.22 29.26 16.57
CA ASN A 49 6.25 28.24 16.54
C ASN A 49 5.82 26.97 17.21
N GLY A 50 4.61 26.91 17.76
CA GLY A 50 4.07 25.64 18.21
C GLY A 50 3.65 24.71 17.10
N LYS A 51 3.56 25.22 15.87
CA LYS A 51 3.14 24.44 14.72
C LYS A 51 4.19 23.38 14.38
N TYR A 52 3.77 22.12 14.37
CA TYR A 52 4.65 20.99 14.12
C TYR A 52 4.32 20.34 12.78
N ASN A 53 5.32 20.21 11.93
CA ASN A 53 5.25 19.66 10.59
C ASN A 53 6.14 18.43 10.51
N PRO A 54 5.91 17.53 9.54
CA PRO A 54 6.75 16.32 9.47
C PRO A 54 8.20 16.63 9.21
N GLU A 55 8.48 17.72 8.49
CA GLU A 55 9.85 18.16 8.30
C GLU A 55 10.56 18.49 9.62
N HIS A 56 9.79 18.68 10.71
CA HIS A 56 10.38 18.91 12.02
C HIS A 56 10.93 17.63 12.64
N TYR A 57 10.71 16.49 12.03
CA TYR A 57 11.26 15.25 12.58
C TYR A 57 12.78 15.25 12.41
N GLN A 58 13.45 14.43 13.23
CA GLN A 58 14.91 14.29 13.19
C GLN A 58 15.28 12.83 12.93
N ALA A 59 16.20 12.64 11.98
CA ALA A 59 16.68 11.30 11.66
C ALA A 59 17.22 10.58 12.90
N ASN A 60 16.75 9.35 13.10
CA ASN A 60 17.18 8.41 14.14
C ASN A 60 16.70 8.78 15.53
N LEU A 61 15.86 9.81 15.63
CA LEU A 61 15.15 10.07 16.87
C LEU A 61 14.36 8.85 17.31
N CYS A 62 13.63 8.25 16.37
CA CYS A 62 12.69 7.19 16.67
C CYS A 62 12.90 6.05 15.71
N GLU A 63 12.86 4.82 16.22
CA GLU A 63 12.77 3.66 15.33
C GLU A 63 11.37 3.55 14.72
N TYR A 64 10.33 3.76 15.53
CA TYR A 64 8.95 3.73 15.08
C TYR A 64 8.31 5.09 15.25
N ILE A 65 7.54 5.50 14.25
CA ILE A 65 6.70 6.70 14.32
C ILE A 65 5.26 6.24 14.23
N PHE A 66 4.51 6.38 15.33
CA PHE A 66 3.09 6.05 15.37
C PHE A 66 2.28 7.27 14.95
N TYR A 67 1.58 7.16 13.82
CA TYR A 67 0.79 8.27 13.29
C TYR A 67 -0.59 8.30 13.95
N ALA A 68 -0.89 9.37 14.69
CA ALA A 68 -2.19 9.53 15.35
C ALA A 68 -2.95 10.71 14.74
N PHE A 69 -4.17 10.47 14.26
CA PHE A 69 -4.81 9.15 14.19
C PHE A 69 -5.50 8.97 12.85
N ALA A 70 -5.87 7.74 12.54
CA ALA A 70 -6.84 7.51 11.49
C ALA A 70 -8.25 7.76 12.04
N LYS A 71 -9.21 7.82 11.13
CA LYS A 71 -10.61 7.93 11.46
C LYS A 71 -11.27 6.55 11.31
N LEU A 72 -12.02 6.16 12.32
CA LEU A 72 -12.90 5.01 12.24
C LEU A 72 -14.31 5.52 11.99
N ASN A 73 -14.82 5.33 10.76
CA ASN A 73 -16.17 5.77 10.37
C ASN A 73 -17.24 5.00 11.13
N ASP A 74 -18.47 5.53 11.10
CA ASP A 74 -19.57 4.88 11.80
C ASP A 74 -19.91 3.52 11.23
N ASP A 75 -19.70 3.34 9.91
CA ASP A 75 -19.96 2.07 9.25
C ASP A 75 -18.82 1.06 9.40
N PHE A 76 -17.78 1.43 10.17
CA PHE A 76 -16.64 0.62 10.58
C PHE A 76 -15.51 0.61 9.55
N THR A 77 -15.62 1.42 8.52
CA THR A 77 -14.52 1.52 7.59
C THR A 77 -13.50 2.54 8.07
N VAL A 78 -12.26 2.39 7.60
CA VAL A 78 -11.16 3.27 7.94
C VAL A 78 -10.99 4.31 6.85
N ASP A 79 -10.86 5.57 7.24
CA ASP A 79 -10.54 6.64 6.32
C ASP A 79 -9.58 7.58 7.02
N GLN A 80 -9.04 8.53 6.27
CA GLN A 80 -8.18 9.54 6.87
C GLN A 80 -8.98 10.39 7.86
N PHE A 81 -8.29 10.90 8.86
CA PHE A 81 -8.97 11.74 9.84
C PHE A 81 -8.94 13.22 9.48
N GLU A 82 -7.81 13.71 8.99
CA GLU A 82 -7.62 15.11 8.65
C GLU A 82 -7.65 15.26 7.14
N TRP A 83 -8.17 16.40 6.68
CA TRP A 83 -8.40 16.59 5.25
C TRP A 83 -7.13 16.54 4.44
N ASN A 84 -5.95 16.60 5.08
CA ASN A 84 -4.69 16.63 4.34
C ASN A 84 -3.75 15.48 4.69
N ASP A 85 -4.26 14.41 5.31
CA ASP A 85 -3.40 13.27 5.65
C ASP A 85 -2.90 12.56 4.38
N ILE A 86 -3.84 12.06 3.56
CA ILE A 86 -3.49 11.24 2.40
C ILE A 86 -2.59 12.01 1.45
N ASP A 87 -2.93 13.28 1.23
CA ASP A 87 -2.26 14.05 0.20
C ASP A 87 -0.96 14.67 0.68
N VAL A 88 -0.83 14.95 1.97
CA VAL A 88 0.30 15.78 2.38
C VAL A 88 1.05 15.20 3.57
N LEU A 89 0.32 14.92 4.65
CA LEU A 89 0.96 14.58 5.92
C LEU A 89 1.49 13.16 5.91
N TYR A 90 0.67 12.18 5.49
CA TYR A 90 1.15 10.80 5.39
C TYR A 90 2.42 10.76 4.53
N PRO A 91 2.39 11.26 3.29
CA PRO A 91 3.63 11.26 2.51
C PRO A 91 4.74 12.07 3.15
N GLY A 92 4.43 13.19 3.80
CA GLY A 92 5.45 13.94 4.48
C GLY A 92 6.17 13.13 5.54
N VAL A 93 5.43 12.42 6.38
CA VAL A 93 6.11 11.57 7.35
C VAL A 93 6.94 10.50 6.64
N MET A 94 6.40 9.91 5.57
CA MET A 94 7.10 8.82 4.88
C MET A 94 8.41 9.28 4.25
N LYS A 95 8.48 10.53 3.77
CA LYS A 95 9.72 11.07 3.19
C LYS A 95 10.89 10.99 4.19
N GLN A 96 10.60 11.01 5.49
CA GLN A 96 11.69 10.93 6.45
C GLN A 96 12.54 9.68 6.25
N LYS A 97 11.97 8.59 5.72
CA LYS A 97 12.76 7.39 5.52
C LYS A 97 13.95 7.64 4.58
N SER A 98 13.85 8.67 3.74
CA SER A 98 14.97 9.08 2.89
C SER A 98 16.27 9.24 3.68
N SER A 99 16.22 9.87 4.85
CA SER A 99 17.42 10.02 5.68
C SER A 99 17.48 9.07 6.88
N GLN A 100 16.51 8.15 6.99
CA GLN A 100 16.55 7.13 8.03
C GLN A 100 15.84 5.93 7.45
N PRO A 101 16.58 5.06 6.77
CA PRO A 101 15.92 4.06 5.92
C PRO A 101 15.16 2.98 6.67
N ASP A 102 15.50 2.67 7.92
CA ASP A 102 14.72 1.69 8.64
C ASP A 102 13.73 2.31 9.63
N LEU A 103 13.38 3.58 9.43
CA LEU A 103 12.22 4.13 10.10
C LEU A 103 10.95 3.41 9.67
N LYS A 104 10.23 2.87 10.65
CA LYS A 104 8.94 2.24 10.38
C LYS A 104 7.80 3.14 10.87
N VAL A 105 6.78 3.30 10.04
CA VAL A 105 5.66 4.20 10.31
C VAL A 105 4.38 3.37 10.42
N LEU A 106 3.68 3.48 11.55
CA LEU A 106 2.44 2.75 11.76
C LEU A 106 1.28 3.72 11.93
N LEU A 107 0.10 3.30 11.46
CA LEU A 107 -1.14 4.08 11.56
C LEU A 107 -1.87 3.75 12.85
N SER A 108 -2.12 4.77 13.65
CA SER A 108 -2.83 4.61 14.91
C SER A 108 -4.27 5.01 14.73
N LEU A 109 -5.16 4.23 15.34
CA LEU A 109 -6.58 4.49 15.26
C LEU A 109 -7.19 4.44 16.66
N GLY A 110 -8.00 5.46 17.00
CA GLY A 110 -8.57 5.57 18.32
C GLY A 110 -8.11 6.83 19.04
N GLY A 111 -7.51 6.67 20.22
CA GLY A 111 -7.25 7.80 21.07
C GLY A 111 -8.36 8.01 22.07
N TRP A 112 -8.21 9.07 22.86
CA TRP A 112 -9.17 9.29 23.92
C TRP A 112 -10.42 10.00 23.41
N ASN A 113 -10.25 10.99 22.51
CA ASN A 113 -11.40 11.69 21.95
C ASN A 113 -12.35 10.75 21.24
N ALA A 114 -11.82 9.70 20.61
CA ALA A 114 -12.63 8.79 19.80
C ALA A 114 -13.64 8.03 20.64
N GLY A 115 -13.37 7.84 21.93
CA GLY A 115 -14.31 7.04 22.70
C GLY A 115 -14.40 5.60 22.21
N THR A 116 -15.37 4.89 22.77
CA THR A 116 -15.50 3.46 22.55
C THR A 116 -16.74 3.04 21.77
N ALA A 117 -17.58 4.00 21.37
CA ALA A 117 -18.91 3.62 20.87
C ALA A 117 -18.80 2.87 19.55
N THR A 118 -18.17 3.47 18.54
CA THR A 118 -17.92 2.73 17.30
C THR A 118 -17.15 1.44 17.57
N PHE A 119 -16.05 1.52 18.34
CA PHE A 119 -15.20 0.35 18.62
C PHE A 119 -16.05 -0.81 19.12
N LYS A 120 -16.89 -0.55 20.11
CA LYS A 120 -17.68 -1.61 20.73
C LYS A 120 -18.55 -2.32 19.70
N LYS A 121 -19.23 -1.56 18.85
CA LYS A 121 -20.05 -2.13 17.79
C LYS A 121 -19.19 -2.86 16.76
N MET A 122 -18.17 -2.17 16.24
CA MET A 122 -17.34 -2.77 15.21
C MET A 122 -16.83 -4.14 15.62
N ALA A 123 -16.61 -4.37 16.90
CA ALA A 123 -15.95 -5.60 17.35
C ALA A 123 -16.91 -6.70 17.72
N ALA A 124 -18.23 -6.45 17.68
CA ALA A 124 -19.18 -7.35 18.28
C ALA A 124 -19.51 -8.58 17.42
N THR A 125 -19.25 -8.52 16.10
CA THR A 125 -19.54 -9.62 15.18
C THR A 125 -18.35 -9.85 14.25
N TYR A 126 -18.23 -11.10 13.78
CA TYR A 126 -17.17 -11.42 12.84
C TYR A 126 -17.30 -10.56 11.58
N SER A 127 -18.52 -10.39 11.08
CA SER A 127 -18.65 -9.71 9.80
C SER A 127 -18.34 -8.22 9.94
N ASN A 128 -18.56 -7.63 11.12
CA ASN A 128 -18.21 -6.23 11.29
C ASN A 128 -16.70 -6.05 11.34
N ARG A 129 -15.99 -6.92 12.06
CA ARG A 129 -14.54 -6.85 12.11
C ARG A 129 -13.93 -7.15 10.76
N ALA A 130 -14.50 -8.09 10.04
CA ALA A 130 -14.02 -8.37 8.69
C ALA A 130 -14.07 -7.12 7.80
N LYS A 131 -15.15 -6.34 7.91
CA LYS A 131 -15.28 -5.11 7.14
C LYS A 131 -14.22 -4.09 7.57
N PHE A 132 -13.96 -4.01 8.88
CA PHE A 132 -12.97 -3.06 9.37
C PHE A 132 -11.57 -3.50 8.96
N ILE A 133 -11.26 -4.77 9.19
CA ILE A 133 -9.95 -5.34 8.87
C ILE A 133 -9.65 -5.16 7.38
N SER A 134 -10.60 -5.57 6.53
CA SER A 134 -10.36 -5.49 5.10
C SER A 134 -10.18 -4.05 4.67
N SER A 135 -11.08 -3.17 5.13
CA SER A 135 -10.92 -1.74 4.88
C SER A 135 -9.56 -1.26 5.34
N LEU A 136 -9.13 -1.73 6.52
CA LEU A 136 -7.86 -1.31 7.09
C LEU A 136 -6.67 -1.77 6.25
N VAL A 137 -6.61 -3.07 5.94
CA VAL A 137 -5.50 -3.61 5.15
C VAL A 137 -5.30 -2.80 3.87
N SER A 138 -6.40 -2.39 3.26
CA SER A 138 -6.34 -1.66 2.00
C SER A 138 -5.83 -0.24 2.20
N PHE A 139 -6.29 0.41 3.27
CA PHE A 139 -5.85 1.77 3.58
C PHE A 139 -4.38 1.81 3.96
N LEU A 140 -3.89 0.77 4.64
CA LEU A 140 -2.46 0.69 4.91
C LEU A 140 -1.66 0.55 3.62
N GLN A 141 -2.05 -0.40 2.75
CA GLN A 141 -1.32 -0.63 1.52
C GLN A 141 -1.31 0.63 0.65
N GLN A 142 -2.46 1.28 0.51
CA GLN A 142 -2.53 2.44 -0.38
C GLN A 142 -1.64 3.57 0.12
N ASN A 143 -1.49 3.70 1.43
CA ASN A 143 -0.79 4.85 1.96
C ASN A 143 0.60 4.52 2.48
N LYS A 144 1.04 3.26 2.29
CA LYS A 144 2.42 2.80 2.44
C LYS A 144 2.86 2.74 3.90
N PHE A 145 1.94 2.42 4.81
CA PHE A 145 2.31 2.22 6.20
C PHE A 145 3.01 0.88 6.41
N ASP A 146 3.73 0.77 7.54
CA ASP A 146 4.41 -0.45 7.87
C ASP A 146 3.65 -1.27 8.88
N GLY A 147 2.60 -0.71 9.45
CA GLY A 147 1.92 -1.38 10.54
C GLY A 147 0.70 -0.62 10.99
N PHE A 148 0.02 -1.23 11.97
CA PHE A 148 -1.21 -0.73 12.56
C PHE A 148 -1.06 -0.63 14.07
N ASP A 149 -1.62 0.42 14.66
CA ASP A 149 -1.57 0.58 16.11
C ASP A 149 -2.98 0.85 16.64
N LEU A 150 -3.52 -0.10 17.38
CA LEU A 150 -4.88 -0.01 17.88
C LEU A 150 -4.86 0.68 19.24
N ASP A 151 -5.50 1.85 19.33
CA ASP A 151 -5.58 2.57 20.60
C ASP A 151 -7.03 2.69 21.06
N TRP A 152 -7.68 1.55 21.20
CA TRP A 152 -9.00 1.48 21.79
C TRP A 152 -8.89 1.79 23.29
N GLU A 153 -9.37 2.96 23.70
CA GLU A 153 -9.25 3.41 25.09
C GLU A 153 -10.65 3.49 25.70
N TYR A 154 -11.14 2.40 26.31
CA TYR A 154 -10.47 1.10 26.45
C TYR A 154 -11.52 -0.02 26.35
N PRO A 155 -11.09 -1.25 26.06
CA PRO A 155 -12.03 -2.39 26.12
C PRO A 155 -12.53 -2.58 27.55
N GLU A 156 -13.82 -2.89 27.70
CA GLU A 156 -14.40 -3.22 29.00
C GLU A 156 -14.71 -4.71 29.07
N SER A 157 -15.30 -5.13 30.20
CA SER A 157 -15.64 -6.54 30.38
C SER A 157 -16.39 -7.06 29.17
N SER A 158 -17.46 -6.36 28.80
CA SER A 158 -18.28 -6.73 27.66
C SER A 158 -17.49 -6.75 26.36
N ASP A 159 -16.29 -6.14 26.32
CA ASP A 159 -15.47 -6.12 25.11
C ASP A 159 -14.26 -7.05 25.15
N LYS A 160 -13.93 -7.64 26.31
CA LYS A 160 -12.71 -8.45 26.43
C LYS A 160 -12.61 -9.46 25.29
N GLU A 161 -13.56 -10.39 25.21
CA GLU A 161 -13.49 -11.44 24.21
C GLU A 161 -13.52 -10.87 22.80
N ASN A 162 -14.37 -9.86 22.55
CA ASN A 162 -14.38 -9.24 21.24
C ASN A 162 -13.01 -8.69 20.90
N TYR A 163 -12.39 -8.02 21.86
CA TYR A 163 -11.07 -7.44 21.63
C TYR A 163 -10.09 -8.50 21.21
N LEU A 164 -10.04 -9.61 21.97
CA LEU A 164 -9.16 -10.72 21.62
C LEU A 164 -9.36 -11.13 20.17
N LEU A 165 -10.61 -11.44 19.80
CA LEU A 165 -10.88 -11.91 18.45
C LEU A 165 -10.46 -10.88 17.43
N LEU A 166 -10.78 -9.60 17.69
CA LEU A 166 -10.37 -8.53 16.78
C LEU A 166 -8.87 -8.58 16.52
N CYS A 167 -8.08 -8.78 17.57
CA CYS A 167 -6.63 -8.72 17.36
C CYS A 167 -6.14 -9.97 16.68
N GLN A 168 -6.63 -11.13 17.12
CA GLN A 168 -6.32 -12.39 16.45
C GLN A 168 -6.62 -12.29 14.96
N GLU A 169 -7.77 -11.73 14.61
CA GLU A 169 -8.14 -11.67 13.19
C GLU A 169 -7.28 -10.67 12.44
N ILE A 170 -6.90 -9.57 13.09
CA ILE A 170 -5.99 -8.63 12.45
C ILE A 170 -4.66 -9.31 12.13
N LEU A 171 -4.12 -10.08 13.07
CA LEU A 171 -2.86 -10.75 12.78
C LEU A 171 -3.03 -11.76 11.66
N ALA A 172 -4.17 -12.47 11.66
CA ALA A 172 -4.44 -13.49 10.66
C ALA A 172 -4.46 -12.90 9.26
N LYS A 173 -5.23 -11.83 9.07
CA LYS A 173 -5.29 -11.20 7.76
C LYS A 173 -3.92 -10.68 7.35
N PHE A 174 -3.22 -10.03 8.29
CA PHE A 174 -1.86 -9.59 8.03
C PHE A 174 -0.98 -10.76 7.65
N GLU A 175 -1.10 -11.87 8.37
CA GLU A 175 -0.34 -13.05 8.00
C GLU A 175 -0.77 -13.53 6.63
N GLU A 176 -2.08 -13.63 6.41
CA GLU A 176 -2.59 -14.06 5.11
C GLU A 176 -2.09 -13.12 4.01
N VAL A 177 -2.21 -11.82 4.23
CA VAL A 177 -1.81 -10.88 3.19
C VAL A 177 -0.34 -11.05 2.84
N ALA A 178 0.52 -11.22 3.85
CA ALA A 178 1.97 -11.29 3.62
C ALA A 178 2.36 -12.48 2.75
N LYS A 179 1.89 -13.69 3.10
CA LYS A 179 2.21 -14.88 2.30
C LYS A 179 1.71 -14.72 0.88
N CYS A 180 0.48 -14.24 0.77
CA CYS A 180 -0.18 -13.94 -0.49
C CYS A 180 0.67 -13.04 -1.38
N THR A 181 1.03 -11.86 -0.87
CA THR A 181 1.72 -10.84 -1.66
C THR A 181 3.23 -10.94 -1.61
N SER A 182 3.78 -11.94 -0.91
CA SER A 182 5.23 -12.08 -0.72
C SER A 182 5.87 -10.78 -0.20
N THR A 183 5.48 -10.42 1.02
CA THR A 183 6.03 -9.24 1.69
C THR A 183 6.31 -9.53 3.15
N SER A 184 7.07 -8.64 3.78
CA SER A 184 7.13 -8.63 5.24
C SER A 184 5.72 -8.42 5.77
N ARG A 185 5.37 -9.14 6.83
CA ARG A 185 4.09 -8.93 7.48
C ARG A 185 4.01 -7.50 8.04
N LEU A 186 2.81 -6.92 7.95
CA LEU A 186 2.55 -5.62 8.58
C LEU A 186 2.72 -5.72 10.09
N LEU A 187 3.24 -4.64 10.68
CA LEU A 187 3.41 -4.65 12.13
C LEU A 187 2.11 -4.31 12.84
N PHE A 188 1.95 -4.82 14.06
CA PHE A 188 0.66 -4.70 14.74
C PHE A 188 0.91 -4.51 16.23
N THR A 189 0.67 -3.28 16.71
CA THR A 189 0.87 -2.94 18.11
C THR A 189 -0.42 -2.38 18.68
N ALA A 190 -0.49 -2.30 20.01
CA ALA A 190 -1.60 -1.66 20.69
C ALA A 190 -1.10 -0.69 21.75
N ALA A 191 -1.74 0.48 21.84
CA ALA A 191 -1.60 1.32 23.04
C ALA A 191 -2.56 0.79 24.08
N VAL A 192 -2.06 0.50 25.28
CA VAL A 192 -2.87 -0.19 26.28
C VAL A 192 -2.97 0.65 27.55
N SER A 193 -3.93 0.27 28.40
CA SER A 193 -4.19 0.98 29.66
C SER A 193 -3.18 0.60 30.74
N ALA A 194 -2.68 1.61 31.44
CA ALA A 194 -1.77 1.39 32.57
C ALA A 194 -2.49 1.17 33.89
N ASN A 195 -3.82 1.23 33.92
CA ASN A 195 -4.58 1.10 35.17
C ASN A 195 -4.96 -0.36 35.38
N PRO A 196 -4.36 -1.06 36.35
CA PRO A 196 -4.58 -2.52 36.48
C PRO A 196 -6.05 -2.94 36.47
N LYS A 197 -6.94 -2.14 37.07
CA LYS A 197 -8.36 -2.49 37.07
C LYS A 197 -8.89 -2.60 35.64
N THR A 198 -8.41 -1.77 34.73
CA THR A 198 -8.85 -1.85 33.35
C THR A 198 -8.22 -3.03 32.64
N VAL A 199 -6.92 -3.23 32.86
CA VAL A 199 -6.24 -4.41 32.32
C VAL A 199 -6.98 -5.68 32.67
N ASP A 200 -7.43 -5.79 33.94
CA ASP A 200 -8.20 -6.96 34.32
C ASP A 200 -9.52 -7.01 33.57
N ALA A 201 -10.15 -5.86 33.35
CA ALA A 201 -11.50 -5.87 32.82
C ALA A 201 -11.52 -6.27 31.36
N GLY A 202 -10.61 -5.71 30.57
CA GLY A 202 -10.77 -5.73 29.13
C GLY A 202 -9.72 -6.42 28.30
N TYR A 203 -8.63 -6.90 28.93
CA TYR A 203 -7.51 -7.51 28.22
C TYR A 203 -7.28 -8.94 28.71
N ASP A 204 -7.29 -9.88 27.76
CA ASP A 204 -6.81 -11.24 27.95
C ASP A 204 -5.32 -11.20 27.62
N VAL A 205 -4.52 -10.89 28.64
CA VAL A 205 -3.11 -10.55 28.42
C VAL A 205 -2.30 -11.71 27.83
N PRO A 206 -2.42 -12.94 28.34
CA PRO A 206 -1.60 -14.02 27.76
C PRO A 206 -1.93 -14.30 26.29
N ALA A 207 -3.22 -14.32 25.95
CA ALA A 207 -3.63 -14.48 24.56
C ALA A 207 -3.11 -13.35 23.68
N LEU A 208 -3.22 -12.10 24.14
CA LEU A 208 -2.78 -10.98 23.30
C LEU A 208 -1.28 -10.98 23.10
N ALA A 209 -0.53 -11.52 24.06
CA ALA A 209 0.91 -11.58 23.89
C ALA A 209 1.29 -12.38 22.65
N LYS A 210 0.58 -13.49 22.41
CA LYS A 210 0.76 -14.38 21.27
C LYS A 210 0.40 -13.73 19.94
N VAL A 211 -0.05 -12.49 19.96
CA VAL A 211 -0.77 -11.94 18.82
C VAL A 211 -0.28 -10.54 18.49
N LEU A 212 -0.02 -9.73 19.52
CA LEU A 212 0.49 -8.39 19.32
C LEU A 212 2.01 -8.40 19.24
N ASP A 213 2.57 -7.52 18.41
CA ASP A 213 4.02 -7.39 18.36
C ASP A 213 4.56 -6.87 19.68
N PHE A 214 4.12 -5.67 20.05
CA PHE A 214 4.29 -5.19 21.43
C PHE A 214 3.12 -4.25 21.77
N VAL A 215 3.02 -3.97 23.07
CA VAL A 215 2.05 -3.02 23.61
C VAL A 215 2.79 -1.73 24.00
N ASN A 216 2.16 -0.59 23.74
CA ASN A 216 2.65 0.70 24.24
C ASN A 216 1.93 1.02 25.56
N LEU A 217 2.65 0.91 26.68
CA LEU A 217 2.05 1.10 28.01
C LEU A 217 1.84 2.58 28.26
N MET A 218 0.57 2.98 28.37
CA MET A 218 0.24 4.40 28.61
C MET A 218 0.31 4.72 30.10
N CYS A 219 1.50 4.50 30.66
CA CYS A 219 1.76 4.77 32.08
C CYS A 219 1.87 6.27 32.32
N TYR A 220 0.81 7.00 32.01
CA TYR A 220 0.74 8.41 32.33
C TYR A 220 -0.72 8.80 32.50
N ASP A 221 -0.97 10.08 32.75
CA ASP A 221 -2.30 10.59 33.06
C ASP A 221 -2.83 9.99 34.35
N PHE A 222 -1.93 9.49 35.20
CA PHE A 222 -2.33 8.93 36.49
C PHE A 222 -2.99 9.97 37.37
N HIS A 223 -2.63 11.24 37.21
CA HIS A 223 -3.19 12.32 38.00
C HIS A 223 -3.31 13.56 37.13
N GLY A 224 -4.34 14.35 37.40
CA GLY A 224 -4.60 15.47 36.52
C GLY A 224 -5.67 16.34 37.12
N ALA A 225 -6.08 17.33 36.33
CA ALA A 225 -6.96 18.34 36.91
C ALA A 225 -8.38 17.83 37.17
N TRP A 226 -8.69 16.59 36.81
CA TRP A 226 -9.92 15.96 37.24
C TRP A 226 -9.93 15.65 38.74
N GLU A 227 -8.83 15.90 39.43
CA GLU A 227 -8.68 15.69 40.87
C GLU A 227 -8.66 17.03 41.59
N THR A 228 -9.01 17.00 42.87
CA THR A 228 -9.08 18.22 43.67
C THR A 228 -7.79 18.55 44.42
N GLN A 229 -6.71 17.82 44.17
CA GLN A 229 -5.42 18.11 44.78
C GLN A 229 -4.31 17.75 43.80
N THR A 230 -3.16 18.41 43.97
CA THR A 230 -2.04 18.18 43.08
C THR A 230 -1.46 16.77 43.26
N GLY A 231 -1.18 16.12 42.14
CA GLY A 231 -0.57 14.80 42.12
C GLY A 231 0.46 14.76 41.02
N ILE A 232 1.13 13.61 40.90
CA ILE A 232 2.12 13.43 39.83
C ILE A 232 1.46 12.87 38.58
N ASN A 233 1.82 13.42 37.41
CA ASN A 233 1.32 12.87 36.15
C ASN A 233 1.81 11.45 35.90
N SER A 234 3.13 11.23 35.92
CA SER A 234 3.72 9.94 35.53
C SER A 234 4.85 9.55 36.47
N PRO A 235 4.52 9.22 37.73
CA PRO A 235 5.57 8.93 38.71
C PRO A 235 6.29 7.62 38.39
N LEU A 236 7.62 7.63 38.44
CA LEU A 236 8.38 6.39 38.21
C LEU A 236 8.07 5.36 39.28
N TYR A 237 8.11 5.76 40.55
CA TYR A 237 7.80 4.87 41.66
C TYR A 237 6.59 5.41 42.41
N SER A 238 6.05 4.59 43.31
CA SER A 238 5.02 5.10 44.17
C SER A 238 5.62 5.98 45.26
N ARG A 239 4.76 6.73 45.94
CA ARG A 239 5.17 7.58 47.04
C ARG A 239 4.51 7.12 48.33
N LYS A 240 5.23 7.28 49.45
CA LYS A 240 4.71 6.85 50.75
C LYS A 240 3.34 7.46 51.03
N GLU A 241 3.15 8.73 50.65
CA GLU A 241 1.89 9.43 50.88
C GLU A 241 0.77 9.03 49.91
N ASP A 242 1.04 8.23 48.88
CA ASP A 242 -0.04 7.77 48.02
C ASP A 242 -1.06 6.98 48.85
N SER A 243 -2.35 7.11 48.52
CA SER A 243 -3.36 6.32 49.19
C SER A 243 -3.41 4.92 48.57
N SER A 244 -4.25 4.05 49.14
CA SER A 244 -4.20 2.64 48.75
C SER A 244 -4.61 2.43 47.28
N GLU A 245 -5.63 3.15 46.81
CA GLU A 245 -6.07 2.98 45.42
C GLU A 245 -5.00 3.32 44.40
N PHE A 246 -3.96 4.05 44.78
CA PHE A 246 -2.98 4.52 43.81
C PHE A 246 -1.60 3.87 43.97
N LYS A 247 -1.46 2.84 44.81
CA LYS A 247 -0.13 2.28 45.03
C LYS A 247 0.44 1.60 43.80
N MET A 248 -0.38 1.31 42.79
CA MET A 248 0.11 0.74 41.54
C MET A 248 0.04 1.75 40.40
N TRP A 249 -0.29 3.00 40.71
CA TRP A 249 -0.44 4.01 39.67
C TRP A 249 0.87 4.74 39.39
N ASN A 250 1.93 3.96 39.22
CA ASN A 250 3.22 4.47 38.83
C ASN A 250 3.76 3.66 37.67
N VAL A 251 4.79 4.19 37.01
CA VAL A 251 5.40 3.47 35.89
C VAL A 251 5.84 2.09 36.34
N GLU A 252 6.53 2.02 37.47
CA GLU A 252 7.15 0.77 37.88
C GLU A 252 6.11 -0.34 38.02
N GLN A 253 5.10 -0.11 38.86
CA GLN A 253 4.18 -1.16 39.27
C GLN A 253 3.16 -1.48 38.19
N SER A 254 2.86 -0.51 37.33
CA SER A 254 1.93 -0.79 36.24
C SER A 254 2.58 -1.68 35.19
N SER A 255 3.85 -1.41 34.86
CA SER A 255 4.58 -2.32 33.98
C SER A 255 4.72 -3.69 34.61
N LYS A 256 4.93 -3.75 35.93
CA LYS A 256 5.00 -5.03 36.61
C LYS A 256 3.68 -5.78 36.46
N TYR A 257 2.55 -5.07 36.53
CA TYR A 257 1.27 -5.76 36.46
C TYR A 257 1.12 -6.44 35.12
N TRP A 258 1.43 -5.72 34.03
CA TRP A 258 1.42 -6.32 32.70
C TRP A 258 2.36 -7.53 32.62
N SER A 259 3.53 -7.43 33.24
CA SER A 259 4.45 -8.56 33.28
C SER A 259 3.80 -9.78 33.93
N ASP A 260 3.16 -9.60 35.08
CA ASP A 260 2.59 -10.70 35.83
C ASP A 260 1.33 -11.26 35.19
N LYS A 261 0.64 -10.45 34.41
CA LYS A 261 -0.53 -10.95 33.73
C LYS A 261 -0.17 -11.77 32.50
N GLY A 262 1.09 -11.78 32.12
CA GLY A 262 1.57 -12.71 31.12
C GLY A 262 2.10 -12.07 29.86
N MET A 263 2.34 -10.76 29.89
CA MET A 263 2.99 -10.11 28.77
C MET A 263 4.49 -10.10 29.00
N PRO A 264 5.28 -10.66 28.09
CA PRO A 264 6.73 -10.67 28.29
C PRO A 264 7.26 -9.25 28.36
N LYS A 265 8.20 -9.04 29.29
CA LYS A 265 8.77 -7.73 29.50
C LYS A 265 9.27 -7.09 28.19
N LYS A 266 9.76 -7.88 27.29
CA LYS A 266 10.25 -7.30 26.06
C LYS A 266 9.21 -6.79 25.12
N GLN A 267 7.99 -7.18 25.38
CA GLN A 267 6.83 -6.68 24.64
C GLN A 267 6.10 -5.54 25.38
N ILE A 268 6.51 -5.19 26.60
CA ILE A 268 6.05 -3.98 27.28
C ILE A 268 6.96 -2.80 26.90
N ILE A 269 6.38 -1.74 26.33
CA ILE A 269 7.10 -0.53 25.95
C ILE A 269 6.61 0.61 26.81
N ILE A 270 7.55 1.30 27.48
CA ILE A 270 7.25 2.27 28.53
C ILE A 270 6.92 3.64 27.93
N GLY A 271 5.78 4.20 28.32
CA GLY A 271 5.37 5.50 27.79
C GLY A 271 6.03 6.66 28.51
N LEU A 272 6.58 7.60 27.73
CA LEU A 272 7.27 8.78 28.23
C LEU A 272 6.46 10.03 27.85
N PRO A 273 5.96 10.78 28.81
CA PRO A 273 5.11 11.93 28.48
C PRO A 273 5.88 13.24 28.37
N THR A 274 5.89 13.86 27.19
CA THR A 274 6.57 15.14 26.99
C THR A 274 5.66 16.34 27.30
N TYR A 275 4.58 16.11 28.02
CA TYR A 275 3.66 17.14 28.46
C TYR A 275 3.53 17.05 29.97
N GLY A 276 2.91 18.07 30.56
CA GLY A 276 2.58 18.04 31.97
C GLY A 276 1.10 18.31 32.16
N ARG A 277 0.65 18.07 33.39
CA ARG A 277 -0.68 18.49 33.83
C ARG A 277 -0.53 19.43 35.02
N GLY A 278 -1.50 20.33 35.15
CA GLY A 278 -1.41 21.40 36.14
C GLY A 278 -2.75 21.82 36.70
N TRP A 279 -2.71 22.33 37.94
CA TRP A 279 -3.86 22.86 38.65
C TRP A 279 -3.67 24.34 38.95
N THR A 280 -4.80 25.02 39.17
CA THR A 280 -4.83 26.30 39.87
C THR A 280 -4.95 26.02 41.37
N LEU A 281 -3.93 26.44 42.12
CA LEU A 281 -3.86 26.16 43.54
C LEU A 281 -4.96 26.90 44.30
N SER A 282 -5.58 26.19 45.26
CA SER A 282 -6.55 26.80 46.16
C SER A 282 -5.92 27.90 47.02
N ASP A 283 -4.63 27.80 47.33
CA ASP A 283 -3.93 28.72 48.22
C ASP A 283 -2.48 28.72 47.78
N ALA A 284 -1.98 29.87 47.30
CA ALA A 284 -0.63 29.83 46.70
C ALA A 284 0.47 29.69 47.72
N SER A 285 0.13 29.37 48.95
CA SER A 285 1.10 29.16 50.01
C SER A 285 1.29 27.70 50.34
N LYS A 286 0.25 26.89 50.12
CA LYS A 286 0.34 25.44 50.18
C LYS A 286 0.61 24.99 48.75
N THR A 287 1.87 24.65 48.47
CA THR A 287 2.33 24.29 47.13
C THR A 287 3.12 22.98 47.20
N ASP A 288 2.48 21.96 47.71
CA ASP A 288 3.10 20.65 47.86
C ASP A 288 2.36 19.67 46.97
N ILE A 289 3.03 18.58 46.62
CA ILE A 289 2.30 17.46 46.06
C ILE A 289 1.22 17.13 47.06
N GLY A 290 -0.04 17.35 46.66
CA GLY A 290 -1.21 17.13 47.51
C GLY A 290 -1.86 18.41 48.00
N ALA A 291 -1.29 19.56 47.70
CA ALA A 291 -1.91 20.82 48.06
C ALA A 291 -3.28 20.93 47.41
N PRO A 292 -4.24 21.58 48.07
CA PRO A 292 -5.59 21.64 47.52
C PRO A 292 -5.66 22.60 46.33
N ALA A 293 -6.57 22.28 45.41
CA ALA A 293 -6.70 23.02 44.14
C ALA A 293 -8.16 23.34 43.87
N GLN A 294 -8.39 24.49 43.24
CA GLN A 294 -9.74 24.96 42.94
C GLN A 294 -10.15 24.68 41.51
N GLY A 295 -9.21 24.26 40.67
CA GLY A 295 -9.52 23.95 39.30
C GLY A 295 -8.25 23.69 38.50
N SER A 296 -8.44 23.65 37.20
CA SER A 296 -7.36 23.30 36.31
C SER A 296 -6.41 24.48 36.11
N SER A 297 -5.15 24.16 35.79
CA SER A 297 -4.20 25.19 35.38
C SER A 297 -4.75 25.97 34.20
N THR A 298 -4.45 27.27 34.18
CA THR A 298 -4.91 28.11 33.09
C THR A 298 -4.35 27.59 31.78
N ALA A 299 -5.17 27.62 30.73
CA ALA A 299 -4.71 27.15 29.44
C ALA A 299 -3.47 27.93 29.02
N THR A 300 -2.49 27.20 28.48
CA THR A 300 -1.19 27.75 28.11
C THR A 300 -1.21 28.34 26.69
N GLU A 301 -0.10 29.00 26.34
CA GLU A 301 -0.12 29.88 25.17
C GLU A 301 -0.29 29.08 23.88
N TYR A 302 0.26 27.87 23.83
CA TYR A 302 0.27 27.11 22.59
C TYR A 302 -0.73 25.98 22.58
N LEU A 303 -0.71 25.11 23.59
CA LEU A 303 -1.65 23.98 23.54
C LEU A 303 -3.07 24.45 23.80
N ARG A 304 -3.24 25.55 24.52
CA ARG A 304 -4.55 26.15 24.75
C ARG A 304 -5.54 25.16 25.36
N GLU A 305 -5.06 24.09 25.96
CA GLU A 305 -5.90 23.18 26.73
C GLU A 305 -5.60 23.45 28.19
N ALA A 306 -6.62 23.91 28.92
CA ALA A 306 -6.52 24.05 30.37
C ALA A 306 -6.12 22.70 30.99
N GLY A 307 -5.31 22.77 32.04
CA GLY A 307 -4.90 21.56 32.75
C GLY A 307 -3.74 20.82 32.13
N VAL A 308 -3.14 21.36 31.09
CA VAL A 308 -2.12 20.68 30.28
C VAL A 308 -1.06 21.70 29.88
N ILE A 309 0.20 21.28 29.90
CA ILE A 309 1.31 22.11 29.47
C ILE A 309 2.27 21.26 28.63
N SER A 310 2.74 21.81 27.51
CA SER A 310 3.83 21.19 26.77
C SER A 310 5.15 21.44 27.48
N TYR A 311 6.14 20.58 27.19
CA TYR A 311 7.43 20.75 27.84
C TYR A 311 8.03 22.10 27.50
N TYR A 312 8.01 22.47 26.22
CA TYR A 312 8.62 23.74 25.86
C TYR A 312 7.90 24.90 26.54
N GLU A 313 6.59 24.80 26.73
CA GLU A 313 5.89 25.83 27.50
C GLU A 313 6.43 25.90 28.92
N VAL A 314 6.82 24.76 29.50
CA VAL A 314 7.44 24.76 30.82
C VAL A 314 8.72 25.58 30.79
N CYS A 315 9.53 25.37 29.74
CA CYS A 315 10.78 26.13 29.62
C CYS A 315 10.51 27.63 29.58
N GLN A 316 9.46 28.04 28.88
CA GLN A 316 9.05 29.44 28.92
C GLN A 316 8.72 29.88 30.34
N LYS A 317 8.01 29.04 31.09
CA LYS A 317 7.65 29.40 32.45
C LYS A 317 8.87 29.45 33.36
N LEU A 318 9.80 28.50 33.24
CA LEU A 318 11.04 28.58 34.01
C LEU A 318 11.73 29.90 33.79
N SER A 319 11.91 30.27 32.51
CA SER A 319 12.50 31.55 32.13
C SER A 319 11.78 32.75 32.76
N SER A 320 10.57 32.58 33.28
CA SER A 320 9.78 33.65 33.88
C SER A 320 9.80 33.60 35.39
N GLY A 321 10.81 32.96 35.99
CA GLY A 321 10.86 32.84 37.44
C GLY A 321 9.86 31.88 38.04
N ALA A 322 9.43 30.88 37.28
CA ALA A 322 8.70 29.77 37.86
C ALA A 322 9.72 28.86 38.53
N LYS A 323 9.36 28.33 39.69
CA LYS A 323 10.34 27.61 40.48
C LYS A 323 10.09 26.11 40.34
N ARG A 324 11.17 25.35 40.30
CA ARG A 324 11.15 23.91 40.10
C ARG A 324 11.41 23.18 41.41
N VAL A 325 10.84 21.98 41.54
CA VAL A 325 11.01 21.17 42.73
C VAL A 325 11.12 19.72 42.28
N TRP A 326 12.25 19.09 42.56
CA TRP A 326 12.41 17.67 42.32
C TRP A 326 11.70 16.89 43.41
N ASP A 327 11.06 15.79 43.03
CA ASP A 327 10.49 14.84 44.00
C ASP A 327 11.23 13.52 43.84
N ASP A 328 12.15 13.22 44.75
CA ASP A 328 13.05 12.08 44.52
C ASP A 328 12.31 10.75 44.65
N GLU A 329 11.33 10.67 45.54
CA GLU A 329 10.54 9.45 45.68
C GLU A 329 10.00 8.99 44.33
N SER A 330 9.27 9.88 43.64
CA SER A 330 8.67 9.58 42.34
C SER A 330 9.59 9.89 41.17
N LYS A 331 10.72 10.57 41.40
CA LYS A 331 11.70 10.84 40.37
C LYS A 331 11.14 11.74 39.28
N THR A 332 10.22 12.63 39.62
CA THR A 332 9.68 13.58 38.67
C THR A 332 9.81 14.98 39.24
N PRO A 333 9.78 16.01 38.38
CA PRO A 333 9.71 17.39 38.88
C PRO A 333 8.29 17.92 38.89
N TYR A 334 8.05 18.95 39.72
CA TYR A 334 6.88 19.81 39.54
C TYR A 334 7.33 21.26 39.48
N LEU A 335 6.41 22.11 39.03
CA LEU A 335 6.67 23.52 38.73
C LEU A 335 5.62 24.38 39.38
N VAL A 336 6.06 25.39 40.16
CA VAL A 336 5.16 26.35 40.78
C VAL A 336 5.46 27.76 40.27
N GLN A 337 4.39 28.54 40.14
CA GLN A 337 4.46 29.92 39.69
C GLN A 337 3.12 30.58 39.91
N GLY A 338 3.03 31.42 40.95
CA GLY A 338 1.73 31.99 41.26
C GLY A 338 0.85 30.91 41.83
N ASN A 339 -0.44 30.97 41.51
CA ASN A 339 -1.34 29.88 41.89
C ASN A 339 -1.31 28.71 40.90
N GLN A 340 -0.30 28.60 40.05
CA GLN A 340 -0.24 27.57 39.02
C GLN A 340 0.78 26.51 39.40
N TRP A 341 0.36 25.23 39.34
CA TRP A 341 1.15 24.10 39.80
C TRP A 341 1.08 23.00 38.75
N PHE A 342 2.23 22.60 38.21
CA PHE A 342 2.28 21.56 37.18
C PHE A 342 3.18 20.41 37.59
N SER A 343 2.69 19.19 37.42
CA SER A 343 3.55 18.03 37.34
C SER A 343 3.96 17.85 35.89
N TYR A 344 5.23 17.55 35.66
CA TYR A 344 5.73 17.39 34.29
C TYR A 344 6.93 16.47 34.29
N ASP A 345 7.64 16.41 33.18
CA ASP A 345 8.78 15.52 32.99
C ASP A 345 9.85 16.26 32.20
N ASP A 346 11.10 16.15 32.66
CA ASP A 346 12.20 16.94 32.11
C ASP A 346 13.36 16.00 31.86
N VAL A 347 14.56 16.57 31.68
CA VAL A 347 15.67 15.70 31.32
C VAL A 347 16.04 14.78 32.48
N GLU A 348 15.95 15.25 33.72
CA GLU A 348 16.31 14.39 34.85
C GLU A 348 15.33 13.23 34.99
N SER A 349 14.03 13.52 34.94
CA SER A 349 13.03 12.46 35.11
C SER A 349 13.11 11.46 33.96
N MET A 350 13.28 11.95 32.73
CA MET A 350 13.43 11.07 31.57
C MET A 350 14.69 10.21 31.68
N LYS A 351 15.80 10.84 32.09
CA LYS A 351 17.02 10.07 32.35
C LYS A 351 16.77 8.98 33.37
N ALA A 352 15.90 9.24 34.34
CA ALA A 352 15.72 8.23 35.38
C ALA A 352 14.83 7.09 34.90
N LYS A 353 13.85 7.40 34.07
CA LYS A 353 12.95 6.36 33.60
C LYS A 353 13.64 5.49 32.55
N ILE A 354 14.34 6.11 31.60
CA ILE A 354 14.95 5.31 30.55
C ILE A 354 16.04 4.42 31.12
N ASN A 355 16.84 4.96 32.03
CA ASN A 355 17.81 4.12 32.72
C ASN A 355 17.12 2.97 33.42
N TRP A 356 15.95 3.24 34.01
CA TRP A 356 15.22 2.18 34.69
C TRP A 356 14.63 1.19 33.68
N ILE A 357 14.33 1.65 32.47
CA ILE A 357 13.93 0.73 31.39
C ILE A 357 15.06 -0.28 31.13
N LYS A 358 16.31 0.20 31.03
CA LYS A 358 17.45 -0.70 30.81
C LYS A 358 17.70 -1.60 32.01
N GLN A 359 17.71 -1.02 33.20
CA GLN A 359 17.97 -1.77 34.42
C GLN A 359 16.96 -2.90 34.60
N GLU A 360 15.71 -2.68 34.19
CA GLU A 360 14.67 -3.70 34.39
C GLU A 360 14.42 -4.55 33.16
N ASN A 361 15.04 -4.21 32.03
CA ASN A 361 14.96 -5.00 30.82
C ASN A 361 13.53 -5.09 30.28
N TYR A 362 12.83 -3.96 30.31
CA TYR A 362 11.61 -3.85 29.56
C TYR A 362 11.98 -3.61 28.09
N GLY A 363 10.98 -3.65 27.21
CA GLY A 363 11.26 -3.72 25.80
C GLY A 363 11.73 -2.42 25.19
N GLY A 364 11.51 -1.30 25.87
CA GLY A 364 11.95 -0.02 25.34
C GLY A 364 11.11 1.12 25.89
N ALA A 365 11.09 2.20 25.14
CA ALA A 365 10.34 3.38 25.48
C ALA A 365 9.61 3.91 24.25
N PHE A 366 8.55 4.65 24.51
CA PHE A 366 7.96 5.47 23.47
C PHE A 366 7.57 6.80 24.09
N VAL A 367 7.56 7.83 23.25
CA VAL A 367 7.25 9.19 23.65
C VAL A 367 5.88 9.60 23.11
N TRP A 368 5.11 10.31 23.95
CA TRP A 368 3.92 11.04 23.55
C TRP A 368 4.08 12.47 24.02
N THR A 369 4.20 13.45 23.12
CA THR A 369 4.30 13.34 21.66
C THR A 369 5.56 13.99 21.11
N LEU A 370 5.74 13.97 19.79
CA LEU A 370 6.86 14.69 19.22
C LEU A 370 6.69 16.20 19.34
N ASP A 371 5.46 16.68 19.30
CA ASP A 371 5.23 18.12 19.18
C ASP A 371 5.19 18.82 20.53
N TYR A 372 5.30 18.06 21.62
CA TYR A 372 5.39 18.62 22.95
C TYR A 372 6.82 18.94 23.37
N ASP A 373 7.81 18.15 22.94
CA ASP A 373 9.22 18.44 23.19
C ASP A 373 9.59 19.80 22.63
N ASP A 374 10.83 20.22 22.92
CA ASP A 374 11.37 21.48 22.38
C ASP A 374 11.97 21.22 21.00
N PHE A 375 11.06 20.88 20.07
CA PHE A 375 11.49 20.33 18.79
C PHE A 375 12.25 21.35 17.95
N LEU A 376 11.93 22.64 18.08
CA LEU A 376 12.76 23.68 17.50
C LEU A 376 14.10 23.84 18.19
N GLY A 377 14.21 23.42 19.46
CA GLY A 377 15.37 23.70 20.25
C GLY A 377 15.58 25.17 20.56
N SER A 378 14.51 25.97 20.55
CA SER A 378 14.62 27.40 20.81
C SER A 378 13.71 27.89 21.93
N PHE A 379 12.82 27.06 22.46
CA PHE A 379 11.99 27.49 23.58
C PHE A 379 12.72 27.38 24.90
N CYS A 380 13.70 26.48 24.98
CA CYS A 380 14.45 26.26 26.20
C CYS A 380 15.85 26.81 26.04
N THR A 381 16.43 27.17 27.19
CA THR A 381 17.80 27.67 27.21
C THR A 381 18.77 26.79 27.98
N GLU A 382 18.30 25.98 28.95
CA GLU A 382 19.20 25.09 29.68
C GLU A 382 19.95 24.11 28.78
N HIS A 383 19.44 23.85 27.57
CA HIS A 383 20.03 22.82 26.72
C HIS A 383 20.84 23.40 25.57
N ASN A 384 21.22 24.67 25.66
CA ASN A 384 22.05 25.35 24.68
C ASN A 384 21.47 25.29 23.26
N GLY A 385 20.17 25.07 23.13
CA GLY A 385 19.58 25.00 21.82
C GLY A 385 19.49 23.62 21.21
N LYS A 386 19.94 22.58 21.92
CA LYS A 386 19.70 21.20 21.50
C LYS A 386 18.24 21.00 21.14
N LYS A 387 17.99 20.50 19.92
CA LYS A 387 16.65 20.08 19.53
C LYS A 387 16.30 18.74 20.17
N TYR A 388 15.04 18.61 20.55
CA TYR A 388 14.51 17.41 21.19
C TYR A 388 15.27 17.09 22.47
N PRO A 389 15.38 18.04 23.41
CA PRO A 389 16.08 17.75 24.66
C PRO A 389 15.61 16.46 25.32
N LEU A 390 14.31 16.21 25.28
CA LEU A 390 13.71 15.09 26.00
C LEU A 390 13.78 13.79 25.20
N ILE A 391 13.36 13.85 23.92
CA ILE A 391 13.19 12.65 23.14
C ILE A 391 14.54 12.08 22.73
N SER A 392 15.54 12.95 22.56
CA SER A 392 16.89 12.47 22.25
C SER A 392 17.40 11.47 23.27
N LEU A 393 16.87 11.51 24.49
CA LEU A 393 17.32 10.59 25.53
C LEU A 393 17.15 9.14 25.15
N MET A 394 16.15 8.84 24.31
CA MET A 394 15.86 7.46 23.95
C MET A 394 17.00 6.87 23.13
N GLN A 395 17.33 7.51 22.01
CA GLN A 395 18.44 7.05 21.19
C GLN A 395 19.74 7.07 21.97
N GLU A 396 19.93 8.11 22.78
CA GLU A 396 21.17 8.23 23.55
C GLU A 396 21.31 7.09 24.54
N ILE A 397 20.32 6.89 25.40
CA ILE A 397 20.47 5.90 26.47
C ILE A 397 20.13 4.49 25.99
N LEU A 398 19.18 4.34 25.06
CA LEU A 398 18.74 3.01 24.66
C LEU A 398 19.42 2.52 23.39
N GLY A 399 20.17 3.37 22.69
CA GLY A 399 20.95 2.92 21.56
C GLY A 399 20.11 2.32 20.45
N LYS B 32 -14.97 51.43 -10.47
CA LYS B 32 -15.69 52.46 -9.72
C LYS B 32 -16.89 51.90 -8.95
N TYR B 33 -17.58 50.90 -9.55
CA TYR B 33 -18.71 50.24 -8.90
C TYR B 33 -18.61 48.72 -9.06
N VAL B 34 -18.58 48.03 -7.93
CA VAL B 34 -18.71 46.58 -7.94
C VAL B 34 -20.07 46.18 -8.49
N ARG B 35 -20.08 45.14 -9.32
CA ARG B 35 -21.31 44.50 -9.81
C ARG B 35 -21.16 43.01 -9.55
N GLY B 36 -22.06 42.44 -8.75
CA GLY B 36 -21.93 41.07 -8.33
C GLY B 36 -23.24 40.32 -8.41
N CYS B 37 -23.12 39.00 -8.45
CA CYS B 37 -24.25 38.13 -8.74
C CYS B 37 -24.04 36.84 -7.99
N TYR B 38 -25.06 36.39 -7.29
CA TYR B 38 -25.00 35.09 -6.67
C TYR B 38 -25.52 34.04 -7.65
N PHE B 39 -24.66 33.06 -7.93
CA PHE B 39 -25.08 31.84 -8.59
C PHE B 39 -25.41 30.85 -7.49
N THR B 40 -26.45 30.06 -7.69
CA THR B 40 -26.85 29.08 -6.69
C THR B 40 -26.85 27.69 -7.32
N ASN B 41 -26.36 26.70 -6.58
CA ASN B 41 -26.15 25.36 -7.14
C ASN B 41 -27.30 24.42 -6.86
N TRP B 42 -28.47 24.96 -6.55
CA TRP B 42 -29.72 24.21 -6.51
C TRP B 42 -30.70 24.68 -7.56
N ALA B 43 -30.43 25.80 -8.24
CA ALA B 43 -31.24 26.22 -9.37
C ALA B 43 -31.19 25.20 -10.51
N GLN B 44 -30.25 24.25 -10.47
CA GLN B 44 -30.21 23.19 -11.47
C GLN B 44 -31.33 22.18 -11.33
N TYR B 45 -32.01 22.13 -10.18
CA TYR B 45 -33.14 21.23 -9.98
C TYR B 45 -34.48 21.94 -10.12
N ARG B 46 -34.53 23.08 -10.80
CA ARG B 46 -35.84 23.68 -11.01
C ARG B 46 -36.52 23.01 -12.20
N PRO B 47 -37.83 22.81 -12.13
CA PRO B 47 -38.53 22.12 -13.22
C PRO B 47 -38.61 22.98 -14.48
N GLY B 48 -38.54 22.30 -15.63
CA GLY B 48 -38.78 22.94 -16.90
C GLY B 48 -37.80 24.04 -17.20
N ASN B 49 -38.34 25.19 -17.58
CA ASN B 49 -37.51 26.34 -17.91
C ASN B 49 -36.99 27.03 -16.68
N GLY B 50 -37.45 26.61 -15.50
CA GLY B 50 -36.83 27.05 -14.28
C GLY B 50 -35.36 26.68 -14.21
N LYS B 51 -34.97 25.59 -14.89
CA LYS B 51 -33.61 25.05 -14.78
C LYS B 51 -32.59 26.12 -15.17
N TYR B 52 -31.68 26.41 -14.25
CA TYR B 52 -30.60 27.36 -14.48
C TYR B 52 -29.28 26.61 -14.61
N ASN B 53 -28.56 26.87 -15.70
CA ASN B 53 -27.28 26.22 -15.92
C ASN B 53 -26.18 27.27 -16.11
N PRO B 54 -24.93 26.94 -15.78
CA PRO B 54 -23.85 27.92 -16.01
C PRO B 54 -23.85 28.46 -17.42
N GLU B 55 -24.11 27.61 -18.42
CA GLU B 55 -24.21 28.07 -19.79
C GLU B 55 -25.18 29.24 -19.94
N HIS B 56 -26.13 29.41 -19.01
CA HIS B 56 -27.13 30.46 -19.09
C HIS B 56 -26.57 31.83 -18.74
N TYR B 57 -25.39 31.90 -18.14
CA TYR B 57 -24.81 33.19 -17.83
C TYR B 57 -24.59 34.00 -19.10
N GLN B 58 -24.66 35.29 -18.97
CA GLN B 58 -24.37 36.17 -20.07
C GLN B 58 -23.12 36.99 -19.74
N ALA B 59 -22.23 37.12 -20.72
CA ALA B 59 -20.99 37.85 -20.53
C ALA B 59 -21.25 39.30 -20.11
N ASN B 60 -20.43 39.78 -19.17
CA ASN B 60 -20.44 41.13 -18.62
C ASN B 60 -21.65 41.46 -17.76
N LEU B 61 -22.45 40.47 -17.39
CA LEU B 61 -23.56 40.74 -16.49
C LEU B 61 -23.03 41.26 -15.17
N CYS B 62 -22.03 40.59 -14.65
CA CYS B 62 -21.48 40.84 -13.33
C CYS B 62 -19.99 40.93 -13.46
N GLU B 63 -19.35 41.78 -12.66
CA GLU B 63 -17.90 41.67 -12.55
C GLU B 63 -17.48 40.56 -11.59
N TYR B 64 -18.38 40.13 -10.71
CA TYR B 64 -18.09 39.07 -9.76
C TYR B 64 -19.29 38.13 -9.71
N ILE B 65 -19.03 36.84 -9.78
CA ILE B 65 -20.01 35.83 -9.44
C ILE B 65 -19.61 35.25 -8.09
N PHE B 66 -20.58 35.10 -7.19
CA PHE B 66 -20.43 34.41 -5.91
C PHE B 66 -21.10 33.04 -5.99
N TYR B 67 -20.33 31.98 -5.75
CA TYR B 67 -20.87 30.63 -5.89
C TYR B 67 -21.46 30.20 -4.55
N ALA B 68 -22.79 30.25 -4.46
CA ALA B 68 -23.54 29.78 -3.29
C ALA B 68 -24.01 28.34 -3.50
N PHE B 69 -23.53 27.40 -2.67
CA PHE B 69 -22.59 27.57 -1.55
C PHE B 69 -21.68 26.36 -1.48
N ALA B 70 -20.55 26.51 -0.79
CA ALA B 70 -19.77 25.33 -0.43
C ALA B 70 -20.36 24.73 0.84
N LYS B 71 -19.71 23.71 1.38
CA LYS B 71 -20.22 23.00 2.54
C LYS B 71 -19.23 23.15 3.68
N LEU B 72 -19.76 23.35 4.88
CA LEU B 72 -18.95 23.43 6.09
C LEU B 72 -19.18 22.16 6.92
N ASN B 73 -18.27 21.20 6.78
CA ASN B 73 -18.34 19.96 7.52
C ASN B 73 -18.30 20.22 9.02
N ASP B 74 -18.73 19.23 9.79
CA ASP B 74 -18.78 19.35 11.23
C ASP B 74 -17.39 19.39 11.83
N ASP B 75 -16.40 18.90 11.10
CA ASP B 75 -15.02 18.97 11.51
C ASP B 75 -14.37 20.25 11.03
N PHE B 76 -15.17 21.18 10.53
CA PHE B 76 -14.77 22.50 10.07
C PHE B 76 -13.96 22.47 8.77
N THR B 77 -13.97 21.36 8.06
CA THR B 77 -13.35 21.37 6.73
C THR B 77 -14.37 21.80 5.67
N VAL B 78 -13.84 22.14 4.50
CA VAL B 78 -14.64 22.63 3.38
C VAL B 78 -14.74 21.54 2.31
N ASP B 79 -15.90 21.43 1.70
CA ASP B 79 -16.10 20.54 0.57
C ASP B 79 -17.16 21.12 -0.36
N GLN B 80 -17.32 20.48 -1.51
CA GLN B 80 -18.41 20.83 -2.41
C GLN B 80 -19.77 20.50 -1.77
N PHE B 81 -20.77 21.32 -2.09
CA PHE B 81 -22.07 21.07 -1.50
C PHE B 81 -22.93 20.17 -2.39
N GLU B 82 -22.96 20.42 -3.68
CA GLU B 82 -23.70 19.55 -4.59
C GLU B 82 -22.78 18.49 -5.19
N TRP B 83 -23.37 17.34 -5.50
CA TRP B 83 -22.58 16.18 -5.90
C TRP B 83 -21.82 16.40 -7.21
N ASN B 84 -22.22 17.40 -8.00
CA ASN B 84 -21.62 17.70 -9.31
C ASN B 84 -20.95 19.07 -9.34
N ASP B 85 -20.65 19.65 -8.17
CA ASP B 85 -19.97 20.94 -8.09
C ASP B 85 -18.57 20.85 -8.71
N ILE B 86 -17.72 19.98 -8.17
CA ILE B 86 -16.31 19.95 -8.59
C ILE B 86 -16.17 19.48 -10.03
N ASP B 87 -16.95 18.47 -10.43
CA ASP B 87 -16.76 17.89 -11.75
C ASP B 87 -17.47 18.64 -12.86
N VAL B 88 -18.59 19.32 -12.58
CA VAL B 88 -19.38 19.91 -13.66
C VAL B 88 -19.67 21.39 -13.47
N LEU B 89 -20.16 21.77 -12.30
CA LEU B 89 -20.68 23.12 -12.10
C LEU B 89 -19.56 24.15 -11.83
N TYR B 90 -18.61 23.85 -10.91
CA TYR B 90 -17.48 24.76 -10.73
C TYR B 90 -16.75 25.00 -12.05
N PRO B 91 -16.32 23.99 -12.78
CA PRO B 91 -15.69 24.26 -14.08
C PRO B 91 -16.65 24.85 -15.08
N GLY B 92 -17.95 24.52 -14.96
CA GLY B 92 -18.95 25.18 -15.78
C GLY B 92 -19.00 26.68 -15.58
N VAL B 93 -18.97 27.14 -14.32
CA VAL B 93 -18.93 28.59 -14.10
C VAL B 93 -17.62 29.16 -14.62
N MET B 94 -16.51 28.46 -14.39
CA MET B 94 -15.22 29.01 -14.74
C MET B 94 -15.07 29.18 -16.24
N LYS B 95 -15.71 28.31 -17.03
CA LYS B 95 -15.65 28.38 -18.49
C LYS B 95 -16.12 29.74 -19.02
N GLN B 96 -16.87 30.49 -18.22
CA GLN B 96 -17.39 31.78 -18.66
C GLN B 96 -16.31 32.84 -18.72
N LYS B 97 -15.16 32.61 -18.10
CA LYS B 97 -14.08 33.58 -18.19
C LYS B 97 -13.57 33.71 -19.60
N SER B 98 -13.77 32.66 -20.41
CA SER B 98 -13.38 32.73 -21.81
C SER B 98 -14.10 33.88 -22.51
N SER B 99 -15.41 34.01 -22.28
CA SER B 99 -16.17 35.12 -22.87
C SER B 99 -15.96 36.43 -22.10
N GLN B 100 -15.71 36.35 -20.79
CA GLN B 100 -15.57 37.56 -20.00
C GLN B 100 -14.29 37.44 -19.18
N PRO B 101 -13.18 37.99 -19.66
CA PRO B 101 -11.89 37.65 -19.06
C PRO B 101 -11.71 38.25 -17.68
N ASP B 102 -12.30 39.43 -17.44
CA ASP B 102 -12.23 40.10 -16.14
C ASP B 102 -13.06 39.41 -15.06
N LEU B 103 -13.86 38.40 -15.41
CA LEU B 103 -14.76 37.80 -14.46
C LEU B 103 -14.01 37.19 -13.29
N LYS B 104 -14.53 37.40 -12.11
CA LYS B 104 -13.98 36.90 -10.87
C LYS B 104 -14.99 36.02 -10.22
N VAL B 105 -14.60 34.88 -9.72
CA VAL B 105 -15.53 33.86 -9.22
C VAL B 105 -15.12 33.54 -7.80
N LEU B 106 -15.94 33.93 -6.85
CA LEU B 106 -15.67 33.69 -5.44
C LEU B 106 -16.54 32.55 -4.95
N LEU B 107 -16.04 31.84 -3.96
CA LEU B 107 -16.79 30.76 -3.32
C LEU B 107 -17.45 31.32 -2.05
N SER B 108 -18.76 31.10 -1.91
CA SER B 108 -19.51 31.54 -0.73
C SER B 108 -19.81 30.35 0.16
N LEU B 109 -19.76 30.59 1.46
CA LEU B 109 -19.99 29.53 2.45
C LEU B 109 -20.95 30.08 3.49
N GLY B 110 -22.04 29.35 3.75
CA GLY B 110 -23.04 29.81 4.70
C GLY B 110 -24.48 29.83 4.22
N GLY B 111 -25.04 31.03 4.12
CA GLY B 111 -26.46 31.17 3.85
C GLY B 111 -27.35 30.91 5.06
N TRP B 112 -28.66 31.08 4.83
CA TRP B 112 -29.64 30.91 5.88
C TRP B 112 -29.74 29.46 6.34
N ASN B 113 -29.69 28.51 5.41
CA ASN B 113 -29.92 27.13 5.79
C ASN B 113 -28.79 26.57 6.64
N ALA B 114 -27.54 27.00 6.40
CA ALA B 114 -26.42 26.44 7.16
C ALA B 114 -26.55 26.72 8.64
N GLY B 115 -27.08 27.89 9.00
CA GLY B 115 -27.18 28.26 10.38
C GLY B 115 -25.82 28.59 10.96
N THR B 116 -25.75 28.47 12.28
CA THR B 116 -24.64 29.01 13.04
C THR B 116 -23.85 27.98 13.84
N ALA B 117 -24.44 26.81 14.11
CA ALA B 117 -23.81 25.86 15.03
C ALA B 117 -22.37 25.53 14.62
N THR B 118 -22.15 25.23 13.35
CA THR B 118 -20.80 24.84 12.96
C THR B 118 -19.85 26.04 12.98
N PHE B 119 -20.30 27.18 12.43
CA PHE B 119 -19.50 28.42 12.46
C PHE B 119 -19.12 28.79 13.89
N LYS B 120 -20.07 28.66 14.81
CA LYS B 120 -19.85 28.99 16.21
C LYS B 120 -18.70 28.17 16.79
N LYS B 121 -18.70 26.85 16.54
CA LYS B 121 -17.61 26.01 17.02
C LYS B 121 -16.32 26.26 16.24
N MET B 122 -16.41 26.35 14.90
CA MET B 122 -15.19 26.55 14.11
C MET B 122 -14.43 27.80 14.53
N ALA B 123 -15.12 28.87 14.93
CA ALA B 123 -14.44 30.13 15.18
C ALA B 123 -13.92 30.27 16.61
N ALA B 124 -14.26 29.35 17.52
CA ALA B 124 -14.05 29.52 18.95
C ALA B 124 -12.61 29.30 19.43
N THR B 125 -11.77 28.58 18.66
CA THR B 125 -10.36 28.41 19.03
C THR B 125 -9.47 28.72 17.85
N TYR B 126 -8.23 29.10 18.15
CA TYR B 126 -7.26 29.29 17.07
C TYR B 126 -7.10 28.01 16.26
N SER B 127 -7.04 26.87 16.95
CA SER B 127 -6.83 25.59 16.30
C SER B 127 -7.94 25.32 15.29
N ASN B 128 -9.19 25.46 15.71
CA ASN B 128 -10.30 25.21 14.78
C ASN B 128 -10.28 26.19 13.62
N ARG B 129 -10.03 27.48 13.88
CA ARG B 129 -9.96 28.41 12.77
C ARG B 129 -8.81 28.06 11.83
N ALA B 130 -7.72 27.52 12.38
CA ALA B 130 -6.60 27.15 11.53
C ALA B 130 -6.95 25.98 10.64
N LYS B 131 -7.68 25.00 11.16
CA LYS B 131 -8.06 23.87 10.32
C LYS B 131 -8.97 24.33 9.20
N PHE B 132 -10.03 25.05 9.55
CA PHE B 132 -10.92 25.59 8.54
C PHE B 132 -10.16 26.37 7.49
N ILE B 133 -9.24 27.25 7.92
CA ILE B 133 -8.59 28.11 6.95
C ILE B 133 -7.70 27.31 6.02
N SER B 134 -6.97 26.33 6.59
CA SER B 134 -6.11 25.46 5.79
C SER B 134 -6.92 24.79 4.69
N SER B 135 -7.95 24.03 5.11
CA SER B 135 -8.87 23.36 4.20
C SER B 135 -9.45 24.33 3.17
N LEU B 136 -9.89 25.50 3.62
CA LEU B 136 -10.46 26.47 2.69
C LEU B 136 -9.48 26.88 1.60
N VAL B 137 -8.23 27.20 1.98
CA VAL B 137 -7.27 27.69 0.99
C VAL B 137 -7.04 26.64 -0.08
N SER B 138 -6.82 25.39 0.34
CA SER B 138 -6.55 24.33 -0.61
C SER B 138 -7.73 24.15 -1.58
N PHE B 139 -8.95 24.02 -1.05
CA PHE B 139 -10.13 23.81 -1.89
C PHE B 139 -10.32 24.97 -2.86
N LEU B 140 -10.04 26.18 -2.38
CA LEU B 140 -10.11 27.36 -3.25
C LEU B 140 -9.10 27.26 -4.38
N GLN B 141 -7.87 26.89 -4.03
CA GLN B 141 -6.81 26.79 -5.04
C GLN B 141 -7.11 25.66 -6.00
N GLN B 142 -7.46 24.50 -5.46
CA GLN B 142 -7.74 23.31 -6.28
C GLN B 142 -8.76 23.61 -7.35
N ASN B 143 -9.84 24.30 -6.99
CA ASN B 143 -10.95 24.49 -7.91
C ASN B 143 -10.91 25.85 -8.58
N LYS B 144 -9.78 26.53 -8.51
CA LYS B 144 -9.50 27.66 -9.37
C LYS B 144 -10.39 28.85 -9.04
N PHE B 145 -10.74 28.99 -7.76
CA PHE B 145 -11.55 30.13 -7.35
C PHE B 145 -10.68 31.37 -7.16
N ASP B 146 -11.29 32.53 -7.29
CA ASP B 146 -10.61 33.81 -7.15
C ASP B 146 -10.71 34.39 -5.72
N GLY B 147 -11.56 33.84 -4.87
CA GLY B 147 -11.78 34.44 -3.58
C GLY B 147 -12.81 33.67 -2.78
N PHE B 148 -13.11 34.22 -1.61
CA PHE B 148 -14.00 33.59 -0.66
C PHE B 148 -14.97 34.62 -0.11
N ASP B 149 -16.25 34.23 -0.04
CA ASP B 149 -17.35 35.04 0.45
C ASP B 149 -17.90 34.37 1.68
N LEU B 150 -17.71 34.98 2.85
CA LEU B 150 -18.16 34.43 4.12
C LEU B 150 -19.58 34.89 4.42
N ASP B 151 -20.53 33.94 4.51
CA ASP B 151 -21.95 34.24 4.61
C ASP B 151 -22.59 33.68 5.88
N TRP B 152 -21.88 33.82 7.00
CA TRP B 152 -22.34 33.46 8.34
C TRP B 152 -23.58 34.27 8.72
N GLU B 153 -24.72 33.61 8.85
CA GLU B 153 -25.99 34.30 9.12
C GLU B 153 -26.56 33.77 10.42
N TYR B 154 -26.22 34.41 11.55
CA TYR B 154 -25.37 35.61 11.61
C TYR B 154 -24.48 35.50 12.83
N PRO B 155 -23.39 36.23 12.90
CA PRO B 155 -22.61 36.22 14.13
C PRO B 155 -23.37 36.95 15.23
N GLU B 156 -23.26 36.44 16.45
CA GLU B 156 -23.98 36.97 17.60
C GLU B 156 -23.00 37.60 18.58
N SER B 157 -23.52 38.03 19.74
CA SER B 157 -22.68 38.56 20.80
C SER B 157 -21.55 37.61 21.15
N SER B 158 -21.86 36.34 21.35
CA SER B 158 -20.83 35.40 21.76
C SER B 158 -19.83 35.11 20.65
N ASP B 159 -20.09 35.55 19.41
CA ASP B 159 -19.22 35.30 18.28
C ASP B 159 -18.51 36.55 17.78
N LYS B 160 -18.76 37.73 18.37
CA LYS B 160 -18.25 38.99 17.79
C LYS B 160 -16.73 38.97 17.67
N GLU B 161 -16.03 38.71 18.76
CA GLU B 161 -14.57 38.69 18.69
C GLU B 161 -14.07 37.52 17.85
N ASN B 162 -14.65 36.33 18.06
CA ASN B 162 -14.22 35.17 17.31
C ASN B 162 -14.40 35.36 15.81
N TYR B 163 -15.40 36.14 15.42
CA TYR B 163 -15.63 36.43 14.00
C TYR B 163 -14.53 37.31 13.43
N LEU B 164 -14.15 38.36 14.17
CA LEU B 164 -13.07 39.25 13.75
C LEU B 164 -11.75 38.48 13.64
N LEU B 165 -11.45 37.65 14.64
CA LEU B 165 -10.27 36.80 14.56
C LEU B 165 -10.28 35.95 13.29
N LEU B 166 -11.45 35.35 12.97
CA LEU B 166 -11.56 34.50 11.80
C LEU B 166 -11.24 35.27 10.53
N CYS B 167 -11.81 36.47 10.38
CA CYS B 167 -11.58 37.26 9.18
C CYS B 167 -10.14 37.76 9.11
N GLN B 168 -9.57 38.15 10.25
CA GLN B 168 -8.17 38.57 10.23
C GLN B 168 -7.26 37.42 9.84
N GLU B 169 -7.46 36.25 10.45
CA GLU B 169 -6.59 35.14 10.13
C GLU B 169 -6.80 34.69 8.69
N ILE B 170 -8.01 34.83 8.15
CA ILE B 170 -8.23 34.47 6.75
C ILE B 170 -7.40 35.38 5.84
N LEU B 171 -7.54 36.70 6.00
CA LEU B 171 -6.75 37.61 5.19
C LEU B 171 -5.26 37.40 5.42
N ALA B 172 -4.88 36.99 6.63
CA ALA B 172 -3.46 36.73 6.89
C ALA B 172 -2.97 35.59 6.02
N LYS B 173 -3.70 34.47 6.01
CA LYS B 173 -3.31 33.33 5.19
C LYS B 173 -3.27 33.72 3.71
N PHE B 174 -4.29 34.46 3.26
CA PHE B 174 -4.32 34.83 1.84
C PHE B 174 -3.08 35.62 1.47
N GLU B 175 -2.71 36.59 2.30
CA GLU B 175 -1.50 37.35 2.03
C GLU B 175 -0.27 36.44 2.13
N GLU B 176 -0.25 35.57 3.14
CA GLU B 176 0.85 34.60 3.32
C GLU B 176 1.05 33.76 2.07
N VAL B 177 -0.02 33.12 1.57
CA VAL B 177 0.16 32.23 0.43
C VAL B 177 0.31 32.99 -0.88
N ALA B 178 -0.18 34.22 -1.00
CA ALA B 178 0.00 34.95 -2.24
C ALA B 178 1.47 35.33 -2.46
N LYS B 179 2.14 35.77 -1.37
CA LYS B 179 3.56 36.06 -1.41
C LYS B 179 4.38 34.82 -1.76
N CYS B 180 4.04 33.66 -1.16
CA CYS B 180 4.81 32.43 -1.42
C CYS B 180 4.67 31.98 -2.87
N THR B 181 3.48 32.06 -3.43
CA THR B 181 3.21 31.54 -4.77
C THR B 181 3.34 32.60 -5.85
N SER B 182 3.74 33.83 -5.49
CA SER B 182 3.92 34.89 -6.46
C SER B 182 2.65 35.09 -7.29
N THR B 183 1.52 35.17 -6.59
CA THR B 183 0.22 35.38 -7.20
C THR B 183 -0.45 36.57 -6.54
N SER B 184 -1.41 37.16 -7.25
CA SER B 184 -2.32 38.10 -6.64
C SER B 184 -3.13 37.40 -5.57
N ARG B 185 -3.31 38.08 -4.44
CA ARG B 185 -4.00 37.49 -3.30
C ARG B 185 -5.46 37.15 -3.65
N LEU B 186 -5.94 36.04 -3.10
CA LEU B 186 -7.36 35.72 -3.15
C LEU B 186 -8.22 36.87 -2.62
N LEU B 187 -9.39 37.06 -3.23
CA LEU B 187 -10.32 38.06 -2.73
C LEU B 187 -11.07 37.56 -1.52
N PHE B 188 -11.50 38.48 -0.67
CA PHE B 188 -12.21 38.14 0.56
C PHE B 188 -13.37 39.09 0.79
N THR B 189 -14.59 38.57 0.79
CA THR B 189 -15.78 39.38 1.02
C THR B 189 -16.65 38.70 2.07
N ALA B 190 -17.67 39.43 2.54
CA ALA B 190 -18.68 38.84 3.40
C ALA B 190 -20.05 39.38 3.03
N ALA B 191 -21.06 38.53 3.19
CA ALA B 191 -22.46 38.93 3.06
C ALA B 191 -22.96 39.18 4.46
N VAL B 192 -23.40 40.41 4.73
CA VAL B 192 -23.58 40.84 6.11
C VAL B 192 -25.02 41.30 6.37
N SER B 193 -25.44 41.18 7.62
CA SER B 193 -26.78 41.57 8.01
C SER B 193 -27.04 43.05 7.79
N ALA B 194 -28.26 43.36 7.33
CA ALA B 194 -28.78 44.71 7.22
C ALA B 194 -29.63 45.10 8.42
N ASN B 195 -29.71 44.25 9.44
CA ASN B 195 -30.45 44.56 10.64
C ASN B 195 -29.51 45.22 11.65
N PRO B 196 -29.77 46.47 12.04
CA PRO B 196 -28.78 47.19 12.85
C PRO B 196 -28.58 46.61 14.23
N LYS B 197 -29.61 46.00 14.82
CA LYS B 197 -29.40 45.20 16.02
C LYS B 197 -28.40 44.10 15.75
N THR B 198 -28.56 43.36 14.64
CA THR B 198 -27.60 42.30 14.31
C THR B 198 -26.20 42.87 14.15
N VAL B 199 -26.08 43.98 13.43
CA VAL B 199 -24.79 44.63 13.21
C VAL B 199 -24.12 44.93 14.53
N ASP B 200 -24.85 45.55 15.48
CA ASP B 200 -24.27 45.89 16.78
C ASP B 200 -23.71 44.65 17.49
N ALA B 201 -24.55 43.61 17.66
CA ALA B 201 -24.19 42.40 18.39
C ALA B 201 -22.91 41.73 17.87
N GLY B 202 -22.78 41.58 16.55
CA GLY B 202 -21.76 40.66 16.05
C GLY B 202 -20.66 41.15 15.12
N TYR B 203 -20.73 42.38 14.64
CA TYR B 203 -19.76 42.86 13.66
C TYR B 203 -18.96 44.01 14.27
N ASP B 204 -17.65 43.82 14.42
CA ASP B 204 -16.73 44.90 14.78
C ASP B 204 -16.40 45.66 13.49
N VAL B 205 -17.28 46.60 13.15
CA VAL B 205 -17.27 47.17 11.79
C VAL B 205 -15.94 47.83 11.45
N PRO B 206 -15.39 48.72 12.29
CA PRO B 206 -14.15 49.40 11.87
C PRO B 206 -12.96 48.45 11.70
N ALA B 207 -12.89 47.39 12.50
CA ALA B 207 -11.81 46.41 12.31
C ALA B 207 -12.07 45.54 11.07
N LEU B 208 -13.33 45.16 10.84
CA LEU B 208 -13.63 44.35 9.65
C LEU B 208 -13.40 45.14 8.37
N ALA B 209 -13.53 46.47 8.42
CA ALA B 209 -13.29 47.27 7.23
C ALA B 209 -11.84 47.18 6.79
N LYS B 210 -10.93 46.87 7.72
CA LYS B 210 -9.51 46.78 7.47
C LYS B 210 -9.09 45.43 6.89
N VAL B 211 -9.96 44.42 6.91
CA VAL B 211 -9.61 43.08 6.45
C VAL B 211 -10.47 42.61 5.30
N LEU B 212 -11.78 42.89 5.32
CA LEU B 212 -12.65 42.50 4.23
C LEU B 212 -12.47 43.46 3.07
N ASP B 213 -12.43 42.90 1.85
CA ASP B 213 -12.31 43.72 0.65
C ASP B 213 -13.53 44.59 0.45
N PHE B 214 -14.73 44.00 0.62
CA PHE B 214 -15.97 44.73 0.72
C PHE B 214 -16.99 43.80 1.35
N VAL B 215 -18.17 44.35 1.65
CA VAL B 215 -19.27 43.57 2.21
C VAL B 215 -20.46 43.65 1.29
N ASN B 216 -21.17 42.53 1.18
CA ASN B 216 -22.41 42.45 0.41
C ASN B 216 -23.58 42.65 1.38
N LEU B 217 -24.20 43.84 1.32
CA LEU B 217 -25.22 44.22 2.31
C LEU B 217 -26.56 43.57 1.97
N MET B 218 -27.06 42.72 2.86
CA MET B 218 -28.30 41.99 2.61
C MET B 218 -29.56 42.84 2.89
N CYS B 219 -29.67 43.95 2.17
CA CYS B 219 -30.79 44.85 2.41
C CYS B 219 -32.04 44.37 1.68
N TYR B 220 -32.50 43.20 2.12
CA TYR B 220 -33.75 42.61 1.66
C TYR B 220 -34.21 41.67 2.76
N ASP B 221 -35.29 40.95 2.50
CA ASP B 221 -35.94 40.10 3.51
C ASP B 221 -36.45 40.91 4.73
N PHE B 222 -36.72 42.21 4.51
CA PHE B 222 -37.20 43.11 5.56
C PHE B 222 -38.63 42.79 6.01
N HIS B 223 -39.50 42.42 5.08
CA HIS B 223 -40.86 42.00 5.38
C HIS B 223 -41.19 40.79 4.52
N GLY B 224 -41.94 39.86 5.10
CA GLY B 224 -42.09 38.53 4.51
C GLY B 224 -43.25 37.82 5.15
N ALA B 225 -43.44 36.56 4.74
CA ALA B 225 -44.65 35.83 5.11
C ALA B 225 -44.61 35.35 6.55
N TRP B 226 -43.49 35.55 7.25
CA TRP B 226 -43.49 35.44 8.71
C TRP B 226 -44.31 36.54 9.40
N GLU B 227 -44.80 37.54 8.68
CA GLU B 227 -45.58 38.62 9.25
C GLU B 227 -47.05 38.47 8.87
N THR B 228 -47.92 38.96 9.75
CA THR B 228 -49.37 38.85 9.61
C THR B 228 -49.97 39.97 8.77
N GLN B 229 -49.15 40.77 8.11
CA GLN B 229 -49.69 41.75 7.18
C GLN B 229 -48.67 42.05 6.09
N THR B 230 -49.19 42.45 4.94
CA THR B 230 -48.35 42.69 3.77
C THR B 230 -47.34 43.81 4.03
N GLY B 231 -46.12 43.61 3.53
CA GLY B 231 -45.03 44.55 3.72
C GLY B 231 -44.13 44.57 2.50
N ILE B 232 -43.13 45.44 2.53
CA ILE B 232 -42.19 45.61 1.43
C ILE B 232 -40.94 44.79 1.69
N ASN B 233 -40.56 43.95 0.73
CA ASN B 233 -39.43 43.07 0.93
C ASN B 233 -38.11 43.85 1.01
N SER B 234 -37.94 44.85 0.14
CA SER B 234 -36.68 45.61 0.08
C SER B 234 -36.99 47.03 -0.35
N PRO B 235 -37.47 47.88 0.58
CA PRO B 235 -37.82 49.25 0.23
C PRO B 235 -36.58 50.13 0.14
N LEU B 236 -36.58 51.04 -0.82
CA LEU B 236 -35.45 51.96 -0.89
C LEU B 236 -35.47 52.93 0.28
N TYR B 237 -36.65 53.46 0.62
CA TYR B 237 -36.76 54.40 1.73
C TYR B 237 -37.79 53.93 2.74
N SER B 238 -37.71 54.57 3.92
CA SER B 238 -38.72 54.38 4.94
C SER B 238 -40.06 54.94 4.49
N ARG B 239 -41.15 54.34 4.99
CA ARG B 239 -42.49 54.83 4.71
C ARG B 239 -43.09 55.45 5.98
N LYS B 240 -43.83 56.55 5.81
CA LYS B 240 -44.53 57.19 6.93
C LYS B 240 -45.21 56.16 7.82
N GLU B 241 -45.84 55.15 7.21
CA GLU B 241 -46.66 54.21 7.96
C GLU B 241 -45.83 53.17 8.68
N ASP B 242 -44.54 53.08 8.42
CA ASP B 242 -43.69 52.15 9.15
C ASP B 242 -43.59 52.57 10.61
N SER B 243 -43.75 51.60 11.52
CA SER B 243 -43.67 51.89 12.93
C SER B 243 -42.21 51.95 13.36
N SER B 244 -42.00 52.26 14.64
CA SER B 244 -40.68 52.66 15.11
C SER B 244 -39.62 51.58 14.86
N GLU B 245 -39.97 50.31 15.08
CA GLU B 245 -38.96 49.26 15.00
C GLU B 245 -38.47 49.00 13.58
N PHE B 246 -39.20 49.47 12.56
CA PHE B 246 -38.78 49.28 11.18
C PHE B 246 -38.29 50.56 10.51
N LYS B 247 -38.22 51.69 11.22
CA LYS B 247 -37.81 52.94 10.60
C LYS B 247 -36.41 52.87 10.01
N MET B 248 -35.63 51.84 10.38
CA MET B 248 -34.34 51.56 9.75
C MET B 248 -34.40 50.49 8.68
N TRP B 249 -35.48 49.70 8.63
CA TRP B 249 -35.53 48.50 7.81
C TRP B 249 -35.84 48.87 6.36
N ASN B 250 -34.83 49.41 5.68
CA ASN B 250 -34.91 49.82 4.29
C ASN B 250 -33.48 50.03 3.81
N VAL B 251 -33.34 50.21 2.50
CA VAL B 251 -32.01 50.19 1.91
C VAL B 251 -31.22 51.41 2.35
N GLU B 252 -31.86 52.57 2.35
CA GLU B 252 -31.16 53.83 2.64
C GLU B 252 -30.64 53.88 4.06
N GLN B 253 -31.48 53.52 5.04
CA GLN B 253 -31.06 53.60 6.44
C GLN B 253 -30.12 52.47 6.83
N SER B 254 -30.34 51.25 6.31
CA SER B 254 -29.47 50.15 6.70
C SER B 254 -28.08 50.33 6.13
N SER B 255 -27.95 50.87 4.91
CA SER B 255 -26.63 51.20 4.41
C SER B 255 -26.02 52.37 5.20
N LYS B 256 -26.83 53.38 5.53
CA LYS B 256 -26.33 54.45 6.39
C LYS B 256 -25.79 53.89 7.72
N TYR B 257 -26.46 52.90 8.30
CA TYR B 257 -26.00 52.43 9.60
C TYR B 257 -24.61 51.83 9.50
N TRP B 258 -24.38 51.01 8.46
CA TRP B 258 -23.06 50.43 8.23
C TRP B 258 -22.00 51.51 8.04
N SER B 259 -22.32 52.56 7.30
CA SER B 259 -21.39 53.69 7.19
C SER B 259 -21.10 54.33 8.55
N ASP B 260 -22.16 54.67 9.32
CA ASP B 260 -21.96 55.33 10.60
C ASP B 260 -21.11 54.51 11.55
N LYS B 261 -21.16 53.18 11.41
CA LYS B 261 -20.38 52.28 12.25
C LYS B 261 -18.93 52.14 11.79
N GLY B 262 -18.54 52.83 10.72
CA GLY B 262 -17.17 52.92 10.31
C GLY B 262 -16.78 52.25 9.02
N MET B 263 -17.74 51.69 8.27
CA MET B 263 -17.43 50.98 7.05
C MET B 263 -17.38 51.96 5.88
N PRO B 264 -16.24 52.12 5.22
CA PRO B 264 -16.15 53.05 4.07
C PRO B 264 -17.24 52.75 3.04
N LYS B 265 -17.86 53.81 2.56
CA LYS B 265 -19.04 53.63 1.71
C LYS B 265 -18.71 52.78 0.50
N LYS B 266 -17.50 52.94 -0.04
CA LYS B 266 -17.08 52.17 -1.22
C LYS B 266 -16.90 50.69 -0.93
N GLN B 267 -16.90 50.28 0.33
CA GLN B 267 -16.87 48.87 0.65
C GLN B 267 -18.24 48.32 0.98
N ILE B 268 -19.29 49.13 0.85
CA ILE B 268 -20.66 48.70 1.09
C ILE B 268 -21.30 48.46 -0.27
N ILE B 269 -21.65 47.20 -0.56
CA ILE B 269 -22.27 46.80 -1.81
C ILE B 269 -23.73 46.51 -1.56
N ILE B 270 -24.61 47.20 -2.28
CA ILE B 270 -26.04 47.17 -2.05
C ILE B 270 -26.69 45.98 -2.74
N GLY B 271 -27.30 45.08 -1.95
CA GLY B 271 -27.91 43.89 -2.52
C GLY B 271 -29.30 44.13 -3.07
N LEU B 272 -29.54 43.67 -4.30
CA LEU B 272 -30.81 43.79 -5.00
C LEU B 272 -31.44 42.42 -5.16
N PRO B 273 -32.70 42.25 -4.78
CA PRO B 273 -33.35 40.94 -4.93
C PRO B 273 -34.10 40.83 -6.25
N THR B 274 -33.95 39.69 -6.91
CA THR B 274 -34.71 39.40 -8.12
C THR B 274 -35.91 38.51 -7.83
N TYR B 275 -36.14 38.21 -6.55
CA TYR B 275 -37.32 37.52 -6.09
C TYR B 275 -38.24 38.52 -5.40
N GLY B 276 -39.42 38.03 -5.04
CA GLY B 276 -40.34 38.78 -4.21
C GLY B 276 -40.89 37.90 -3.11
N ARG B 277 -41.68 38.52 -2.24
CA ARG B 277 -42.28 37.82 -1.12
C ARG B 277 -43.79 38.07 -1.12
N GLY B 278 -44.53 37.08 -0.65
CA GLY B 278 -45.97 37.13 -0.81
C GLY B 278 -46.75 36.53 0.33
N TRP B 279 -48.06 36.85 0.32
CA TRP B 279 -49.00 36.51 1.38
C TRP B 279 -50.32 36.07 0.75
N THR B 280 -51.07 35.24 1.49
CA THR B 280 -52.49 35.04 1.24
C THR B 280 -53.28 36.05 2.07
N LEU B 281 -53.98 36.97 1.39
CA LEU B 281 -54.74 38.02 2.06
C LEU B 281 -55.86 37.43 2.91
N SER B 282 -56.21 38.14 3.99
CA SER B 282 -57.34 37.73 4.81
C SER B 282 -58.67 38.13 4.21
N ASP B 283 -58.66 39.12 3.32
CA ASP B 283 -59.87 39.66 2.70
C ASP B 283 -59.40 40.32 1.40
N ALA B 284 -59.94 39.90 0.26
CA ALA B 284 -59.46 40.44 -1.01
C ALA B 284 -59.89 41.88 -1.24
N SER B 285 -60.54 42.57 -0.29
CA SER B 285 -60.88 43.97 -0.48
C SER B 285 -59.83 44.89 0.11
N LYS B 286 -59.23 44.48 1.22
CA LYS B 286 -58.06 45.15 1.76
C LYS B 286 -56.85 44.60 1.02
N THR B 287 -56.44 45.30 -0.04
CA THR B 287 -55.22 44.94 -0.76
C THR B 287 -54.13 45.98 -0.58
N ASP B 288 -54.22 46.80 0.46
CA ASP B 288 -53.26 47.83 0.75
C ASP B 288 -52.02 47.21 1.39
N ILE B 289 -50.90 47.94 1.31
CA ILE B 289 -49.74 47.57 2.11
C ILE B 289 -50.15 47.54 3.58
N GLY B 290 -49.81 46.45 4.26
CA GLY B 290 -50.32 46.23 5.60
C GLY B 290 -51.76 45.77 5.67
N ALA B 291 -52.29 45.23 4.58
CA ALA B 291 -53.53 44.48 4.65
C ALA B 291 -53.33 43.27 5.57
N PRO B 292 -54.39 42.80 6.20
CA PRO B 292 -54.26 41.59 7.03
C PRO B 292 -54.04 40.36 6.17
N ALA B 293 -53.33 39.39 6.75
CA ALA B 293 -52.83 38.26 5.97
C ALA B 293 -53.20 36.94 6.65
N GLN B 294 -53.80 36.04 5.87
CA GLN B 294 -54.13 34.71 6.38
C GLN B 294 -52.88 33.86 6.56
N GLY B 295 -51.86 34.09 5.75
CA GLY B 295 -50.63 33.32 5.86
C GLY B 295 -49.71 33.56 4.68
N SER B 296 -48.88 32.57 4.39
CA SER B 296 -47.97 32.66 3.25
C SER B 296 -48.73 32.66 1.93
N SER B 297 -48.13 33.29 0.92
CA SER B 297 -48.61 33.11 -0.44
C SER B 297 -48.45 31.65 -0.84
N THR B 298 -49.34 31.19 -1.70
CA THR B 298 -49.30 29.81 -2.14
C THR B 298 -48.10 29.58 -3.06
N ALA B 299 -47.49 28.41 -2.96
CA ALA B 299 -46.23 28.15 -3.66
C ALA B 299 -46.41 28.27 -5.17
N THR B 300 -45.38 28.84 -5.82
CA THR B 300 -45.43 29.12 -7.25
C THR B 300 -44.86 27.94 -8.05
N GLU B 301 -45.09 27.96 -9.36
CA GLU B 301 -44.95 26.72 -10.14
C GLU B 301 -43.51 26.27 -10.26
N TYR B 302 -42.56 27.19 -10.24
CA TYR B 302 -41.14 26.83 -10.40
C TYR B 302 -40.34 26.85 -9.10
N LEU B 303 -40.52 27.87 -8.24
CA LEU B 303 -39.76 27.92 -7.00
C LEU B 303 -40.29 26.92 -5.97
N ARG B 304 -41.57 26.57 -6.08
CA ARG B 304 -42.24 25.61 -5.18
C ARG B 304 -41.91 25.90 -3.70
N GLU B 305 -42.06 27.17 -3.31
CA GLU B 305 -41.75 27.61 -1.95
C GLU B 305 -42.80 28.66 -1.59
N ALA B 306 -43.78 28.24 -0.77
CA ALA B 306 -44.77 29.18 -0.25
C ALA B 306 -44.11 30.43 0.31
N GLY B 307 -44.64 31.59 -0.07
CA GLY B 307 -44.19 32.85 0.49
C GLY B 307 -43.17 33.59 -0.32
N VAL B 308 -42.63 32.98 -1.38
CA VAL B 308 -41.68 33.65 -2.27
C VAL B 308 -42.12 33.43 -3.71
N ILE B 309 -41.60 34.29 -4.58
CA ILE B 309 -41.89 34.21 -6.01
C ILE B 309 -40.70 34.75 -6.77
N SER B 310 -40.35 34.09 -7.87
CA SER B 310 -39.33 34.62 -8.74
C SER B 310 -39.88 35.81 -9.53
N TYR B 311 -38.96 36.65 -10.01
CA TYR B 311 -39.38 37.76 -10.85
C TYR B 311 -40.05 37.26 -12.12
N TYR B 312 -39.55 36.15 -12.70
CA TYR B 312 -40.15 35.66 -13.93
C TYR B 312 -41.50 35.02 -13.67
N GLU B 313 -41.71 34.46 -12.47
CA GLU B 313 -43.05 34.00 -12.12
C GLU B 313 -44.00 35.20 -11.96
N VAL B 314 -43.48 36.31 -11.43
CA VAL B 314 -44.27 37.54 -11.39
C VAL B 314 -44.73 37.91 -12.79
N CYS B 315 -43.79 37.86 -13.74
CA CYS B 315 -44.08 38.21 -15.12
C CYS B 315 -45.26 37.42 -15.65
N GLN B 316 -45.33 36.13 -15.32
CA GLN B 316 -46.42 35.33 -15.87
C GLN B 316 -47.66 35.43 -15.01
N LYS B 317 -47.55 35.86 -13.74
CA LYS B 317 -48.77 36.24 -13.03
C LYS B 317 -49.32 37.53 -13.59
N LEU B 318 -48.45 38.42 -14.04
CA LEU B 318 -48.89 39.65 -14.70
C LEU B 318 -49.67 39.34 -15.95
N SER B 319 -49.18 38.40 -16.76
CA SER B 319 -49.84 38.10 -18.02
C SER B 319 -51.17 37.38 -17.84
N SER B 320 -51.40 36.76 -16.68
CA SER B 320 -52.71 36.28 -16.26
C SER B 320 -53.60 37.40 -15.73
N GLY B 321 -53.29 38.65 -16.01
CA GLY B 321 -54.11 39.75 -15.57
C GLY B 321 -53.98 40.14 -14.11
N ALA B 322 -52.76 40.12 -13.57
CA ALA B 322 -52.59 40.59 -12.20
C ALA B 322 -52.47 42.11 -12.18
N LYS B 323 -52.89 42.70 -11.05
CA LYS B 323 -52.79 44.13 -10.82
C LYS B 323 -51.47 44.45 -10.14
N ARG B 324 -50.78 45.45 -10.65
CA ARG B 324 -49.48 45.86 -10.10
C ARG B 324 -49.57 47.31 -9.65
N VAL B 325 -49.46 47.51 -8.34
CA VAL B 325 -49.47 48.84 -7.74
C VAL B 325 -48.03 49.32 -7.59
N TRP B 326 -47.77 50.53 -8.03
CA TRP B 326 -46.50 51.19 -7.77
C TRP B 326 -46.69 52.08 -6.54
N ASP B 327 -45.93 51.77 -5.48
CA ASP B 327 -45.91 52.55 -4.25
C ASP B 327 -44.67 53.45 -4.31
N ASP B 328 -44.90 54.75 -4.54
CA ASP B 328 -43.80 55.67 -4.76
C ASP B 328 -43.01 55.93 -3.49
N GLU B 329 -43.61 55.75 -2.31
CA GLU B 329 -42.93 56.10 -1.08
C GLU B 329 -41.70 55.21 -0.85
N SER B 330 -41.85 53.91 -1.05
CA SER B 330 -40.76 52.96 -0.90
C SER B 330 -40.01 52.69 -2.20
N LYS B 331 -40.56 53.12 -3.34
CA LYS B 331 -39.96 52.90 -4.66
C LYS B 331 -39.88 51.41 -4.98
N THR B 332 -40.87 50.63 -4.58
CA THR B 332 -41.01 49.25 -4.98
C THR B 332 -42.44 49.03 -5.45
N PRO B 333 -42.67 48.01 -6.29
CA PRO B 333 -44.05 47.64 -6.64
C PRO B 333 -44.56 46.48 -5.78
N TYR B 334 -45.87 46.28 -5.76
CA TYR B 334 -46.42 45.03 -5.28
C TYR B 334 -47.49 44.54 -6.25
N LEU B 335 -47.82 43.25 -6.14
CA LEU B 335 -48.64 42.54 -7.10
C LEU B 335 -49.83 41.91 -6.39
N VAL B 336 -51.02 42.09 -6.97
CA VAL B 336 -52.24 41.53 -6.42
C VAL B 336 -52.96 40.70 -7.49
N GLN B 337 -53.27 39.46 -7.14
CA GLN B 337 -54.08 38.57 -7.97
C GLN B 337 -54.92 37.76 -6.99
N GLY B 338 -56.19 38.09 -6.88
CA GLY B 338 -57.05 37.36 -5.98
C GLY B 338 -56.75 37.73 -4.55
N ASN B 339 -56.63 36.72 -3.70
CA ASN B 339 -56.17 36.91 -2.33
C ASN B 339 -54.66 36.77 -2.20
N GLN B 340 -53.95 36.82 -3.33
CA GLN B 340 -52.51 36.69 -3.37
C GLN B 340 -51.88 38.08 -3.52
N TRP B 341 -50.82 38.32 -2.76
CA TRP B 341 -50.24 39.65 -2.62
C TRP B 341 -48.74 39.47 -2.54
N PHE B 342 -48.00 40.08 -3.46
CA PHE B 342 -46.56 39.94 -3.48
C PHE B 342 -45.92 41.31 -3.50
N SER B 343 -44.90 41.51 -2.65
CA SER B 343 -43.92 42.56 -2.85
C SER B 343 -42.76 41.99 -3.62
N TYR B 344 -42.30 42.74 -4.60
CA TYR B 344 -41.24 42.25 -5.48
C TYR B 344 -40.48 43.45 -5.98
N ASP B 345 -39.45 43.19 -6.78
CA ASP B 345 -38.72 44.25 -7.46
C ASP B 345 -38.74 44.05 -8.97
N ASP B 346 -38.90 45.16 -9.68
CA ASP B 346 -39.06 45.16 -11.12
C ASP B 346 -38.07 46.13 -11.74
N VAL B 347 -38.22 46.47 -13.02
CA VAL B 347 -37.22 47.34 -13.64
C VAL B 347 -37.26 48.74 -13.03
N GLU B 348 -38.46 49.28 -12.77
CA GLU B 348 -38.56 50.63 -12.20
C GLU B 348 -37.83 50.72 -10.86
N SER B 349 -38.07 49.77 -9.96
CA SER B 349 -37.46 49.85 -8.63
C SER B 349 -35.95 49.64 -8.71
N MET B 350 -35.52 48.64 -9.48
CA MET B 350 -34.09 48.42 -9.67
C MET B 350 -33.44 49.67 -10.22
N LYS B 351 -34.07 50.29 -11.22
CA LYS B 351 -33.53 51.54 -11.75
C LYS B 351 -33.44 52.61 -10.66
N ALA B 352 -34.41 52.65 -9.72
CA ALA B 352 -34.35 53.68 -8.69
C ALA B 352 -33.24 53.40 -7.70
N LYS B 353 -33.09 52.14 -7.29
CA LYS B 353 -32.05 51.75 -6.34
C LYS B 353 -30.65 51.91 -6.93
N ILE B 354 -30.47 51.54 -8.20
CA ILE B 354 -29.13 51.58 -8.78
C ILE B 354 -28.68 53.02 -9.03
N ASN B 355 -29.57 53.86 -9.59
CA ASN B 355 -29.25 55.28 -9.68
C ASN B 355 -28.98 55.86 -8.31
N TRP B 356 -29.72 55.39 -7.31
CA TRP B 356 -29.50 55.82 -5.94
C TRP B 356 -28.10 55.46 -5.48
N ILE B 357 -27.66 54.23 -5.76
CA ILE B 357 -26.30 53.81 -5.39
C ILE B 357 -25.29 54.78 -5.95
N LYS B 358 -25.39 55.06 -7.25
CA LYS B 358 -24.47 55.99 -7.89
C LYS B 358 -24.54 57.37 -7.23
N GLN B 359 -25.76 57.87 -6.97
CA GLN B 359 -25.91 59.25 -6.51
C GLN B 359 -25.40 59.43 -5.08
N GLU B 360 -25.39 58.36 -4.29
CA GLU B 360 -24.84 58.38 -2.93
C GLU B 360 -23.40 57.88 -2.85
N ASN B 361 -22.89 57.26 -3.92
CA ASN B 361 -21.51 56.78 -4.01
C ASN B 361 -21.25 55.62 -3.05
N TYR B 362 -22.21 54.70 -2.97
CA TYR B 362 -21.92 53.44 -2.32
C TYR B 362 -21.12 52.52 -3.27
N GLY B 363 -20.68 51.38 -2.75
CA GLY B 363 -19.67 50.60 -3.44
C GLY B 363 -20.12 49.97 -4.74
N GLY B 364 -21.39 49.69 -4.85
CA GLY B 364 -21.91 49.08 -6.05
C GLY B 364 -23.16 48.28 -5.72
N ALA B 365 -23.34 47.18 -6.45
CA ALA B 365 -24.54 46.37 -6.28
C ALA B 365 -24.25 44.91 -6.55
N PHE B 366 -24.92 44.04 -5.81
CA PHE B 366 -25.00 42.65 -6.17
C PHE B 366 -26.46 42.22 -6.24
N VAL B 367 -26.73 41.11 -6.93
CA VAL B 367 -28.09 40.59 -7.06
C VAL B 367 -28.16 39.17 -6.54
N TRP B 368 -29.29 38.86 -5.92
CA TRP B 368 -29.64 37.53 -5.46
C TRP B 368 -31.03 37.25 -6.02
N THR B 369 -31.11 36.40 -7.04
CA THR B 369 -30.00 35.65 -7.65
C THR B 369 -29.99 35.71 -9.17
N LEU B 370 -28.96 35.11 -9.78
CA LEU B 370 -28.95 34.97 -11.23
C LEU B 370 -30.21 34.28 -11.74
N ASP B 371 -30.67 33.22 -11.06
CA ASP B 371 -31.72 32.33 -11.54
C ASP B 371 -33.15 32.85 -11.33
N TYR B 372 -33.34 33.94 -10.61
CA TYR B 372 -34.69 34.46 -10.40
C TYR B 372 -35.11 35.46 -11.47
N ASP B 373 -34.16 36.00 -12.24
CA ASP B 373 -34.44 36.95 -13.31
C ASP B 373 -35.00 36.22 -14.55
N ASP B 374 -35.55 36.99 -15.48
CA ASP B 374 -35.97 36.40 -16.75
C ASP B 374 -34.73 36.08 -17.58
N PHE B 375 -34.00 35.04 -17.16
CA PHE B 375 -32.72 34.73 -17.80
C PHE B 375 -32.88 34.10 -19.18
N LEU B 376 -34.06 33.55 -19.48
CA LEU B 376 -34.29 33.10 -20.85
C LEU B 376 -34.69 34.25 -21.76
N GLY B 377 -35.23 35.34 -21.22
CA GLY B 377 -35.93 36.30 -22.03
C GLY B 377 -37.32 35.88 -22.48
N SER B 378 -37.74 34.64 -22.16
CA SER B 378 -38.98 34.08 -22.69
C SER B 378 -40.17 34.21 -21.75
N PHE B 379 -39.95 34.47 -20.45
CA PHE B 379 -41.07 34.56 -19.52
C PHE B 379 -41.82 35.89 -19.61
N CYS B 380 -41.12 36.99 -19.88
CA CYS B 380 -41.70 38.32 -19.79
C CYS B 380 -41.92 38.86 -21.19
N THR B 381 -43.18 39.09 -21.54
CA THR B 381 -43.50 39.69 -22.82
C THR B 381 -43.17 41.17 -22.86
N GLU B 382 -43.16 41.85 -21.70
CA GLU B 382 -43.08 43.30 -21.71
C GLU B 382 -41.69 43.83 -22.00
N HIS B 383 -40.64 43.03 -21.81
CA HIS B 383 -39.28 43.48 -22.13
C HIS B 383 -38.81 42.97 -23.49
N ASN B 384 -39.75 42.52 -24.33
CA ASN B 384 -39.50 42.11 -25.73
C ASN B 384 -38.45 41.00 -25.82
N GLY B 385 -38.50 40.05 -24.89
CA GLY B 385 -37.59 38.93 -24.98
C GLY B 385 -36.14 39.24 -24.65
N LYS B 386 -35.86 40.39 -24.04
CA LYS B 386 -34.51 40.66 -23.57
C LYS B 386 -34.18 39.76 -22.38
N LYS B 387 -32.96 39.24 -22.38
CA LYS B 387 -32.52 38.39 -21.29
C LYS B 387 -31.99 39.26 -20.15
N TYR B 388 -32.28 38.84 -18.92
CA TYR B 388 -31.86 39.50 -17.69
C TYR B 388 -32.37 40.93 -17.64
N PRO B 389 -33.68 41.15 -17.73
CA PRO B 389 -34.18 42.53 -17.76
C PRO B 389 -33.85 43.31 -16.51
N LEU B 390 -33.66 42.64 -15.36
CA LEU B 390 -33.24 43.32 -14.12
C LEU B 390 -31.72 43.37 -13.99
N ILE B 391 -31.06 42.20 -13.98
CA ILE B 391 -29.63 42.10 -13.71
C ILE B 391 -28.83 42.87 -14.74
N SER B 392 -29.39 43.04 -15.94
CA SER B 392 -28.70 43.82 -16.96
C SER B 392 -28.53 45.27 -16.54
N LEU B 393 -29.37 45.75 -15.61
CA LEU B 393 -29.36 47.17 -15.27
C LEU B 393 -28.14 47.57 -14.48
N MET B 394 -27.53 46.63 -13.74
CA MET B 394 -26.23 46.87 -13.13
C MET B 394 -25.22 47.31 -14.16
N GLN B 395 -25.05 46.49 -15.22
CA GLN B 395 -24.06 46.81 -16.25
C GLN B 395 -24.35 48.14 -16.91
N GLU B 396 -25.63 48.42 -17.23
CA GLU B 396 -25.96 49.58 -18.05
C GLU B 396 -25.78 50.88 -17.28
N ILE B 397 -26.35 50.97 -16.07
CA ILE B 397 -26.31 52.20 -15.28
C ILE B 397 -24.96 52.38 -14.56
N LEU B 398 -24.45 51.30 -13.92
CA LEU B 398 -23.18 51.40 -13.19
C LEU B 398 -21.96 51.31 -14.11
N GLY B 399 -22.12 50.81 -15.34
CA GLY B 399 -21.12 50.97 -16.37
C GLY B 399 -19.80 50.30 -16.10
N LYS C 32 27.01 14.91 17.92
CA LYS C 32 27.95 15.52 18.88
C LYS C 32 29.19 16.16 18.22
N TYR C 33 29.60 15.70 17.02
CA TYR C 33 30.77 16.25 16.35
C TYR C 33 30.55 16.28 14.84
N VAL C 34 30.66 17.46 14.25
CA VAL C 34 30.61 17.64 12.80
C VAL C 34 31.84 17.01 12.16
N ARG C 35 31.63 16.31 11.04
CA ARG C 35 32.73 15.75 10.24
C ARG C 35 32.55 16.20 8.80
N GLY C 36 33.49 17.00 8.31
CA GLY C 36 33.31 17.59 6.98
C GLY C 36 34.42 17.30 6.00
N CYS C 37 34.12 17.43 4.71
CA CYS C 37 35.04 17.10 3.64
C CYS C 37 34.83 18.08 2.51
N TYR C 38 35.90 18.69 2.05
CA TYR C 38 35.81 19.47 0.82
C TYR C 38 36.10 18.57 -0.37
N PHE C 39 35.17 18.55 -1.30
CA PHE C 39 35.37 18.02 -2.64
C PHE C 39 35.78 19.18 -3.55
N THR C 40 36.67 18.91 -4.50
CA THR C 40 37.07 19.94 -5.43
C THR C 40 36.82 19.48 -6.85
N ASN C 41 36.22 20.37 -7.65
CA ASN C 41 35.84 20.03 -9.01
C ASN C 41 36.96 20.28 -10.00
N TRP C 42 38.20 20.45 -9.53
CA TRP C 42 39.37 20.42 -10.40
C TRP C 42 40.29 19.23 -10.16
N ALA C 43 39.99 18.40 -9.15
CA ALA C 43 40.71 17.15 -8.99
C ALA C 43 40.45 16.20 -10.16
N GLN C 44 39.36 16.41 -10.92
CA GLN C 44 39.12 15.56 -12.08
C GLN C 44 40.18 15.68 -13.16
N TYR C 45 41.00 16.74 -13.12
CA TYR C 45 42.04 16.97 -14.12
C TYR C 45 43.43 16.59 -13.65
N ARG C 46 43.57 15.87 -12.54
CA ARG C 46 44.88 15.39 -12.13
C ARG C 46 45.31 14.24 -13.05
N PRO C 47 46.62 14.07 -13.26
CA PRO C 47 47.09 13.00 -14.15
C PRO C 47 47.12 11.65 -13.46
N GLY C 48 47.06 10.61 -14.29
CA GLY C 48 47.22 9.22 -13.86
C GLY C 48 46.31 8.85 -12.71
N ASN C 49 46.89 8.15 -11.72
CA ASN C 49 46.14 7.70 -10.56
C ASN C 49 45.75 8.83 -9.61
N GLY C 50 46.09 10.08 -9.93
CA GLY C 50 45.74 11.20 -9.09
C GLY C 50 44.38 11.79 -9.34
N LYS C 51 43.71 11.38 -10.42
CA LYS C 51 42.42 11.94 -10.80
C LYS C 51 41.33 11.45 -9.85
N TYR C 52 40.56 12.40 -9.30
CA TYR C 52 39.57 12.11 -8.26
C TYR C 52 38.16 12.19 -8.86
N ASN C 53 37.36 11.14 -8.66
CA ASN C 53 35.99 11.16 -9.12
C ASN C 53 35.03 10.93 -7.96
N PRO C 54 33.80 11.43 -8.05
CA PRO C 54 32.85 11.24 -6.94
C PRO C 54 32.70 9.80 -6.48
N GLU C 55 32.80 8.83 -7.39
CA GLU C 55 32.63 7.44 -7.01
C GLU C 55 33.78 6.93 -6.16
N HIS C 56 34.91 7.66 -6.15
CA HIS C 56 36.03 7.42 -5.24
C HIS C 56 35.69 7.71 -3.79
N TYR C 57 34.64 8.49 -3.54
CA TYR C 57 34.18 8.71 -2.18
C TYR C 57 33.95 7.36 -1.49
N GLN C 58 33.74 7.41 -0.20
CA GLN C 58 33.53 6.23 0.60
C GLN C 58 32.53 6.57 1.69
N ALA C 59 31.50 5.73 1.83
CA ALA C 59 30.41 6.04 2.74
C ALA C 59 30.90 6.27 4.16
N ASN C 60 30.24 7.18 4.85
CA ASN C 60 30.45 7.54 6.25
C ASN C 60 31.77 8.24 6.51
N LEU C 61 32.54 8.53 5.47
CA LEU C 61 33.72 9.36 5.65
C LEU C 61 33.35 10.70 6.26
N CYS C 62 32.20 11.27 5.87
CA CYS C 62 31.85 12.59 6.34
C CYS C 62 30.34 12.76 6.37
N GLU C 63 29.86 13.50 7.38
CA GLU C 63 28.45 13.90 7.40
C GLU C 63 28.19 15.04 6.44
N TYR C 64 29.18 15.88 6.17
CA TYR C 64 28.99 17.01 5.27
C TYR C 64 30.08 16.98 4.22
N ILE C 65 29.67 17.11 2.95
CA ILE C 65 30.58 17.34 1.85
C ILE C 65 30.32 18.74 1.32
N PHE C 66 31.38 19.53 1.25
CA PHE C 66 31.31 20.89 0.72
C PHE C 66 31.86 20.84 -0.69
N TYR C 67 31.02 21.19 -1.65
CA TYR C 67 31.39 21.13 -3.06
C TYR C 67 32.08 22.45 -3.39
N ALA C 68 33.37 22.38 -3.70
CA ALA C 68 34.16 23.55 -4.04
C ALA C 68 34.50 23.51 -5.52
N PHE C 69 34.06 24.52 -6.30
CA PHE C 69 33.19 25.66 -5.90
C PHE C 69 32.18 25.96 -7.02
N ALA C 70 31.20 26.81 -6.71
CA ALA C 70 30.35 27.43 -7.73
C ALA C 70 31.07 28.64 -8.32
N LYS C 71 30.43 29.31 -9.28
CA LYS C 71 31.00 30.56 -9.80
C LYS C 71 30.11 31.74 -9.43
N LEU C 72 30.74 32.79 -8.90
CA LEU C 72 30.07 34.07 -8.71
C LEU C 72 30.33 34.92 -9.94
N ASN C 73 29.30 35.06 -10.78
CA ASN C 73 29.39 35.89 -11.98
C ASN C 73 29.49 37.37 -11.59
N ASP C 74 29.96 38.18 -12.55
CA ASP C 74 30.10 39.61 -12.31
C ASP C 74 28.75 40.28 -12.08
N ASP C 75 27.66 39.70 -12.59
CA ASP C 75 26.35 40.28 -12.34
C ASP C 75 25.78 39.81 -11.01
N PHE C 76 26.58 39.05 -10.25
CA PHE C 76 26.25 38.55 -8.92
C PHE C 76 25.30 37.35 -8.97
N THR C 77 25.17 36.70 -10.12
CA THR C 77 24.43 35.45 -10.17
C THR C 77 25.35 34.24 -10.00
N VAL C 78 24.78 33.16 -9.52
CA VAL C 78 25.48 31.88 -9.34
C VAL C 78 25.40 31.03 -10.60
N ASP C 79 26.48 30.32 -10.89
CA ASP C 79 26.47 29.28 -11.91
C ASP C 79 27.45 28.19 -11.52
N GLN C 80 27.40 27.08 -12.25
CA GLN C 80 28.41 26.04 -12.12
C GLN C 80 29.78 26.57 -12.53
N PHE C 81 30.82 26.09 -11.86
CA PHE C 81 32.15 26.56 -12.20
C PHE C 81 32.79 25.74 -13.32
N GLU C 82 32.62 24.41 -13.31
CA GLU C 82 33.19 23.55 -14.34
C GLU C 82 32.11 23.15 -15.34
N TRP C 83 32.52 23.00 -16.61
CA TRP C 83 31.58 22.70 -17.69
C TRP C 83 30.73 21.45 -17.40
N ASN C 84 31.17 20.55 -16.52
CA ASN C 84 30.45 19.32 -16.26
C ASN C 84 29.92 19.23 -14.81
N ASP C 85 29.80 20.37 -14.12
CA ASP C 85 29.27 20.35 -12.76
C ASP C 85 27.81 19.88 -12.73
N ILE C 86 26.94 20.60 -13.45
CA ILE C 86 25.49 20.34 -13.33
C ILE C 86 25.15 18.96 -13.87
N ASP C 87 25.67 18.61 -15.06
CA ASP C 87 25.26 17.38 -15.76
C ASP C 87 25.91 16.11 -15.22
N VAL C 88 27.07 16.19 -14.58
CA VAL C 88 27.83 14.99 -14.26
C VAL C 88 28.31 14.93 -12.82
N LEU C 89 28.94 16.01 -12.35
CA LEU C 89 29.63 15.94 -11.07
C LEU C 89 28.71 16.18 -9.87
N TYR C 90 27.83 17.20 -9.93
CA TYR C 90 26.87 17.41 -8.85
C TYR C 90 26.06 16.14 -8.59
N PRO C 91 25.46 15.49 -9.60
CA PRO C 91 24.74 14.23 -9.31
C PRO C 91 25.66 13.07 -8.95
N GLY C 92 26.85 13.02 -9.57
CA GLY C 92 27.90 12.12 -9.09
C GLY C 92 28.07 12.15 -7.59
N VAL C 93 28.27 13.35 -7.03
CA VAL C 93 28.37 13.47 -5.58
C VAL C 93 27.05 13.11 -4.93
N MET C 94 25.93 13.53 -5.54
CA MET C 94 24.65 13.35 -4.87
C MET C 94 24.24 11.89 -4.77
N LYS C 95 24.78 11.01 -5.62
CA LYS C 95 24.36 9.62 -5.49
C LYS C 95 25.08 8.89 -4.38
N GLN C 96 26.04 9.55 -3.69
CA GLN C 96 26.63 8.95 -2.51
C GLN C 96 25.63 8.92 -1.36
N LYS C 97 24.54 9.67 -1.47
CA LYS C 97 23.51 9.56 -0.45
C LYS C 97 22.82 8.20 -0.51
N SER C 98 22.92 7.51 -1.67
CA SER C 98 22.32 6.20 -1.83
C SER C 98 22.90 5.20 -0.84
N SER C 99 24.20 5.27 -0.59
CA SER C 99 24.84 4.41 0.40
C SER C 99 25.01 5.08 1.75
N GLN C 100 24.69 6.37 1.85
CA GLN C 100 24.87 7.13 3.08
C GLN C 100 23.71 8.08 3.18
N PRO C 101 22.61 7.67 3.82
CA PRO C 101 21.40 8.51 3.85
C PRO C 101 21.60 9.83 4.57
N ASP C 102 22.40 9.86 5.63
CA ASP C 102 22.64 11.10 6.38
C ASP C 102 23.48 12.11 5.62
N LEU C 103 24.17 11.69 4.56
CA LEU C 103 25.11 12.58 3.88
C LEU C 103 24.43 13.89 3.50
N LYS C 104 25.13 15.00 3.75
CA LYS C 104 24.63 16.32 3.39
C LYS C 104 25.66 17.03 2.53
N VAL C 105 25.23 17.51 1.38
CA VAL C 105 26.11 18.11 0.38
C VAL C 105 25.75 19.58 0.27
N LEU C 106 26.66 20.45 0.71
CA LEU C 106 26.48 21.89 0.55
C LEU C 106 27.31 22.39 -0.62
N LEU C 107 26.88 23.49 -1.21
CA LEU C 107 27.60 24.14 -2.30
C LEU C 107 28.44 25.29 -1.73
N SER C 108 29.76 25.23 -1.95
CA SER C 108 30.69 26.27 -1.48
C SER C 108 30.95 27.27 -2.58
N LEU C 109 31.07 28.54 -2.21
CA LEU C 109 31.31 29.58 -3.19
C LEU C 109 32.50 30.41 -2.74
N GLY C 110 33.42 30.69 -3.65
CA GLY C 110 34.53 31.56 -3.33
C GLY C 110 35.89 30.90 -3.33
N GLY C 111 36.56 30.92 -2.19
CA GLY C 111 37.91 30.41 -2.08
C GLY C 111 38.96 31.45 -2.45
N TRP C 112 40.21 30.99 -2.45
CA TRP C 112 41.34 31.88 -2.59
C TRP C 112 41.49 32.44 -4.00
N ASN C 113 41.24 31.62 -5.03
CA ASN C 113 41.35 32.14 -6.38
C ASN C 113 40.25 33.14 -6.70
N ALA C 114 39.07 32.96 -6.10
CA ALA C 114 37.91 33.75 -6.49
C ALA C 114 38.06 35.22 -6.14
N GLY C 115 38.91 35.54 -5.19
CA GLY C 115 39.16 36.91 -4.88
C GLY C 115 38.05 37.53 -4.06
N THR C 116 38.18 38.85 -3.89
CA THR C 116 37.22 39.61 -3.14
C THR C 116 36.48 40.66 -3.97
N ALA C 117 36.99 41.03 -5.15
CA ALA C 117 36.39 42.09 -5.95
C ALA C 117 34.88 41.92 -6.07
N THR C 118 34.44 40.79 -6.64
CA THR C 118 33.02 40.62 -6.90
C THR C 118 32.22 40.51 -5.60
N PHE C 119 32.77 39.83 -4.60
CA PHE C 119 32.11 39.76 -3.29
C PHE C 119 31.89 41.16 -2.73
N LYS C 120 32.94 41.99 -2.79
CA LYS C 120 32.83 43.32 -2.23
C LYS C 120 31.71 44.10 -2.90
N LYS C 121 31.63 44.03 -4.23
CA LYS C 121 30.55 44.69 -4.96
C LYS C 121 29.19 44.06 -4.68
N MET C 122 29.13 42.72 -4.71
CA MET C 122 27.84 42.07 -4.50
C MET C 122 27.23 42.46 -3.16
N ALA C 123 28.04 42.57 -2.12
CA ALA C 123 27.49 42.74 -0.77
C ALA C 123 27.17 44.19 -0.44
N ALA C 124 27.53 45.15 -1.30
CA ALA C 124 27.48 46.56 -0.92
C ALA C 124 26.08 47.15 -0.89
N THR C 125 25.08 46.51 -1.51
CA THR C 125 23.73 47.06 -1.60
C THR C 125 22.70 45.96 -1.34
N TYR C 126 21.50 46.39 -0.94
CA TYR C 126 20.43 45.43 -0.72
C TYR C 126 20.07 44.75 -2.03
N SER C 127 19.93 45.56 -3.09
CA SER C 127 19.54 45.04 -4.39
C SER C 127 20.53 43.99 -4.88
N ASN C 128 21.82 44.29 -4.82
CA ASN C 128 22.79 43.31 -5.31
C ASN C 128 22.74 42.03 -4.50
N ARG C 129 22.56 42.16 -3.18
CA ARG C 129 22.44 40.97 -2.34
C ARG C 129 21.16 40.22 -2.64
N ALA C 130 20.07 40.96 -2.89
CA ALA C 130 18.79 40.33 -3.20
C ALA C 130 18.89 39.52 -4.47
N LYS C 131 19.53 40.07 -5.50
CA LYS C 131 19.76 39.33 -6.73
C LYS C 131 20.56 38.08 -6.46
N PHE C 132 21.70 38.23 -5.78
CA PHE C 132 22.55 37.09 -5.49
C PHE C 132 21.78 35.98 -4.78
N ILE C 133 21.00 36.34 -3.77
CA ILE C 133 20.40 35.32 -2.92
C ILE C 133 19.35 34.54 -3.69
N SER C 134 18.54 35.22 -4.50
CA SER C 134 17.53 34.51 -5.27
C SER C 134 18.17 33.58 -6.29
N SER C 135 19.05 34.12 -7.13
CA SER C 135 19.94 33.31 -7.97
C SER C 135 20.47 32.09 -7.21
N LEU C 136 21.06 32.31 -6.04
CA LEU C 136 21.58 31.22 -5.21
C LEU C 136 20.51 30.22 -4.85
N VAL C 137 19.37 30.68 -4.34
CA VAL C 137 18.33 29.75 -3.88
C VAL C 137 17.90 28.83 -5.01
N SER C 138 17.63 29.40 -6.20
CA SER C 138 17.33 28.60 -7.39
C SER C 138 18.37 27.52 -7.56
N PHE C 139 19.61 27.95 -7.80
CA PHE C 139 20.68 27.04 -8.15
C PHE C 139 20.82 25.95 -7.13
N LEU C 140 20.65 26.28 -5.85
CA LEU C 140 20.75 25.24 -4.85
C LEU C 140 19.61 24.26 -4.99
N GLN C 141 18.42 24.79 -5.25
CA GLN C 141 17.25 23.93 -5.31
C GLN C 141 17.32 23.05 -6.55
N GLN C 142 17.55 23.67 -7.72
CA GLN C 142 17.57 22.95 -8.99
C GLN C 142 18.54 21.78 -8.93
N ASN C 143 19.67 21.97 -8.26
CA ASN C 143 20.73 20.99 -8.22
C ASN C 143 20.77 20.20 -6.92
N LYS C 144 19.71 20.26 -6.12
CA LYS C 144 19.43 19.29 -5.07
C LYS C 144 20.39 19.36 -3.88
N PHE C 145 21.10 20.50 -3.71
CA PHE C 145 22.02 20.76 -2.61
C PHE C 145 21.31 20.90 -1.26
N ASP C 146 21.99 20.52 -0.19
CA ASP C 146 21.40 20.62 1.14
C ASP C 146 21.72 21.93 1.84
N GLY C 147 22.63 22.73 1.30
CA GLY C 147 22.96 24.00 1.92
C GLY C 147 24.04 24.74 1.15
N PHE C 148 24.43 25.87 1.71
CA PHE C 148 25.40 26.79 1.15
C PHE C 148 26.56 27.01 2.13
N ASP C 149 27.77 27.08 1.58
CA ASP C 149 28.98 27.35 2.35
C ASP C 149 29.64 28.58 1.72
N LEU C 150 29.70 29.67 2.47
CA LEU C 150 30.29 30.92 1.99
C LEU C 150 31.78 30.94 2.33
N ASP C 151 32.62 30.90 1.29
CA ASP C 151 34.08 30.90 1.40
C ASP C 151 34.68 32.22 0.96
N TRP C 152 34.09 33.35 1.38
CA TRP C 152 34.65 34.66 1.07
C TRP C 152 36.02 34.82 1.73
N GLU C 153 37.10 34.92 0.95
CA GLU C 153 38.44 34.99 1.53
C GLU C 153 39.09 36.31 1.14
N TYR C 154 38.98 37.34 1.99
CA TYR C 154 38.24 37.36 3.25
C TYR C 154 37.53 38.71 3.30
N PRO C 155 36.45 38.79 4.08
CA PRO C 155 35.83 40.10 4.31
C PRO C 155 36.79 41.02 5.06
N GLU C 156 36.87 42.26 4.60
CA GLU C 156 37.80 43.24 5.17
C GLU C 156 37.04 44.23 6.05
N SER C 157 37.76 45.25 6.52
CA SER C 157 37.13 46.24 7.40
C SER C 157 35.99 46.97 6.70
N SER C 158 36.15 47.30 5.42
CA SER C 158 35.10 48.03 4.72
C SER C 158 33.92 47.14 4.37
N ASP C 159 34.07 45.82 4.49
CA ASP C 159 33.02 44.85 4.20
C ASP C 159 32.33 44.32 5.45
N LYS C 160 32.82 44.67 6.66
CA LYS C 160 32.37 43.98 7.87
C LYS C 160 30.85 44.01 8.00
N GLU C 161 30.25 45.20 7.84
CA GLU C 161 28.82 45.33 8.05
C GLU C 161 28.02 44.70 6.92
N ASN C 162 28.53 44.78 5.69
CA ASN C 162 27.89 44.14 4.55
C ASN C 162 27.95 42.63 4.67
N TYR C 163 29.10 42.09 5.08
CA TYR C 163 29.19 40.66 5.34
C TYR C 163 28.07 40.22 6.27
N LEU C 164 27.86 40.96 7.36
CA LEU C 164 26.84 40.57 8.32
C LEU C 164 25.47 40.60 7.67
N LEU C 165 25.18 41.67 6.92
CA LEU C 165 23.91 41.79 6.22
C LEU C 165 23.70 40.61 5.30
N LEU C 166 24.70 40.33 4.44
CA LEU C 166 24.59 39.22 3.51
C LEU C 166 24.21 37.93 4.22
N CYS C 167 24.85 37.66 5.37
CA CYS C 167 24.59 36.40 6.05
C CYS C 167 23.23 36.41 6.73
N GLN C 168 22.88 37.52 7.37
CA GLN C 168 21.55 37.63 7.95
C GLN C 168 20.47 37.46 6.89
N GLU C 169 20.66 38.07 5.73
CA GLU C 169 19.66 38.01 4.69
C GLU C 169 19.60 36.63 4.05
N ILE C 170 20.76 35.98 3.87
CA ILE C 170 20.75 34.62 3.35
C ILE C 170 19.93 33.72 4.26
N LEU C 171 20.23 33.74 5.56
CA LEU C 171 19.50 32.87 6.48
C LEU C 171 18.01 33.18 6.46
N ALA C 172 17.66 34.46 6.31
CA ALA C 172 16.26 34.83 6.32
C ALA C 172 15.52 34.28 5.11
N LYS C 173 16.12 34.40 3.92
CA LYS C 173 15.53 33.83 2.72
C LYS C 173 15.36 32.31 2.86
N PHE C 174 16.41 31.62 3.31
CA PHE C 174 16.34 30.18 3.56
C PHE C 174 15.16 29.85 4.44
N GLU C 175 14.96 30.63 5.50
CA GLU C 175 13.85 30.34 6.41
C GLU C 175 12.50 30.61 5.75
N GLU C 176 12.37 31.76 5.10
CA GLU C 176 11.17 32.07 4.33
C GLU C 176 10.89 30.97 3.32
N VAL C 177 11.91 30.52 2.60
CA VAL C 177 11.71 29.49 1.57
C VAL C 177 11.24 28.18 2.22
N ALA C 178 11.91 27.76 3.29
CA ALA C 178 11.51 26.54 4.00
C ALA C 178 10.03 26.56 4.39
N LYS C 179 9.54 27.73 4.83
CA LYS C 179 8.15 27.82 5.28
C LYS C 179 7.19 27.77 4.12
N CYS C 180 7.48 28.51 3.04
CA CYS C 180 6.64 28.44 1.85
C CYS C 180 6.58 27.05 1.25
N THR C 181 7.58 26.19 1.48
CA THR C 181 7.60 24.87 0.84
C THR C 181 7.50 23.73 1.84
N SER C 182 7.25 24.02 3.10
CA SER C 182 7.24 22.99 4.14
C SER C 182 8.37 21.98 3.92
N THR C 183 9.60 22.49 3.89
CA THR C 183 10.82 21.69 3.79
C THR C 183 11.77 22.10 4.90
N SER C 184 12.61 21.16 5.32
CA SER C 184 13.67 21.49 6.25
C SER C 184 14.57 22.56 5.66
N ARG C 185 14.93 23.53 6.50
CA ARG C 185 15.71 24.69 6.08
C ARG C 185 17.05 24.28 5.46
N LEU C 186 17.49 25.05 4.45
CA LEU C 186 18.82 24.87 3.88
C LEU C 186 19.92 25.21 4.88
N LEU C 187 21.02 24.46 4.84
CA LEU C 187 22.12 24.74 5.76
C LEU C 187 22.90 25.97 5.29
N PHE C 188 23.50 26.66 6.24
CA PHE C 188 24.28 27.87 5.93
C PHE C 188 25.53 27.84 6.80
N THR C 189 26.68 27.58 6.19
CA THR C 189 27.95 27.59 6.89
C THR C 189 28.87 28.63 6.25
N ALA C 190 30.04 28.82 6.85
CA ALA C 190 31.06 29.70 6.31
C ALA C 190 32.42 29.09 6.57
N ALA C 191 33.35 29.36 5.66
CA ALA C 191 34.76 29.07 5.85
C ALA C 191 35.45 30.39 6.17
N VAL C 192 36.09 30.47 7.34
CA VAL C 192 36.50 31.75 7.91
C VAL C 192 37.99 31.78 8.21
N SER C 193 38.57 32.98 8.10
CA SER C 193 39.98 33.17 8.43
C SER C 193 40.29 32.71 9.84
N ALA C 194 41.43 32.05 9.98
CA ALA C 194 42.02 31.78 11.28
C ALA C 194 43.01 32.84 11.71
N ASN C 195 43.15 33.89 10.92
CA ASN C 195 44.07 34.98 11.25
C ASN C 195 43.36 35.94 12.19
N PRO C 196 43.86 36.11 13.42
CA PRO C 196 43.13 36.94 14.40
C PRO C 196 42.96 38.37 13.96
N LYS C 197 44.04 39.01 13.50
CA LYS C 197 43.94 40.33 12.90
C LYS C 197 42.87 40.36 11.82
N THR C 198 42.68 39.25 11.11
CA THR C 198 41.67 39.18 10.05
C THR C 198 40.28 38.93 10.61
N VAL C 199 40.15 38.01 11.57
CA VAL C 199 38.90 37.88 12.30
C VAL C 199 38.43 39.21 12.86
N ASP C 200 39.36 40.03 13.37
CA ASP C 200 38.97 41.30 14.00
C ASP C 200 38.32 42.24 12.98
N ALA C 201 38.93 42.40 11.81
CA ALA C 201 38.49 43.43 10.86
C ALA C 201 37.18 43.07 10.16
N GLY C 202 37.01 41.81 9.80
CA GLY C 202 35.95 41.46 8.86
C GLY C 202 34.71 40.79 9.43
N TYR C 203 34.81 40.15 10.60
CA TYR C 203 33.75 39.33 11.14
C TYR C 203 33.16 39.95 12.41
N ASP C 204 31.86 40.22 12.39
CA ASP C 204 31.08 40.54 13.58
C ASP C 204 30.70 39.21 14.22
N VAL C 205 31.61 38.68 15.03
CA VAL C 205 31.47 37.30 15.50
C VAL C 205 30.15 37.06 16.22
N PRO C 206 29.78 37.84 17.24
CA PRO C 206 28.53 37.53 17.97
C PRO C 206 27.32 37.56 17.08
N ALA C 207 27.27 38.46 16.11
CA ALA C 207 26.11 38.51 15.23
C ALA C 207 26.11 37.36 14.23
N LEU C 208 27.27 36.96 13.71
CA LEU C 208 27.28 35.84 12.77
C LEU C 208 27.02 34.54 13.48
N ALA C 209 27.38 34.44 14.77
CA ALA C 209 27.09 33.21 15.48
C ALA C 209 25.60 32.93 15.49
N LYS C 210 24.77 33.97 15.52
CA LYS C 210 23.32 33.79 15.56
C LYS C 210 22.74 33.31 14.23
N VAL C 211 23.47 33.45 13.11
CA VAL C 211 22.93 33.12 11.79
C VAL C 211 23.59 31.87 11.20
N LEU C 212 24.93 31.83 11.13
CA LEU C 212 25.63 30.66 10.61
C LEU C 212 25.36 29.44 11.48
N ASP C 213 25.09 28.32 10.81
CA ASP C 213 24.93 27.06 11.54
C ASP C 213 26.24 26.65 12.22
N PHE C 214 27.36 26.78 11.50
CA PHE C 214 28.70 26.65 12.06
C PHE C 214 29.70 27.25 11.08
N VAL C 215 30.93 27.43 11.55
CA VAL C 215 32.00 27.98 10.75
C VAL C 215 33.09 26.93 10.59
N ASN C 216 33.70 26.91 9.41
CA ASN C 216 34.77 25.99 9.07
C ASN C 216 36.06 26.77 9.28
N LEU C 217 36.72 26.56 10.42
CA LEU C 217 37.91 27.35 10.75
C LEU C 217 39.10 26.87 9.93
N MET C 218 39.60 27.74 9.06
CA MET C 218 40.65 27.39 8.11
C MET C 218 42.03 27.56 8.74
N CYS C 219 42.28 26.78 9.78
CA CYS C 219 43.48 26.95 10.58
C CYS C 219 44.64 26.17 9.97
N TYR C 220 44.99 26.61 8.77
CA TYR C 220 46.12 26.07 8.04
C TYR C 220 46.62 27.20 7.15
N ASP C 221 47.74 26.94 6.48
CA ASP C 221 48.42 27.92 5.62
C ASP C 221 49.05 29.05 6.42
N PHE C 222 49.46 28.75 7.65
CA PHE C 222 50.11 29.75 8.49
C PHE C 222 51.50 30.11 7.97
N HIS C 223 52.15 29.20 7.25
CA HIS C 223 53.47 29.43 6.68
C HIS C 223 53.59 28.65 5.39
N GLY C 224 54.34 29.21 4.44
CA GLY C 224 54.43 28.59 3.13
C GLY C 224 55.55 29.17 2.29
N ALA C 225 55.53 28.78 1.01
CA ALA C 225 56.60 29.14 0.10
C ALA C 225 56.73 30.65 -0.08
N TRP C 226 55.81 31.42 0.47
CA TRP C 226 55.91 32.88 0.46
C TRP C 226 56.88 33.42 1.51
N GLU C 227 57.39 32.57 2.40
CA GLU C 227 58.36 32.95 3.42
C GLU C 227 59.76 32.46 3.06
N THR C 228 60.75 33.24 3.47
CA THR C 228 62.14 32.96 3.14
C THR C 228 62.78 31.94 4.08
N GLN C 229 61.99 31.23 4.88
CA GLN C 229 62.51 30.25 5.81
C GLN C 229 61.39 29.26 6.11
N THR C 230 61.78 28.05 6.46
CA THR C 230 60.77 27.01 6.65
C THR C 230 59.94 27.29 7.90
N GLY C 231 58.75 26.70 7.92
CA GLY C 231 57.77 26.95 8.96
C GLY C 231 56.72 25.86 8.88
N ILE C 232 55.82 25.82 9.87
CA ILE C 232 54.81 24.77 9.96
C ILE C 232 53.54 25.25 9.26
N ASN C 233 52.92 24.35 8.49
CA ASN C 233 51.69 24.70 7.78
C ASN C 233 50.50 24.84 8.74
N SER C 234 50.26 23.83 9.56
CA SER C 234 49.10 23.81 10.45
C SER C 234 49.49 23.22 11.79
N PRO C 235 50.19 23.99 12.62
CA PRO C 235 50.61 23.48 13.93
C PRO C 235 49.48 23.52 14.97
N LEU C 236 49.50 22.54 15.86
CA LEU C 236 48.45 22.49 16.87
C LEU C 236 48.74 23.52 17.95
N TYR C 237 50.01 23.76 18.23
CA TYR C 237 50.45 24.59 19.33
C TYR C 237 51.62 25.44 18.86
N SER C 238 51.78 26.62 19.48
CA SER C 238 52.94 27.40 19.08
C SER C 238 54.20 26.77 19.64
N ARG C 239 55.33 27.19 19.08
CA ARG C 239 56.63 26.65 19.42
C ARG C 239 57.40 27.64 20.28
N LYS C 240 58.20 27.13 21.21
CA LYS C 240 59.02 28.03 22.03
C LYS C 240 59.85 28.97 21.16
N GLU C 241 60.38 28.46 20.03
CA GLU C 241 61.21 29.29 19.15
C GLU C 241 60.40 30.22 18.27
N ASP C 242 59.08 30.09 18.25
CA ASP C 242 58.24 30.94 17.43
C ASP C 242 58.37 32.40 17.86
N SER C 243 58.58 33.28 16.89
CA SER C 243 58.57 34.71 17.12
C SER C 243 57.24 35.15 17.71
N SER C 244 57.23 36.38 18.26
CA SER C 244 56.04 36.87 18.96
C SER C 244 54.83 37.01 18.03
N GLU C 245 55.04 37.49 16.80
CA GLU C 245 53.96 37.74 15.85
C GLU C 245 53.25 36.47 15.40
N PHE C 246 53.73 35.30 15.78
CA PHE C 246 53.13 34.05 15.34
C PHE C 246 52.60 33.21 16.51
N LYS C 247 52.52 33.80 17.70
CA LYS C 247 52.11 33.02 18.86
C LYS C 247 50.64 32.67 18.82
N MET C 248 49.85 33.35 17.99
CA MET C 248 48.46 32.95 17.76
C MET C 248 48.29 32.06 16.55
N TRP C 249 49.34 31.80 15.78
CA TRP C 249 49.18 31.21 14.44
C TRP C 249 49.28 29.67 14.48
N ASN C 250 48.31 29.08 15.17
CA ASN C 250 48.23 27.64 15.34
C ASN C 250 46.78 27.31 15.64
N VAL C 251 46.49 26.01 15.70
CA VAL C 251 45.10 25.57 15.82
C VAL C 251 44.51 26.03 17.14
N GLU C 252 45.27 25.90 18.23
CA GLU C 252 44.75 26.12 19.58
C GLU C 252 44.37 27.59 19.81
N GLN C 253 45.23 28.54 19.42
CA GLN C 253 44.91 29.94 19.68
C GLN C 253 43.92 30.50 18.67
N SER C 254 44.12 30.21 17.38
CA SER C 254 43.17 30.69 16.37
C SER C 254 41.76 30.22 16.68
N SER C 255 41.61 29.03 17.26
CA SER C 255 40.29 28.56 17.67
C SER C 255 39.84 29.18 18.99
N LYS C 256 40.72 29.30 19.99
CA LYS C 256 40.34 30.01 21.20
C LYS C 256 39.94 31.44 20.87
N TYR C 257 40.51 32.03 19.82
CA TYR C 257 40.17 33.42 19.53
C TYR C 257 38.74 33.55 19.06
N TRP C 258 38.29 32.62 18.22
CA TRP C 258 36.91 32.67 17.77
C TRP C 258 35.95 32.50 18.94
N SER C 259 36.25 31.57 19.85
CA SER C 259 35.44 31.45 21.06
C SER C 259 35.43 32.75 21.87
N ASP C 260 36.62 33.26 22.21
CA ASP C 260 36.72 34.48 23.00
C ASP C 260 35.90 35.60 22.41
N LYS C 261 35.96 35.77 21.09
CA LYS C 261 35.22 36.80 20.37
C LYS C 261 33.72 36.50 20.24
N GLY C 262 33.26 35.32 20.64
CA GLY C 262 31.84 35.17 20.86
C GLY C 262 31.20 34.09 20.04
N MET C 263 32.01 33.21 19.45
CA MET C 263 31.47 32.10 18.68
C MET C 263 31.42 30.87 19.58
N PRO C 264 30.26 30.26 19.76
CA PRO C 264 30.19 29.08 20.64
C PRO C 264 31.09 27.95 20.13
N LYS C 265 31.82 27.35 21.07
CA LYS C 265 32.80 26.33 20.72
C LYS C 265 32.20 25.28 19.77
N LYS C 266 30.97 24.86 20.03
CA LYS C 266 30.36 23.81 19.20
C LYS C 266 30.04 24.27 17.78
N GLN C 267 30.08 25.58 17.50
CA GLN C 267 29.97 26.09 16.13
C GLN C 267 31.33 26.29 15.46
N ILE C 268 32.43 25.98 16.14
CA ILE C 268 33.76 26.12 15.57
C ILE C 268 34.18 24.75 15.04
N ILE C 269 34.41 24.65 13.73
CA ILE C 269 34.84 23.42 13.09
C ILE C 269 36.29 23.56 12.72
N ILE C 270 37.10 22.58 13.12
CA ILE C 270 38.56 22.70 13.03
C ILE C 270 39.02 22.16 11.68
N GLY C 271 39.81 22.95 10.97
CA GLY C 271 40.30 22.55 9.65
C GLY C 271 41.52 21.63 9.71
N LEU C 272 41.48 20.56 8.92
CA LEU C 272 42.57 19.58 8.81
C LEU C 272 43.11 19.53 7.39
N PRO C 273 44.37 19.89 7.15
CA PRO C 273 44.90 19.85 5.78
C PRO C 273 45.45 18.46 5.45
N THR C 274 45.03 17.93 4.30
CA THR C 274 45.61 16.69 3.81
C THR C 274 46.72 16.94 2.80
N TYR C 275 47.10 18.19 2.62
CA TYR C 275 48.24 18.59 1.81
C TYR C 275 49.33 19.12 2.74
N GLY C 276 50.47 19.46 2.13
CA GLY C 276 51.53 20.15 2.82
C GLY C 276 52.05 21.30 1.99
N ARG C 277 52.94 22.08 2.59
CA ARG C 277 53.65 23.14 1.88
C ARG C 277 55.15 22.89 2.00
N GLY C 278 55.91 23.34 1.00
CA GLY C 278 57.31 22.99 0.92
C GLY C 278 58.20 24.07 0.31
N TRP C 279 59.49 23.93 0.58
CA TRP C 279 60.51 24.90 0.20
C TRP C 279 61.69 24.18 -0.45
N THR C 280 62.45 24.94 -1.24
CA THR C 280 63.81 24.52 -1.59
C THR C 280 64.76 25.13 -0.56
N LEU C 281 65.46 24.27 0.18
CA LEU C 281 66.39 24.73 1.21
C LEU C 281 67.48 25.59 0.61
N SER C 282 67.85 26.66 1.31
CA SER C 282 69.01 27.44 0.93
C SER C 282 70.29 26.63 1.06
N ASP C 283 70.25 25.49 1.74
CA ASP C 283 71.44 24.81 2.23
C ASP C 283 71.04 23.47 2.85
N ALA C 284 71.48 22.37 2.26
CA ALA C 284 70.90 21.06 2.59
C ALA C 284 71.36 20.50 3.93
N SER C 285 72.16 21.24 4.68
CA SER C 285 72.62 20.77 5.99
C SER C 285 71.91 21.47 7.14
N LYS C 286 71.35 22.65 6.91
CA LYS C 286 70.43 23.26 7.86
C LYS C 286 69.03 22.79 7.49
N THR C 287 68.54 21.76 8.18
CA THR C 287 67.20 21.23 7.93
C THR C 287 66.32 21.32 9.17
N ASP C 288 66.45 22.40 9.92
CA ASP C 288 65.61 22.71 11.06
C ASP C 288 64.38 23.50 10.61
N ILE C 289 63.33 23.45 11.42
CA ILE C 289 62.27 24.44 11.22
C ILE C 289 62.91 25.81 11.36
N GLY C 290 62.60 26.71 10.43
CA GLY C 290 63.26 27.99 10.36
C GLY C 290 64.55 28.02 9.55
N ALA C 291 64.94 26.91 8.92
CA ALA C 291 66.13 26.90 8.07
C ALA C 291 65.94 27.84 6.89
N PRO C 292 66.96 28.57 6.47
CA PRO C 292 66.79 29.51 5.36
C PRO C 292 66.39 28.77 4.09
N ALA C 293 65.67 29.46 3.23
CA ALA C 293 65.13 28.82 2.04
C ALA C 293 65.34 29.70 0.82
N GLN C 294 65.56 29.03 -0.31
CA GLN C 294 65.79 29.69 -1.59
C GLN C 294 64.49 30.07 -2.30
N GLY C 295 63.44 29.28 -2.13
CA GLY C 295 62.22 29.51 -2.86
C GLY C 295 61.27 28.35 -2.64
N SER C 296 60.23 28.32 -3.45
CA SER C 296 59.24 27.26 -3.31
C SER C 296 59.87 25.90 -3.64
N SER C 297 59.33 24.85 -3.04
CA SER C 297 59.80 23.51 -3.39
C SER C 297 59.43 23.19 -4.83
N THR C 298 60.22 22.32 -5.46
CA THR C 298 59.91 21.86 -6.80
C THR C 298 58.53 21.25 -6.84
N ALA C 299 57.76 21.59 -7.87
CA ALA C 299 56.41 21.05 -7.97
C ALA C 299 56.45 19.53 -8.13
N THR C 300 55.44 18.89 -7.55
CA THR C 300 55.39 17.44 -7.46
C THR C 300 54.59 16.84 -8.62
N GLU C 301 54.64 15.51 -8.76
CA GLU C 301 54.17 14.85 -9.99
C GLU C 301 52.72 15.16 -10.27
N TYR C 302 51.88 15.08 -9.25
CA TYR C 302 50.44 15.10 -9.46
C TYR C 302 49.83 16.48 -9.29
N LEU C 303 50.07 17.15 -8.16
CA LEU C 303 49.49 18.48 -7.97
C LEU C 303 50.15 19.50 -8.90
N ARG C 304 51.42 19.29 -9.26
CA ARG C 304 52.10 20.15 -10.23
C ARG C 304 51.96 21.64 -9.88
N GLU C 305 52.04 21.93 -8.57
CA GLU C 305 51.97 23.30 -8.04
C GLU C 305 53.19 23.51 -7.13
N ALA C 306 54.14 24.31 -7.59
CA ALA C 306 55.31 24.64 -6.78
C ALA C 306 54.90 25.13 -5.39
N GLY C 307 55.57 24.61 -4.37
CA GLY C 307 55.29 24.98 -3.00
C GLY C 307 54.24 24.14 -2.28
N VAL C 308 53.65 23.15 -2.94
CA VAL C 308 52.60 22.33 -2.35
C VAL C 308 52.90 20.86 -2.61
N ILE C 309 52.26 20.00 -1.83
CA ILE C 309 52.44 18.55 -1.95
C ILE C 309 51.22 17.88 -1.36
N SER C 310 50.83 16.76 -1.97
CA SER C 310 49.72 16.03 -1.37
C SER C 310 50.28 15.09 -0.30
N TYR C 311 49.39 14.60 0.56
CA TYR C 311 49.82 13.55 1.49
C TYR C 311 50.23 12.29 0.73
N TYR C 312 49.53 11.98 -0.37
CA TYR C 312 49.91 10.75 -1.09
C TYR C 312 51.22 10.94 -1.82
N GLU C 313 51.54 12.17 -2.24
CA GLU C 313 52.88 12.40 -2.75
C GLU C 313 53.92 12.35 -1.64
N VAL C 314 53.56 12.71 -0.41
CA VAL C 314 54.52 12.56 0.68
C VAL C 314 54.80 11.09 0.89
N CYS C 315 53.78 10.25 0.78
CA CYS C 315 53.94 8.82 0.94
C CYS C 315 55.03 8.28 0.02
N GLN C 316 55.03 8.71 -1.24
CA GLN C 316 56.02 8.16 -2.17
C GLN C 316 57.38 8.81 -2.00
N LYS C 317 57.44 10.11 -1.68
CA LYS C 317 58.72 10.68 -1.29
C LYS C 317 59.32 9.86 -0.15
N LEU C 318 58.48 9.53 0.85
CA LEU C 318 58.91 8.66 1.94
C LEU C 318 59.46 7.35 1.40
N SER C 319 58.70 6.69 0.53
CA SER C 319 59.09 5.38 -0.03
C SER C 319 60.40 5.46 -0.78
N SER C 320 60.69 6.58 -1.43
CA SER C 320 61.97 6.81 -2.10
C SER C 320 63.07 7.29 -1.14
N GLY C 321 62.93 7.04 0.16
CA GLY C 321 63.99 7.30 1.11
C GLY C 321 63.98 8.65 1.80
N ALA C 322 62.88 9.40 1.72
CA ALA C 322 62.85 10.68 2.41
C ALA C 322 62.89 10.48 3.93
N LYS C 323 63.30 11.54 4.63
CA LYS C 323 63.44 11.52 6.08
C LYS C 323 62.28 12.26 6.74
N ARG C 324 61.73 11.66 7.80
CA ARG C 324 60.58 12.20 8.50
C ARG C 324 60.98 12.63 9.92
N VAL C 325 60.89 13.92 10.19
CA VAL C 325 61.16 14.49 11.51
C VAL C 325 59.84 14.85 12.16
N TRP C 326 59.67 14.44 13.42
CA TRP C 326 58.51 14.80 14.22
C TRP C 326 58.89 15.93 15.17
N ASP C 327 58.02 16.94 15.27
CA ASP C 327 58.23 18.12 16.13
C ASP C 327 57.19 18.06 17.24
N ASP C 328 57.63 17.70 18.45
CA ASP C 328 56.65 17.43 19.47
C ASP C 328 56.01 18.71 19.98
N GLU C 329 56.74 19.83 19.91
CA GLU C 329 56.15 21.12 20.27
C GLU C 329 54.85 21.37 19.51
N SER C 330 54.89 21.26 18.19
CA SER C 330 53.75 21.56 17.35
C SER C 330 52.86 20.36 17.06
N LYS C 331 53.36 19.14 17.30
CA LYS C 331 52.62 17.90 17.04
C LYS C 331 52.30 17.77 15.55
N THR C 332 53.29 18.05 14.71
CA THR C 332 53.22 17.90 13.26
C THR C 332 54.54 17.32 12.79
N PRO C 333 54.57 16.71 11.60
CA PRO C 333 55.85 16.28 11.04
C PRO C 333 56.31 17.23 9.95
N TYR C 334 57.58 17.08 9.57
CA TYR C 334 58.08 17.61 8.32
C TYR C 334 58.96 16.56 7.66
N LEU C 335 59.38 16.88 6.44
CA LEU C 335 59.93 15.90 5.52
C LEU C 335 61.06 16.56 4.75
N VAL C 336 62.24 15.95 4.82
CA VAL C 336 63.42 16.44 4.12
C VAL C 336 63.86 15.36 3.14
N GLN C 337 64.18 15.79 1.91
CA GLN C 337 64.70 14.91 0.89
C GLN C 337 65.56 15.79 -0.01
N GLY C 338 66.88 15.71 0.18
CA GLY C 338 67.77 16.58 -0.56
C GLY C 338 67.65 17.99 -0.04
N ASN C 339 67.45 18.95 -0.94
CA ASN C 339 67.19 20.32 -0.56
C ASN C 339 65.70 20.65 -0.55
N GLN C 340 64.86 19.64 -0.69
CA GLN C 340 63.43 19.83 -0.57
C GLN C 340 63.02 19.61 0.88
N TRP C 341 62.14 20.48 1.36
CA TRP C 341 61.70 20.49 2.76
C TRP C 341 60.20 20.73 2.76
N PHE C 342 59.44 19.91 3.46
CA PHE C 342 58.00 20.09 3.46
C PHE C 342 57.43 19.98 4.87
N SER C 343 56.53 20.89 5.23
CA SER C 343 55.65 20.66 6.37
C SER C 343 54.35 20.04 5.88
N TYR C 344 53.90 19.00 6.58
CA TYR C 344 52.70 18.30 6.16
C TYR C 344 52.01 17.74 7.39
N ASP C 345 50.89 17.06 7.17
CA ASP C 345 50.15 16.40 8.25
C ASP C 345 49.91 14.95 7.88
N ASP C 346 50.22 14.05 8.82
CA ASP C 346 50.12 12.60 8.66
C ASP C 346 49.23 12.04 9.77
N VAL C 347 49.28 10.72 9.95
CA VAL C 347 48.34 10.07 10.87
C VAL C 347 48.57 10.55 12.29
N GLU C 348 49.85 10.63 12.70
CA GLU C 348 50.17 10.93 14.09
C GLU C 348 49.74 12.35 14.45
N SER C 349 49.89 13.28 13.52
CA SER C 349 49.43 14.64 13.79
C SER C 349 47.91 14.75 13.70
N MET C 350 47.31 14.17 12.66
CA MET C 350 45.86 14.15 12.54
C MET C 350 45.22 13.56 13.80
N LYS C 351 45.71 12.40 14.24
CA LYS C 351 45.25 11.85 15.52
C LYS C 351 45.37 12.88 16.63
N ALA C 352 46.53 13.51 16.75
CA ALA C 352 46.75 14.43 17.87
C ALA C 352 45.79 15.61 17.82
N LYS C 353 45.53 16.11 16.61
CA LYS C 353 44.64 17.24 16.43
C LYS C 353 43.16 16.92 16.62
N ILE C 354 42.76 15.70 16.27
CA ILE C 354 41.36 15.31 16.39
C ILE C 354 41.04 14.95 17.83
N ASN C 355 41.96 14.29 18.53
CA ASN C 355 41.74 14.03 19.95
C ASN C 355 41.74 15.32 20.75
N TRP C 356 42.49 16.31 20.28
CA TRP C 356 42.43 17.63 20.90
C TRP C 356 41.06 18.26 20.74
N ILE C 357 40.43 18.09 19.57
CA ILE C 357 39.06 18.58 19.37
C ILE C 357 38.14 18.02 20.44
N LYS C 358 38.28 16.73 20.76
CA LYS C 358 37.43 16.11 21.78
C LYS C 358 37.73 16.68 23.16
N GLN C 359 38.99 16.98 23.44
CA GLN C 359 39.41 17.39 24.76
C GLN C 359 38.95 18.80 25.10
N GLU C 360 38.75 19.66 24.10
CA GLU C 360 38.27 21.01 24.32
C GLU C 360 36.79 21.19 24.00
N ASN C 361 36.14 20.13 23.53
CA ASN C 361 34.76 20.15 23.07
C ASN C 361 34.50 21.29 22.08
N TYR C 362 35.22 21.22 20.96
CA TYR C 362 34.93 22.06 19.81
C TYR C 362 33.95 21.35 18.85
N GLY C 363 33.50 22.09 17.84
CA GLY C 363 32.39 21.63 17.03
C GLY C 363 32.68 20.34 16.28
N GLY C 364 33.90 20.18 15.81
CA GLY C 364 34.24 19.03 15.00
C GLY C 364 35.40 19.35 14.06
N ALA C 365 35.39 18.70 12.91
CA ALA C 365 36.52 18.84 12.01
C ALA C 365 36.05 18.77 10.55
N PHE C 366 36.76 19.48 9.69
CA PHE C 366 36.60 19.31 8.27
C PHE C 366 38.00 19.13 7.69
N VAL C 367 38.05 18.53 6.51
CA VAL C 367 39.28 18.20 5.81
C VAL C 367 39.32 18.95 4.51
N TRP C 368 40.49 19.44 4.17
CA TRP C 368 40.77 19.96 2.85
C TRP C 368 42.01 19.22 2.35
N THR C 369 41.84 18.29 1.39
CA THR C 369 40.59 17.90 0.72
C THR C 369 40.42 16.38 0.68
N LEU C 370 39.35 15.91 0.04
CA LEU C 370 39.26 14.48 -0.26
C LEU C 370 40.38 14.05 -1.21
N ASP C 371 40.72 14.88 -2.20
CA ASP C 371 41.65 14.48 -3.27
C ASP C 371 43.12 14.57 -2.87
N TYR C 372 43.45 15.01 -1.66
CA TYR C 372 44.84 15.02 -1.24
C TYR C 372 45.23 13.78 -0.46
N ASP C 373 44.28 13.16 0.24
CA ASP C 373 44.54 11.92 0.96
C ASP C 373 44.89 10.80 -0.02
N ASP C 374 45.49 9.74 0.53
CA ASP C 374 45.61 8.50 -0.23
C ASP C 374 44.25 7.81 -0.38
N PHE C 375 43.40 8.35 -1.26
CA PHE C 375 42.03 7.86 -1.39
C PHE C 375 41.94 6.51 -2.08
N LEU C 376 43.01 6.07 -2.76
CA LEU C 376 43.06 4.74 -3.37
C LEU C 376 43.63 3.67 -2.44
N GLY C 377 44.35 4.05 -1.39
CA GLY C 377 45.16 3.09 -0.67
C GLY C 377 46.38 2.61 -1.43
N SER C 378 46.49 2.91 -2.72
CA SER C 378 47.60 2.45 -3.54
C SER C 378 48.90 3.21 -3.28
N PHE C 379 48.84 4.42 -2.71
CA PHE C 379 50.03 5.25 -2.63
C PHE C 379 50.85 5.01 -1.38
N CYS C 380 50.24 4.60 -0.28
CA CYS C 380 50.91 4.53 1.01
C CYS C 380 51.07 3.06 1.38
N THR C 381 52.30 2.59 1.22
CA THR C 381 52.66 1.28 1.72
C THR C 381 52.59 1.22 3.24
N GLU C 382 52.67 2.38 3.89
CA GLU C 382 52.73 2.44 5.35
C GLU C 382 51.49 1.80 5.99
N HIS C 383 50.29 2.09 5.47
CA HIS C 383 49.04 1.70 6.10
C HIS C 383 48.42 0.46 5.45
N ASN C 384 49.23 -0.41 4.84
CA ASN C 384 48.77 -1.59 4.11
C ASN C 384 47.55 -1.28 3.24
N GLY C 385 47.56 -0.11 2.59
CA GLY C 385 46.55 0.18 1.59
C GLY C 385 45.17 0.42 2.13
N LYS C 386 45.04 0.91 3.36
CA LYS C 386 43.77 1.43 3.84
C LYS C 386 43.47 2.70 3.08
N LYS C 387 42.27 2.77 2.50
CA LYS C 387 41.87 3.98 1.80
C LYS C 387 41.55 5.06 2.81
N TYR C 388 41.98 6.29 2.50
CA TYR C 388 41.78 7.46 3.35
C TYR C 388 42.46 7.25 4.70
N PRO C 389 43.76 6.99 4.73
CA PRO C 389 44.42 6.83 6.03
C PRO C 389 44.24 8.05 6.92
N LEU C 390 44.26 9.25 6.33
CA LEU C 390 44.09 10.48 7.09
C LEU C 390 42.62 10.77 7.38
N ILE C 391 41.83 10.98 6.33
CA ILE C 391 40.44 11.42 6.49
C ILE C 391 39.64 10.47 7.37
N SER C 392 39.98 9.18 7.39
CA SER C 392 39.20 8.21 8.12
C SER C 392 39.23 8.47 9.61
N LEU C 393 40.30 9.11 10.09
CA LEU C 393 40.48 9.31 11.53
C LEU C 393 39.33 10.09 12.14
N MET C 394 38.61 10.87 11.33
CA MET C 394 37.50 11.68 11.83
C MET C 394 36.34 10.80 12.27
N GLN C 395 35.99 9.81 11.45
CA GLN C 395 34.88 8.96 11.83
C GLN C 395 35.27 8.01 12.95
N GLU C 396 36.54 7.62 13.02
CA GLU C 396 36.94 6.67 14.06
C GLU C 396 37.07 7.32 15.43
N ILE C 397 37.40 8.60 15.50
CA ILE C 397 37.62 9.29 16.77
C ILE C 397 36.42 10.12 17.19
N LEU C 398 35.69 10.74 16.24
CA LEU C 398 34.58 11.62 16.57
C LEU C 398 33.21 11.02 16.26
N GLY C 399 33.13 9.85 15.63
CA GLY C 399 31.85 9.31 15.17
C GLY C 399 30.88 8.85 16.24
N LYS D 32 -39.04 -15.19 -23.06
CA LYS D 32 -40.28 -15.73 -22.51
C LYS D 32 -40.40 -15.64 -20.96
N TYR D 33 -39.29 -15.85 -20.21
CA TYR D 33 -39.31 -15.78 -18.74
C TYR D 33 -38.07 -15.08 -18.18
N VAL D 34 -38.29 -14.08 -17.32
CA VAL D 34 -37.20 -13.42 -16.61
C VAL D 34 -36.59 -14.38 -15.60
N ARG D 35 -35.26 -14.30 -15.43
CA ARG D 35 -34.54 -15.02 -14.39
C ARG D 35 -33.59 -14.07 -13.69
N GLY D 36 -33.82 -13.81 -12.40
CA GLY D 36 -33.04 -12.81 -11.68
C GLY D 36 -32.41 -13.32 -10.40
N CYS D 37 -31.26 -12.73 -10.07
CA CYS D 37 -30.54 -13.01 -8.83
C CYS D 37 -30.04 -11.73 -8.18
N TYR D 38 -30.32 -11.60 -6.89
CA TYR D 38 -29.67 -10.60 -6.04
C TYR D 38 -28.32 -11.10 -5.53
N PHE D 39 -27.29 -10.29 -5.78
CA PHE D 39 -26.00 -10.33 -5.13
C PHE D 39 -25.99 -9.31 -3.99
N THR D 40 -25.38 -9.67 -2.85
CA THR D 40 -25.30 -8.75 -1.70
C THR D 40 -23.85 -8.41 -1.41
N ASN D 41 -23.58 -7.12 -1.18
CA ASN D 41 -22.20 -6.68 -0.98
C ASN D 41 -21.76 -6.76 0.48
N TRP D 42 -22.51 -7.47 1.31
CA TRP D 42 -22.02 -7.84 2.64
C TRP D 42 -21.75 -9.32 2.76
N ALA D 43 -21.90 -10.08 1.69
CA ALA D 43 -21.57 -11.49 1.77
C ALA D 43 -20.06 -11.72 1.70
N GLN D 44 -19.29 -10.69 1.33
CA GLN D 44 -17.83 -10.77 1.40
C GLN D 44 -17.33 -10.94 2.81
N TYR D 45 -18.14 -10.56 3.80
CA TYR D 45 -17.72 -10.50 5.19
C TYR D 45 -18.15 -11.72 5.99
N ARG D 46 -18.54 -12.78 5.34
CA ARG D 46 -18.95 -13.94 6.11
C ARG D 46 -17.74 -14.78 6.46
N PRO D 47 -17.82 -15.54 7.55
CA PRO D 47 -16.69 -16.39 7.94
C PRO D 47 -16.52 -17.59 7.04
N GLY D 48 -15.26 -17.97 6.85
CA GLY D 48 -14.95 -19.29 6.30
C GLY D 48 -15.47 -19.46 4.90
N ASN D 49 -15.88 -20.69 4.58
CA ASN D 49 -16.37 -20.99 3.25
C ASN D 49 -17.61 -20.18 2.89
N GLY D 50 -18.31 -19.63 3.89
CA GLY D 50 -19.48 -18.79 3.68
C GLY D 50 -19.20 -17.45 3.02
N LYS D 51 -17.93 -17.05 2.92
CA LYS D 51 -17.57 -15.85 2.17
C LYS D 51 -17.94 -16.02 0.69
N TYR D 52 -18.72 -15.09 0.17
CA TYR D 52 -19.14 -15.13 -1.21
C TYR D 52 -18.55 -13.93 -1.94
N ASN D 53 -17.96 -14.20 -3.11
CA ASN D 53 -17.25 -13.24 -3.94
C ASN D 53 -17.85 -13.23 -5.34
N PRO D 54 -17.63 -12.15 -6.11
CA PRO D 54 -18.12 -12.15 -7.49
C PRO D 54 -17.71 -13.37 -8.30
N GLU D 55 -16.46 -13.79 -8.22
CA GLU D 55 -16.01 -14.93 -9.01
C GLU D 55 -16.73 -16.23 -8.66
N HIS D 56 -17.51 -16.26 -7.57
CA HIS D 56 -18.35 -17.41 -7.24
C HIS D 56 -19.59 -17.49 -8.12
N TYR D 57 -19.88 -16.44 -8.88
CA TYR D 57 -20.96 -16.50 -9.86
C TYR D 57 -20.69 -17.61 -10.86
N GLN D 58 -21.77 -18.13 -11.46
CA GLN D 58 -21.72 -19.17 -12.48
C GLN D 58 -22.48 -18.67 -13.71
N ALA D 59 -21.94 -18.94 -14.90
CA ALA D 59 -22.52 -18.40 -16.12
C ALA D 59 -23.92 -18.98 -16.38
N ASN D 60 -24.80 -18.12 -16.91
CA ASN D 60 -26.17 -18.42 -17.31
C ASN D 60 -27.06 -18.83 -16.14
N LEU D 61 -26.57 -18.65 -14.92
CA LEU D 61 -27.39 -18.87 -13.72
C LEU D 61 -28.60 -17.95 -13.72
N CYS D 62 -28.39 -16.66 -14.00
CA CYS D 62 -29.48 -15.70 -14.17
C CYS D 62 -29.20 -14.82 -15.38
N GLU D 63 -30.25 -14.22 -15.91
CA GLU D 63 -30.08 -13.19 -16.94
C GLU D 63 -29.82 -11.82 -16.33
N TYR D 64 -30.54 -11.47 -15.29
CA TYR D 64 -30.36 -10.20 -14.61
C TYR D 64 -29.74 -10.47 -13.25
N ILE D 65 -28.68 -9.72 -12.93
CA ILE D 65 -28.12 -9.65 -11.59
C ILE D 65 -28.51 -8.30 -10.98
N PHE D 66 -29.04 -8.34 -9.75
CA PHE D 66 -29.41 -7.14 -9.01
C PHE D 66 -28.38 -6.91 -7.91
N TYR D 67 -27.66 -5.81 -7.99
CA TYR D 67 -26.61 -5.51 -7.04
C TYR D 67 -27.18 -4.73 -5.87
N ALA D 68 -27.21 -5.34 -4.70
CA ALA D 68 -27.72 -4.74 -3.47
C ALA D 68 -26.56 -4.48 -2.53
N PHE D 69 -26.36 -3.23 -2.13
CA PHE D 69 -27.19 -2.09 -2.46
C PHE D 69 -26.31 -0.90 -2.75
N ALA D 70 -26.87 0.12 -3.38
CA ALA D 70 -26.24 1.43 -3.33
C ALA D 70 -26.62 2.11 -2.03
N LYS D 71 -26.03 3.28 -1.80
CA LYS D 71 -26.29 4.10 -0.62
C LYS D 71 -27.14 5.29 -1.01
N LEU D 72 -28.22 5.53 -0.24
CA LEU D 72 -29.02 6.76 -0.38
C LEU D 72 -28.58 7.77 0.67
N ASN D 73 -27.76 8.74 0.25
CA ASN D 73 -27.25 9.75 1.16
C ASN D 73 -28.37 10.62 1.72
N ASP D 74 -28.14 11.11 2.94
CA ASP D 74 -29.15 11.94 3.60
C ASP D 74 -29.50 13.16 2.77
N ASP D 75 -28.59 13.61 1.90
CA ASP D 75 -28.87 14.72 1.01
C ASP D 75 -29.52 14.28 -0.30
N PHE D 76 -29.83 12.99 -0.44
CA PHE D 76 -30.55 12.34 -1.54
C PHE D 76 -29.66 11.99 -2.73
N THR D 77 -28.34 12.12 -2.60
CA THR D 77 -27.46 11.64 -3.65
C THR D 77 -27.10 10.19 -3.41
N VAL D 78 -26.61 9.55 -4.45
CA VAL D 78 -26.30 8.12 -4.42
C VAL D 78 -24.80 7.95 -4.37
N ASP D 79 -24.35 6.95 -3.62
CA ASP D 79 -22.95 6.58 -3.57
C ASP D 79 -22.86 5.08 -3.29
N GLN D 80 -21.63 4.56 -3.33
CA GLN D 80 -21.40 3.17 -3.01
C GLN D 80 -21.66 2.91 -1.53
N PHE D 81 -22.19 1.72 -1.24
CA PHE D 81 -22.45 1.38 0.15
C PHE D 81 -21.22 0.79 0.84
N GLU D 82 -20.55 -0.15 0.20
CA GLU D 82 -19.32 -0.69 0.74
C GLU D 82 -18.13 0.10 0.22
N TRP D 83 -17.03 0.05 0.99
CA TRP D 83 -15.83 0.84 0.69
C TRP D 83 -15.10 0.34 -0.55
N ASN D 84 -15.31 -0.92 -0.95
CA ASN D 84 -14.67 -1.53 -2.11
C ASN D 84 -15.66 -1.89 -3.23
N ASP D 85 -16.85 -1.28 -3.24
CA ASP D 85 -17.83 -1.47 -4.31
C ASP D 85 -17.26 -1.05 -5.66
N ILE D 86 -17.03 0.25 -5.81
CA ILE D 86 -16.60 0.81 -7.09
C ILE D 86 -15.31 0.19 -7.58
N ASP D 87 -14.34 0.00 -6.68
CA ASP D 87 -12.99 -0.37 -7.11
C ASP D 87 -12.86 -1.86 -7.35
N VAL D 88 -13.61 -2.68 -6.63
CA VAL D 88 -13.38 -4.12 -6.69
C VAL D 88 -14.65 -4.88 -7.06
N LEU D 89 -15.71 -4.68 -6.28
CA LEU D 89 -16.86 -5.57 -6.38
C LEU D 89 -17.76 -5.22 -7.56
N TYR D 90 -18.06 -3.93 -7.79
CA TYR D 90 -18.77 -3.58 -9.01
C TYR D 90 -18.06 -4.12 -10.24
N PRO D 91 -16.78 -3.87 -10.46
CA PRO D 91 -16.16 -4.35 -11.69
C PRO D 91 -15.94 -5.85 -11.70
N GLY D 92 -15.84 -6.47 -10.53
CA GLY D 92 -15.79 -7.91 -10.50
C GLY D 92 -17.09 -8.57 -10.94
N VAL D 93 -18.23 -7.99 -10.56
CA VAL D 93 -19.49 -8.52 -11.06
C VAL D 93 -19.61 -8.28 -12.57
N MET D 94 -19.20 -7.10 -13.04
CA MET D 94 -19.25 -6.81 -14.47
C MET D 94 -18.43 -7.79 -15.29
N LYS D 95 -17.35 -8.33 -14.70
CA LYS D 95 -16.49 -9.22 -15.45
C LYS D 95 -17.23 -10.48 -15.90
N GLN D 96 -18.24 -10.91 -15.13
CA GLN D 96 -19.01 -12.10 -15.50
C GLN D 96 -19.69 -11.97 -16.86
N LYS D 97 -19.80 -10.75 -17.38
CA LYS D 97 -20.35 -10.59 -18.72
C LYS D 97 -19.46 -11.28 -19.75
N SER D 98 -18.15 -11.38 -19.47
CA SER D 98 -17.20 -11.98 -20.40
C SER D 98 -17.62 -13.39 -20.76
N SER D 99 -18.06 -14.16 -19.78
CA SER D 99 -18.44 -15.54 -19.98
C SER D 99 -19.94 -15.72 -20.19
N GLN D 100 -20.74 -14.68 -19.94
CA GLN D 100 -22.18 -14.72 -20.15
C GLN D 100 -22.59 -13.40 -20.78
N PRO D 101 -22.58 -13.32 -22.11
CA PRO D 101 -22.61 -12.00 -22.77
C PRO D 101 -23.96 -11.30 -22.71
N ASP D 102 -25.06 -12.01 -22.47
CA ASP D 102 -26.36 -11.37 -22.30
C ASP D 102 -26.64 -10.94 -20.85
N LEU D 103 -25.68 -11.10 -19.94
CA LEU D 103 -25.91 -10.76 -18.54
C LEU D 103 -26.12 -9.27 -18.40
N LYS D 104 -27.19 -8.90 -17.70
CA LYS D 104 -27.48 -7.51 -17.38
C LYS D 104 -27.40 -7.34 -15.86
N VAL D 105 -26.70 -6.29 -15.43
CA VAL D 105 -26.46 -6.02 -14.01
C VAL D 105 -27.14 -4.71 -13.64
N LEU D 106 -28.04 -4.76 -12.67
CA LEU D 106 -28.78 -3.59 -12.22
C LEU D 106 -28.42 -3.30 -10.77
N LEU D 107 -28.28 -2.01 -10.46
CA LEU D 107 -27.94 -1.53 -9.11
C LEU D 107 -29.21 -1.35 -8.28
N SER D 108 -29.24 -1.97 -7.10
CA SER D 108 -30.39 -1.89 -6.20
C SER D 108 -30.21 -0.83 -5.12
N LEU D 109 -31.30 -0.14 -4.81
CA LEU D 109 -31.31 0.90 -3.79
C LEU D 109 -32.40 0.61 -2.79
N GLY D 110 -32.10 0.77 -1.50
CA GLY D 110 -33.11 0.56 -0.48
C GLY D 110 -32.87 -0.67 0.35
N GLY D 111 -33.87 -1.54 0.41
CA GLY D 111 -33.79 -2.71 1.24
C GLY D 111 -34.43 -2.44 2.58
N TRP D 112 -34.45 -3.48 3.41
CA TRP D 112 -35.12 -3.35 4.70
C TRP D 112 -34.39 -2.36 5.61
N ASN D 113 -33.07 -2.53 5.75
CA ASN D 113 -32.34 -1.71 6.71
C ASN D 113 -32.35 -0.25 6.35
N ALA D 114 -32.38 0.09 5.07
CA ALA D 114 -32.30 1.49 4.68
C ALA D 114 -33.47 2.29 5.25
N GLY D 115 -34.59 1.62 5.54
CA GLY D 115 -35.80 2.27 6.00
C GLY D 115 -36.35 3.31 5.05
N THR D 116 -37.45 3.94 5.45
CA THR D 116 -38.14 4.88 4.59
C THR D 116 -37.91 6.34 4.95
N ALA D 117 -37.06 6.64 5.94
CA ALA D 117 -36.90 8.02 6.38
C ALA D 117 -36.41 8.92 5.26
N THR D 118 -35.31 8.51 4.60
CA THR D 118 -34.75 9.30 3.50
C THR D 118 -35.56 9.17 2.21
N PHE D 119 -36.09 7.97 1.89
CA PHE D 119 -36.97 7.85 0.73
C PHE D 119 -38.11 8.88 0.81
N LYS D 120 -38.88 8.83 1.91
CA LYS D 120 -40.06 9.68 2.03
C LYS D 120 -39.70 11.14 1.80
N LYS D 121 -38.57 11.57 2.36
CA LYS D 121 -38.12 12.96 2.22
C LYS D 121 -37.73 13.28 0.78
N MET D 122 -36.86 12.44 0.17
CA MET D 122 -36.40 12.66 -1.21
C MET D 122 -37.55 12.76 -2.20
N ALA D 123 -38.60 11.94 -2.03
CA ALA D 123 -39.65 11.81 -3.02
C ALA D 123 -40.65 12.96 -3.05
N ALA D 124 -40.53 13.91 -2.11
CA ALA D 124 -41.62 14.78 -1.70
C ALA D 124 -41.73 16.08 -2.49
N THR D 125 -40.67 16.46 -3.21
CA THR D 125 -40.66 17.65 -4.04
C THR D 125 -40.01 17.27 -5.36
N TYR D 126 -40.31 18.02 -6.41
CA TYR D 126 -39.61 17.81 -7.67
C TYR D 126 -38.13 18.14 -7.55
N SER D 127 -37.78 19.14 -6.75
CA SER D 127 -36.37 19.50 -6.61
C SER D 127 -35.58 18.33 -6.02
N ASN D 128 -36.10 17.73 -4.94
CA ASN D 128 -35.37 16.64 -4.30
C ASN D 128 -35.23 15.47 -5.25
N ARG D 129 -36.26 15.15 -5.99
CA ARG D 129 -36.25 14.03 -6.89
C ARG D 129 -35.34 14.22 -8.04
N ALA D 130 -35.23 15.43 -8.47
CA ALA D 130 -34.34 15.72 -9.58
C ALA D 130 -32.88 15.61 -9.16
N LYS D 131 -32.55 16.08 -7.95
CA LYS D 131 -31.19 15.92 -7.45
C LYS D 131 -30.84 14.44 -7.34
N PHE D 132 -31.72 13.66 -6.71
CA PHE D 132 -31.54 12.22 -6.61
C PHE D 132 -31.31 11.59 -7.98
N ILE D 133 -32.28 11.80 -8.89
CA ILE D 133 -32.21 11.18 -10.21
C ILE D 133 -30.93 11.56 -10.94
N SER D 134 -30.63 12.86 -11.01
CA SER D 134 -29.39 13.34 -11.61
C SER D 134 -28.20 12.58 -11.08
N SER D 135 -28.09 12.56 -9.75
CA SER D 135 -27.13 11.73 -9.02
C SER D 135 -27.15 10.29 -9.50
N LEU D 136 -28.33 9.68 -9.54
CA LEU D 136 -28.42 8.28 -9.89
C LEU D 136 -27.86 8.02 -11.28
N VAL D 137 -28.29 8.80 -12.27
CA VAL D 137 -27.95 8.49 -13.65
C VAL D 137 -26.45 8.59 -13.86
N SER D 138 -25.83 9.62 -13.27
CA SER D 138 -24.37 9.69 -13.28
C SER D 138 -23.75 8.44 -12.69
N PHE D 139 -24.20 8.03 -11.50
CA PHE D 139 -23.58 6.90 -10.82
C PHE D 139 -23.76 5.62 -11.61
N LEU D 140 -24.94 5.44 -12.19
CA LEU D 140 -25.18 4.28 -13.06
C LEU D 140 -24.21 4.28 -14.23
N GLN D 141 -23.96 5.44 -14.83
CA GLN D 141 -23.17 5.48 -16.04
C GLN D 141 -21.68 5.27 -15.75
N GLN D 142 -21.11 5.97 -14.76
CA GLN D 142 -19.69 5.80 -14.49
C GLN D 142 -19.36 4.39 -14.05
N ASN D 143 -20.31 3.66 -13.50
CA ASN D 143 -20.05 2.30 -13.05
C ASN D 143 -20.57 1.22 -13.98
N LYS D 144 -21.02 1.60 -15.19
CA LYS D 144 -21.33 0.65 -16.27
C LYS D 144 -22.45 -0.30 -15.88
N PHE D 145 -23.49 0.26 -15.29
CA PHE D 145 -24.70 -0.50 -14.93
C PHE D 145 -25.68 -0.50 -16.09
N ASP D 146 -26.51 -1.55 -16.16
CA ASP D 146 -27.54 -1.67 -17.19
C ASP D 146 -28.92 -1.24 -16.72
N GLY D 147 -29.09 -0.99 -15.43
CA GLY D 147 -30.39 -0.59 -14.93
C GLY D 147 -30.35 -0.34 -13.44
N PHE D 148 -31.53 0.03 -12.93
CA PHE D 148 -31.75 0.48 -11.57
C PHE D 148 -32.93 -0.28 -10.97
N ASP D 149 -32.76 -0.78 -9.76
CA ASP D 149 -33.79 -1.55 -9.08
C ASP D 149 -34.12 -0.84 -7.77
N LEU D 150 -35.39 -0.45 -7.62
CA LEU D 150 -35.85 0.39 -6.52
C LEU D 150 -36.56 -0.46 -5.46
N ASP D 151 -35.86 -0.77 -4.37
CA ASP D 151 -36.42 -1.56 -3.26
C ASP D 151 -36.69 -0.66 -2.07
N TRP D 152 -37.65 0.23 -2.24
CA TRP D 152 -38.11 1.06 -1.13
C TRP D 152 -39.14 0.25 -0.35
N GLU D 153 -38.83 -0.07 0.90
CA GLU D 153 -39.70 -0.93 1.70
C GLU D 153 -40.25 -0.12 2.86
N TYR D 154 -41.47 0.41 2.72
CA TYR D 154 -42.26 0.34 1.50
C TYR D 154 -42.88 1.72 1.36
N PRO D 155 -43.41 2.07 0.19
CA PRO D 155 -44.23 3.29 0.11
C PRO D 155 -45.47 3.17 0.98
N GLU D 156 -45.84 4.27 1.61
CA GLU D 156 -47.07 4.29 2.39
C GLU D 156 -48.08 5.19 1.69
N SER D 157 -49.26 5.29 2.28
CA SER D 157 -50.31 6.10 1.68
C SER D 157 -49.85 7.54 1.47
N SER D 158 -49.19 8.13 2.46
CA SER D 158 -48.66 9.47 2.28
C SER D 158 -47.67 9.54 1.12
N ASP D 159 -47.15 8.40 0.65
CA ASP D 159 -46.14 8.36 -0.40
C ASP D 159 -46.68 7.94 -1.77
N LYS D 160 -47.90 7.40 -1.83
CA LYS D 160 -48.40 6.76 -3.05
C LYS D 160 -48.19 7.65 -4.27
N GLU D 161 -48.58 8.91 -4.17
CA GLU D 161 -48.44 9.82 -5.30
C GLU D 161 -46.97 10.16 -5.56
N ASN D 162 -46.21 10.45 -4.51
CA ASN D 162 -44.79 10.75 -4.71
C ASN D 162 -44.05 9.57 -5.31
N TYR D 163 -44.39 8.36 -4.88
CA TYR D 163 -43.74 7.19 -5.45
C TYR D 163 -44.00 7.11 -6.96
N LEU D 164 -45.26 7.32 -7.38
CA LEU D 164 -45.56 7.26 -8.80
C LEU D 164 -44.80 8.32 -9.56
N LEU D 165 -44.81 9.56 -9.06
CA LEU D 165 -44.01 10.61 -9.67
C LEU D 165 -42.56 10.18 -9.78
N LEU D 166 -41.95 9.76 -8.66
CA LEU D 166 -40.55 9.37 -8.72
C LEU D 166 -40.31 8.32 -9.78
N CYS D 167 -41.13 7.25 -9.78
CA CYS D 167 -40.97 6.24 -10.79
C CYS D 167 -41.18 6.81 -12.19
N GLN D 168 -42.16 7.69 -12.35
CA GLN D 168 -42.39 8.28 -13.67
C GLN D 168 -41.18 9.08 -14.13
N GLU D 169 -40.65 9.95 -13.26
CA GLU D 169 -39.61 10.87 -13.71
C GLU D 169 -38.27 10.15 -13.89
N ILE D 170 -38.06 9.06 -13.14
CA ILE D 170 -36.87 8.23 -13.34
C ILE D 170 -36.86 7.70 -14.77
N LEU D 171 -37.99 7.19 -15.22
CA LEU D 171 -38.06 6.61 -16.55
C LEU D 171 -37.96 7.67 -17.62
N ALA D 172 -38.54 8.84 -17.38
CA ALA D 172 -38.41 9.94 -18.33
C ALA D 172 -36.95 10.29 -18.53
N LYS D 173 -36.19 10.43 -17.42
CA LYS D 173 -34.76 10.74 -17.51
C LYS D 173 -34.02 9.69 -18.32
N PHE D 174 -34.22 8.41 -17.99
CA PHE D 174 -33.54 7.32 -18.69
C PHE D 174 -33.79 7.41 -20.18
N GLU D 175 -35.05 7.64 -20.57
CA GLU D 175 -35.33 7.81 -21.99
C GLU D 175 -34.57 9.01 -22.54
N GLU D 176 -34.74 10.17 -21.91
CA GLU D 176 -33.97 11.36 -22.25
C GLU D 176 -32.50 11.04 -22.49
N VAL D 177 -31.86 10.40 -21.50
CA VAL D 177 -30.44 10.15 -21.61
C VAL D 177 -30.14 9.23 -22.78
N ALA D 178 -30.91 8.16 -22.92
CA ALA D 178 -30.68 7.22 -24.02
C ALA D 178 -30.71 7.92 -25.37
N LYS D 179 -31.68 8.82 -25.58
CA LYS D 179 -31.81 9.48 -26.87
C LYS D 179 -30.67 10.47 -27.11
N CYS D 180 -30.07 11.01 -26.05
CA CYS D 180 -28.94 11.90 -26.23
C CYS D 180 -27.65 11.13 -26.47
N THR D 181 -27.44 10.05 -25.71
CA THR D 181 -26.25 9.24 -25.85
C THR D 181 -26.32 8.26 -27.02
N SER D 182 -27.46 8.15 -27.69
CA SER D 182 -27.69 7.13 -28.72
C SER D 182 -27.29 5.75 -28.19
N THR D 183 -27.89 5.38 -27.05
CA THR D 183 -27.71 4.10 -26.39
C THR D 183 -29.09 3.50 -26.16
N SER D 184 -29.10 2.30 -25.61
CA SER D 184 -30.33 1.67 -25.22
C SER D 184 -30.66 2.08 -23.81
N ARG D 185 -31.92 2.47 -23.61
CA ARG D 185 -32.40 2.92 -22.31
C ARG D 185 -31.98 1.98 -21.20
N LEU D 186 -31.61 2.55 -20.06
CA LEU D 186 -31.35 1.76 -18.86
C LEU D 186 -32.62 1.04 -18.39
N LEU D 187 -32.43 -0.15 -17.83
CA LEU D 187 -33.54 -0.88 -17.24
C LEU D 187 -34.05 -0.21 -15.94
N PHE D 188 -35.35 -0.35 -15.67
CA PHE D 188 -35.95 0.21 -14.46
C PHE D 188 -36.94 -0.79 -13.87
N THR D 189 -36.58 -1.36 -12.72
CA THR D 189 -37.41 -2.33 -12.01
C THR D 189 -37.56 -1.88 -10.56
N ALA D 190 -38.34 -2.64 -9.79
CA ALA D 190 -38.58 -2.33 -8.38
C ALA D 190 -38.94 -3.62 -7.66
N ALA D 191 -38.45 -3.75 -6.43
CA ALA D 191 -38.86 -4.86 -5.56
C ALA D 191 -39.97 -4.37 -4.67
N VAL D 192 -41.09 -5.08 -4.68
CA VAL D 192 -42.35 -4.56 -4.18
C VAL D 192 -42.90 -5.48 -3.10
N SER D 193 -43.88 -4.96 -2.36
CA SER D 193 -44.46 -5.71 -1.26
C SER D 193 -45.41 -6.80 -1.76
N ALA D 194 -45.41 -7.92 -1.04
CA ALA D 194 -46.39 -8.97 -1.23
C ALA D 194 -47.56 -8.84 -0.28
N ASN D 195 -47.62 -7.77 0.50
CA ASN D 195 -48.77 -7.54 1.36
C ASN D 195 -49.86 -6.80 0.57
N PRO D 196 -51.04 -7.40 0.38
CA PRO D 196 -52.09 -6.71 -0.39
C PRO D 196 -52.53 -5.38 0.20
N LYS D 197 -52.54 -5.25 1.53
CA LYS D 197 -52.89 -3.97 2.13
C LYS D 197 -51.75 -2.97 2.05
N THR D 198 -50.50 -3.43 1.90
CA THR D 198 -49.42 -2.50 1.62
C THR D 198 -49.42 -2.07 0.16
N VAL D 199 -49.86 -2.96 -0.73
CA VAL D 199 -49.93 -2.62 -2.16
C VAL D 199 -50.98 -1.54 -2.40
N ASP D 200 -52.20 -1.75 -1.89
CA ASP D 200 -53.24 -0.72 -1.92
C ASP D 200 -52.72 0.62 -1.41
N ALA D 201 -51.95 0.61 -0.32
CA ALA D 201 -51.55 1.84 0.35
C ALA D 201 -50.67 2.72 -0.53
N GLY D 202 -49.57 2.17 -1.05
CA GLY D 202 -48.53 2.98 -1.66
C GLY D 202 -48.33 2.85 -3.15
N TYR D 203 -49.01 1.90 -3.77
CA TYR D 203 -48.74 1.58 -5.17
C TYR D 203 -49.95 1.92 -6.03
N ASP D 204 -49.75 2.81 -7.01
CA ASP D 204 -50.70 2.98 -8.10
C ASP D 204 -50.31 1.95 -9.15
N VAL D 205 -50.89 0.76 -9.04
CA VAL D 205 -50.41 -0.39 -9.80
C VAL D 205 -50.63 -0.24 -11.30
N PRO D 206 -51.78 0.28 -11.77
CA PRO D 206 -51.90 0.46 -13.22
C PRO D 206 -50.98 1.54 -13.76
N ALA D 207 -50.78 2.64 -13.03
CA ALA D 207 -49.84 3.66 -13.51
C ALA D 207 -48.39 3.19 -13.46
N LEU D 208 -48.04 2.36 -12.47
CA LEU D 208 -46.67 1.89 -12.37
C LEU D 208 -46.34 0.89 -13.47
N ALA D 209 -47.30 0.01 -13.82
CA ALA D 209 -47.04 -0.90 -14.94
C ALA D 209 -46.66 -0.14 -16.19
N LYS D 210 -47.21 1.06 -16.38
CA LYS D 210 -46.87 1.83 -17.57
C LYS D 210 -45.46 2.40 -17.52
N VAL D 211 -44.76 2.32 -16.39
CA VAL D 211 -43.44 2.93 -16.29
C VAL D 211 -42.36 1.99 -15.77
N LEU D 212 -42.68 0.91 -15.07
CA LEU D 212 -41.65 -0.05 -14.68
C LEU D 212 -41.58 -1.16 -15.71
N ASP D 213 -40.38 -1.71 -15.87
CA ASP D 213 -40.20 -2.85 -16.77
C ASP D 213 -40.81 -4.11 -16.18
N PHE D 214 -40.44 -4.45 -14.96
CA PHE D 214 -41.17 -5.47 -14.22
C PHE D 214 -40.93 -5.23 -12.74
N VAL D 215 -41.65 -5.98 -11.91
CA VAL D 215 -41.50 -5.85 -10.47
C VAL D 215 -41.06 -7.18 -9.91
N ASN D 216 -40.19 -7.12 -8.91
CA ASN D 216 -39.70 -8.31 -8.21
C ASN D 216 -40.60 -8.49 -7.00
N LEU D 217 -41.55 -9.40 -7.12
CA LEU D 217 -42.52 -9.58 -6.05
C LEU D 217 -41.84 -10.28 -4.90
N MET D 218 -41.77 -9.60 -3.74
CA MET D 218 -41.12 -10.15 -2.55
C MET D 218 -42.08 -11.07 -1.79
N CYS D 219 -42.46 -12.17 -2.45
CA CYS D 219 -43.38 -13.12 -1.82
C CYS D 219 -42.66 -14.07 -0.87
N TYR D 220 -41.93 -13.51 0.09
CA TYR D 220 -41.33 -14.27 1.18
C TYR D 220 -41.42 -13.42 2.45
N ASP D 221 -40.94 -13.97 3.58
CA ASP D 221 -41.03 -13.30 4.89
C ASP D 221 -42.48 -13.12 5.34
N PHE D 222 -43.36 -14.00 4.88
CA PHE D 222 -44.75 -14.00 5.35
C PHE D 222 -44.87 -14.43 6.80
N HIS D 223 -43.88 -15.15 7.33
CA HIS D 223 -43.91 -15.59 8.72
C HIS D 223 -42.46 -15.73 9.18
N GLY D 224 -42.16 -15.14 10.33
CA GLY D 224 -40.80 -15.16 10.81
C GLY D 224 -40.75 -15.17 12.32
N ALA D 225 -39.53 -15.08 12.87
CA ALA D 225 -39.33 -15.21 14.30
C ALA D 225 -40.02 -14.12 15.09
N TRP D 226 -40.46 -13.05 14.43
CA TRP D 226 -41.24 -12.00 15.10
C TRP D 226 -42.60 -12.51 15.58
N GLU D 227 -43.07 -13.66 15.10
CA GLU D 227 -44.31 -14.27 15.56
C GLU D 227 -44.02 -15.26 16.70
N THR D 228 -45.03 -15.49 17.54
CA THR D 228 -44.87 -16.36 18.69
C THR D 228 -45.23 -17.81 18.40
N GLN D 229 -45.26 -18.21 17.13
CA GLN D 229 -45.47 -19.60 16.76
C GLN D 229 -44.87 -19.83 15.38
N THR D 230 -44.60 -21.10 15.07
CA THR D 230 -44.03 -21.47 13.78
C THR D 230 -44.99 -21.11 12.64
N GLY D 231 -44.41 -20.74 11.51
CA GLY D 231 -45.14 -20.42 10.29
C GLY D 231 -44.29 -20.81 9.10
N ILE D 232 -44.84 -20.59 7.89
CA ILE D 232 -44.10 -20.82 6.65
C ILE D 232 -43.55 -19.50 6.16
N ASN D 233 -42.27 -19.51 5.78
CA ASN D 233 -41.63 -18.28 5.30
C ASN D 233 -42.19 -17.88 3.93
N SER D 234 -42.19 -18.82 2.99
CA SER D 234 -42.67 -18.55 1.64
C SER D 234 -43.53 -19.74 1.24
N PRO D 235 -44.81 -19.75 1.66
CA PRO D 235 -45.71 -20.83 1.24
C PRO D 235 -46.24 -20.58 -0.17
N LEU D 236 -46.22 -21.63 -1.00
CA LEU D 236 -46.75 -21.50 -2.36
C LEU D 236 -48.26 -21.28 -2.33
N TYR D 237 -48.97 -22.08 -1.53
CA TYR D 237 -50.41 -21.98 -1.36
C TYR D 237 -50.74 -21.71 0.08
N SER D 238 -51.99 -21.30 0.31
CA SER D 238 -52.51 -21.18 1.66
C SER D 238 -52.87 -22.57 2.19
N ARG D 239 -53.15 -22.63 3.49
CA ARG D 239 -53.51 -23.87 4.15
C ARG D 239 -54.85 -23.72 4.84
N LYS D 240 -55.51 -24.86 5.06
CA LYS D 240 -56.77 -24.85 5.79
C LYS D 240 -56.58 -24.38 7.23
N GLU D 241 -55.39 -24.59 7.81
CA GLU D 241 -55.08 -24.18 9.17
C GLU D 241 -54.65 -22.73 9.26
N ASP D 242 -54.31 -22.09 8.14
CA ASP D 242 -54.02 -20.66 8.15
C ASP D 242 -55.22 -19.90 8.67
N SER D 243 -54.95 -18.84 9.44
CA SER D 243 -56.03 -18.00 9.96
C SER D 243 -56.61 -17.15 8.84
N SER D 244 -57.67 -16.41 9.19
CA SER D 244 -58.39 -15.62 8.18
C SER D 244 -57.50 -14.52 7.62
N GLU D 245 -56.88 -13.73 8.49
CA GLU D 245 -56.07 -12.61 8.04
C GLU D 245 -54.81 -13.04 7.30
N PHE D 246 -54.46 -14.33 7.32
CA PHE D 246 -53.28 -14.81 6.61
C PHE D 246 -53.65 -15.58 5.34
N LYS D 247 -54.86 -15.36 4.81
CA LYS D 247 -55.27 -16.11 3.63
C LYS D 247 -54.53 -15.67 2.38
N MET D 248 -54.20 -14.38 2.28
CA MET D 248 -53.46 -13.88 1.13
C MET D 248 -51.97 -14.13 1.21
N TRP D 249 -51.47 -14.59 2.35
CA TRP D 249 -50.04 -14.52 2.66
C TRP D 249 -49.31 -15.76 2.10
N ASN D 250 -49.31 -15.85 0.77
CA ASN D 250 -48.67 -16.96 0.08
C ASN D 250 -48.31 -16.52 -1.34
N VAL D 251 -47.44 -17.29 -1.98
CA VAL D 251 -46.90 -16.92 -3.29
C VAL D 251 -48.04 -16.66 -4.26
N GLU D 252 -49.06 -17.51 -4.23
CA GLU D 252 -50.08 -17.51 -5.26
C GLU D 252 -51.04 -16.31 -5.14
N GLN D 253 -51.70 -16.18 -3.99
CA GLN D 253 -52.64 -15.07 -3.81
C GLN D 253 -51.94 -13.72 -3.78
N SER D 254 -50.66 -13.68 -3.39
CA SER D 254 -49.95 -12.41 -3.40
C SER D 254 -49.65 -11.97 -4.83
N SER D 255 -49.23 -12.91 -5.67
CA SER D 255 -49.08 -12.57 -7.08
C SER D 255 -50.43 -12.37 -7.75
N LYS D 256 -51.47 -13.08 -7.28
CA LYS D 256 -52.79 -12.88 -7.84
C LYS D 256 -53.25 -11.45 -7.60
N TYR D 257 -52.97 -10.92 -6.41
CA TYR D 257 -53.46 -9.59 -6.07
C TYR D 257 -52.84 -8.53 -6.96
N TRP D 258 -51.57 -8.70 -7.32
CA TRP D 258 -50.92 -7.75 -8.22
C TRP D 258 -51.56 -7.75 -9.60
N SER D 259 -51.84 -8.95 -10.16
CA SER D 259 -52.52 -9.01 -11.44
C SER D 259 -53.91 -8.42 -11.35
N ASP D 260 -54.67 -8.80 -10.32
CA ASP D 260 -55.98 -8.21 -10.09
C ASP D 260 -55.89 -6.69 -10.04
N LYS D 261 -54.95 -6.16 -9.25
CA LYS D 261 -54.84 -4.71 -9.09
C LYS D 261 -54.39 -4.00 -10.36
N GLY D 262 -54.04 -4.74 -11.42
CA GLY D 262 -53.79 -4.14 -12.71
C GLY D 262 -52.36 -4.22 -13.22
N MET D 263 -51.54 -5.11 -12.65
CA MET D 263 -50.20 -5.35 -13.18
C MET D 263 -50.23 -6.57 -14.09
N PRO D 264 -49.79 -6.42 -15.35
CA PRO D 264 -49.78 -7.56 -16.28
C PRO D 264 -48.98 -8.74 -15.78
N LYS D 265 -49.55 -9.94 -15.90
CA LYS D 265 -48.93 -11.14 -15.37
C LYS D 265 -47.45 -11.28 -15.73
N LYS D 266 -47.04 -10.82 -16.91
CA LYS D 266 -45.65 -11.03 -17.31
C LYS D 266 -44.70 -9.99 -16.74
N GLN D 267 -45.20 -8.96 -16.07
CA GLN D 267 -44.35 -8.02 -15.36
C GLN D 267 -44.22 -8.36 -13.88
N ILE D 268 -44.77 -9.50 -13.49
CA ILE D 268 -44.79 -9.97 -12.11
C ILE D 268 -43.72 -11.06 -12.00
N ILE D 269 -42.63 -10.77 -11.30
CA ILE D 269 -41.51 -11.70 -11.19
C ILE D 269 -41.54 -12.31 -9.79
N ILE D 270 -41.62 -13.64 -9.73
CA ILE D 270 -41.91 -14.30 -8.46
C ILE D 270 -40.64 -14.40 -7.63
N GLY D 271 -40.76 -14.04 -6.34
CA GLY D 271 -39.63 -14.08 -5.45
C GLY D 271 -39.41 -15.44 -4.85
N LEU D 272 -38.14 -15.76 -4.64
CA LEU D 272 -37.74 -17.10 -4.24
C LEU D 272 -36.66 -17.04 -3.17
N PRO D 273 -36.96 -17.48 -1.94
CA PRO D 273 -35.96 -17.40 -0.86
C PRO D 273 -35.01 -18.58 -0.82
N THR D 274 -33.71 -18.34 -0.93
CA THR D 274 -32.69 -19.35 -0.66
C THR D 274 -32.31 -19.39 0.80
N TYR D 275 -33.13 -18.82 1.67
CA TYR D 275 -32.89 -18.81 3.09
C TYR D 275 -34.17 -19.28 3.75
N GLY D 276 -34.04 -19.73 4.99
CA GLY D 276 -35.17 -20.10 5.81
C GLY D 276 -35.22 -19.26 7.06
N ARG D 277 -36.35 -19.34 7.76
CA ARG D 277 -36.52 -18.65 9.03
C ARG D 277 -36.84 -19.67 10.12
N GLY D 278 -36.36 -19.38 11.32
CA GLY D 278 -36.38 -20.38 12.38
C GLY D 278 -36.79 -19.82 13.73
N TRP D 279 -37.41 -20.69 14.51
CA TRP D 279 -37.80 -20.38 15.88
C TRP D 279 -37.07 -21.29 16.85
N THR D 280 -37.23 -20.99 18.13
CA THR D 280 -36.88 -21.90 19.21
C THR D 280 -38.19 -22.25 19.91
N LEU D 281 -38.47 -23.55 19.99
CA LEU D 281 -39.78 -23.98 20.44
C LEU D 281 -39.90 -23.89 21.95
N SER D 282 -41.13 -23.69 22.41
CA SER D 282 -41.41 -23.79 23.83
C SER D 282 -41.40 -25.23 24.31
N ASP D 283 -41.61 -26.19 23.39
CA ASP D 283 -41.72 -27.60 23.74
C ASP D 283 -41.12 -28.40 22.61
N ALA D 284 -40.11 -29.22 22.91
CA ALA D 284 -39.48 -30.01 21.85
C ALA D 284 -40.40 -31.12 21.34
N SER D 285 -41.39 -31.52 22.14
CA SER D 285 -42.32 -32.55 21.70
C SER D 285 -43.40 -32.02 20.77
N LYS D 286 -43.63 -30.70 20.75
CA LYS D 286 -44.57 -30.08 19.83
C LYS D 286 -43.78 -29.50 18.66
N THR D 287 -43.99 -30.05 17.47
CA THR D 287 -43.11 -29.80 16.32
C THR D 287 -43.83 -29.38 15.04
N ASP D 288 -45.13 -29.64 14.89
CA ASP D 288 -45.81 -29.31 13.65
C ASP D 288 -45.95 -27.79 13.52
N ILE D 289 -46.46 -27.37 12.37
CA ILE D 289 -46.60 -25.96 12.07
C ILE D 289 -47.62 -25.34 13.01
N GLY D 290 -47.34 -24.11 13.45
CA GLY D 290 -48.14 -23.45 14.46
C GLY D 290 -47.78 -23.81 15.90
N ALA D 291 -46.71 -24.57 16.10
CA ALA D 291 -46.25 -24.89 17.44
C ALA D 291 -45.82 -23.61 18.16
N PRO D 292 -45.89 -23.60 19.49
CA PRO D 292 -45.49 -22.39 20.23
C PRO D 292 -43.98 -22.26 20.30
N ALA D 293 -43.52 -21.01 20.21
CA ALA D 293 -42.11 -20.70 20.27
C ALA D 293 -41.87 -19.69 21.37
N GLN D 294 -40.64 -19.68 21.89
CA GLN D 294 -40.23 -18.75 22.93
C GLN D 294 -39.33 -17.65 22.38
N GLY D 295 -39.19 -17.56 21.06
CA GLY D 295 -38.30 -16.59 20.45
C GLY D 295 -37.52 -17.15 19.28
N SER D 296 -36.62 -16.33 18.72
CA SER D 296 -35.94 -16.70 17.49
C SER D 296 -35.11 -17.96 17.66
N SER D 297 -34.87 -18.64 16.55
CA SER D 297 -33.91 -19.72 16.58
C SER D 297 -32.53 -19.17 16.89
N THR D 298 -31.67 -20.04 17.40
CA THR D 298 -30.31 -19.64 17.74
C THR D 298 -29.55 -19.30 16.47
N ALA D 299 -28.85 -18.16 16.48
CA ALA D 299 -28.06 -17.73 15.33
C ALA D 299 -27.21 -18.88 14.80
N THR D 300 -26.88 -18.82 13.51
CA THR D 300 -26.35 -19.97 12.80
C THR D 300 -24.88 -19.72 12.42
N GLU D 301 -24.16 -20.82 12.13
CA GLU D 301 -22.70 -20.78 12.11
C GLU D 301 -22.14 -19.70 11.21
N TYR D 302 -22.77 -19.46 10.06
CA TYR D 302 -22.23 -18.56 9.05
C TYR D 302 -22.97 -17.23 8.99
N LEU D 303 -24.29 -17.26 8.78
CA LEU D 303 -25.06 -16.02 8.66
C LEU D 303 -25.07 -15.26 9.98
N ARG D 304 -25.08 -15.99 11.10
CA ARG D 304 -24.93 -15.44 12.46
C ARG D 304 -25.95 -14.35 12.76
N GLU D 305 -27.20 -14.62 12.38
CA GLU D 305 -28.32 -13.76 12.74
C GLU D 305 -29.45 -14.66 13.18
N ALA D 306 -29.88 -14.48 14.43
CA ALA D 306 -30.87 -15.36 15.04
C ALA D 306 -32.17 -15.36 14.22
N GLY D 307 -32.78 -16.53 14.09
CA GLY D 307 -34.04 -16.65 13.38
C GLY D 307 -33.94 -16.73 11.88
N VAL D 308 -32.73 -16.87 11.34
CA VAL D 308 -32.48 -16.97 9.90
C VAL D 308 -31.43 -18.05 9.67
N ILE D 309 -31.60 -18.83 8.60
CA ILE D 309 -30.66 -19.88 8.24
C ILE D 309 -30.48 -19.92 6.73
N SER D 310 -29.23 -20.04 6.28
CA SER D 310 -28.98 -20.23 4.84
C SER D 310 -29.29 -21.67 4.43
N TYR D 311 -29.47 -21.89 3.12
CA TYR D 311 -29.80 -23.23 2.67
C TYR D 311 -28.64 -24.19 2.90
N TYR D 312 -27.40 -23.72 2.72
CA TYR D 312 -26.28 -24.62 2.95
C TYR D 312 -26.16 -24.99 4.43
N GLU D 313 -26.44 -24.05 5.34
CA GLU D 313 -26.49 -24.40 6.76
C GLU D 313 -27.61 -25.41 7.02
N VAL D 314 -28.74 -25.28 6.32
CA VAL D 314 -29.78 -26.30 6.44
C VAL D 314 -29.22 -27.66 6.06
N CYS D 315 -28.44 -27.71 4.97
CA CYS D 315 -27.80 -28.96 4.58
C CYS D 315 -26.93 -29.50 5.71
N GLN D 316 -26.06 -28.66 6.28
CA GLN D 316 -25.21 -29.07 7.39
C GLN D 316 -26.03 -29.67 8.53
N LYS D 317 -27.13 -29.00 8.91
CA LYS D 317 -27.94 -29.52 10.00
C LYS D 317 -28.58 -30.87 9.64
N LEU D 318 -28.66 -31.19 8.35
CA LEU D 318 -29.32 -32.43 7.95
C LEU D 318 -28.44 -33.64 8.25
N SER D 319 -27.18 -33.60 7.82
CA SER D 319 -26.24 -34.65 8.17
C SER D 319 -25.86 -34.63 9.64
N SER D 320 -26.17 -33.55 10.37
CA SER D 320 -26.12 -33.61 11.82
C SER D 320 -27.28 -34.42 12.39
N GLY D 321 -28.20 -34.83 11.54
CA GLY D 321 -29.30 -35.67 11.94
C GLY D 321 -30.61 -34.96 12.20
N ALA D 322 -30.91 -33.91 11.45
CA ALA D 322 -32.13 -33.16 11.67
C ALA D 322 -33.28 -33.74 10.84
N LYS D 323 -34.49 -33.61 11.37
CA LYS D 323 -35.69 -34.23 10.83
C LYS D 323 -36.40 -33.23 9.92
N ARG D 324 -36.61 -33.61 8.65
CA ARG D 324 -37.23 -32.76 7.64
C ARG D 324 -38.66 -33.20 7.39
N VAL D 325 -39.62 -32.30 7.63
CA VAL D 325 -41.03 -32.54 7.32
C VAL D 325 -41.40 -31.76 6.06
N TRP D 326 -42.22 -32.37 5.20
CA TRP D 326 -42.67 -31.74 3.97
C TRP D 326 -44.17 -31.44 4.12
N ASP D 327 -44.52 -30.16 4.04
CA ASP D 327 -45.91 -29.70 4.22
C ASP D 327 -46.50 -29.55 2.83
N ASP D 328 -47.08 -30.64 2.32
CA ASP D 328 -47.48 -30.68 0.91
C ASP D 328 -48.58 -29.69 0.62
N GLU D 329 -49.31 -29.23 1.63
CA GLU D 329 -50.32 -28.23 1.38
C GLU D 329 -49.68 -26.91 0.90
N SER D 330 -48.70 -26.40 1.66
CA SER D 330 -47.96 -25.21 1.28
C SER D 330 -46.84 -25.50 0.29
N LYS D 331 -46.50 -26.78 0.07
CA LYS D 331 -45.46 -27.19 -0.88
C LYS D 331 -44.08 -26.64 -0.48
N THR D 332 -43.79 -26.68 0.82
CA THR D 332 -42.49 -26.27 1.34
C THR D 332 -42.11 -27.21 2.46
N PRO D 333 -40.79 -27.34 2.74
CA PRO D 333 -40.37 -28.15 3.88
C PRO D 333 -40.11 -27.30 5.11
N TYR D 334 -40.16 -27.95 6.27
CA TYR D 334 -39.63 -27.37 7.49
C TYR D 334 -38.75 -28.42 8.16
N LEU D 335 -37.87 -27.94 9.03
CA LEU D 335 -36.83 -28.77 9.62
C LEU D 335 -36.80 -28.57 11.13
N VAL D 336 -36.69 -29.68 11.87
CA VAL D 336 -36.63 -29.66 13.33
C VAL D 336 -35.34 -30.35 13.79
N GLN D 337 -34.60 -29.65 14.67
CA GLN D 337 -33.47 -30.23 15.39
C GLN D 337 -33.60 -29.77 16.83
N GLY D 338 -33.72 -30.72 17.74
CA GLY D 338 -33.91 -30.40 19.14
C GLY D 338 -35.11 -29.51 19.39
N ASN D 339 -34.87 -28.27 19.79
CA ASN D 339 -35.91 -27.27 19.97
C ASN D 339 -35.87 -26.20 18.89
N GLN D 340 -35.07 -26.42 17.85
CA GLN D 340 -34.90 -25.49 16.75
C GLN D 340 -35.79 -25.88 15.58
N TRP D 341 -36.54 -24.91 15.05
CA TRP D 341 -37.56 -25.15 14.04
C TRP D 341 -37.41 -24.11 12.95
N PHE D 342 -37.15 -24.55 11.71
CA PHE D 342 -37.03 -23.64 10.59
C PHE D 342 -37.94 -24.06 9.44
N SER D 343 -38.72 -23.11 8.92
CA SER D 343 -39.26 -23.20 7.58
C SER D 343 -38.20 -22.74 6.61
N TYR D 344 -38.23 -23.27 5.39
CA TYR D 344 -37.25 -22.92 4.36
C TYR D 344 -37.72 -23.46 3.02
N ASP D 345 -36.84 -23.38 2.03
CA ASP D 345 -37.10 -23.89 0.69
C ASP D 345 -35.94 -24.74 0.24
N ASP D 346 -36.24 -25.83 -0.47
CA ASP D 346 -35.22 -26.73 -0.96
C ASP D 346 -35.50 -26.99 -2.43
N VAL D 347 -34.99 -28.11 -2.92
CA VAL D 347 -35.11 -28.41 -4.34
C VAL D 347 -36.54 -28.78 -4.69
N GLU D 348 -37.15 -29.65 -3.88
CA GLU D 348 -38.53 -30.05 -4.14
C GLU D 348 -39.45 -28.84 -4.15
N SER D 349 -39.30 -27.97 -3.14
CA SER D 349 -40.22 -26.84 -2.99
C SER D 349 -40.01 -25.82 -4.10
N MET D 350 -38.78 -25.63 -4.52
CA MET D 350 -38.55 -24.61 -5.53
C MET D 350 -38.91 -25.13 -6.91
N LYS D 351 -38.73 -26.44 -7.13
CA LYS D 351 -39.26 -27.09 -8.32
C LYS D 351 -40.75 -26.83 -8.42
N ALA D 352 -41.46 -27.02 -7.30
CA ALA D 352 -42.90 -26.75 -7.28
C ALA D 352 -43.18 -25.31 -7.67
N LYS D 353 -42.46 -24.38 -7.05
CA LYS D 353 -42.72 -22.96 -7.25
C LYS D 353 -42.42 -22.54 -8.68
N ILE D 354 -41.26 -22.92 -9.20
CA ILE D 354 -40.89 -22.49 -10.53
C ILE D 354 -41.80 -23.13 -11.57
N ASN D 355 -42.21 -24.38 -11.36
CA ASN D 355 -43.15 -24.99 -12.28
C ASN D 355 -44.48 -24.24 -12.29
N TRP D 356 -44.98 -23.91 -11.10
CA TRP D 356 -46.20 -23.11 -11.01
C TRP D 356 -46.05 -21.79 -11.76
N ILE D 357 -44.87 -21.17 -11.69
CA ILE D 357 -44.61 -19.97 -12.48
C ILE D 357 -44.85 -20.23 -13.95
N LYS D 358 -44.31 -21.35 -14.46
CA LYS D 358 -44.43 -21.64 -15.89
C LYS D 358 -45.88 -21.85 -16.26
N GLN D 359 -46.60 -22.68 -15.49
CA GLN D 359 -47.97 -22.99 -15.82
C GLN D 359 -48.83 -21.72 -15.81
N GLU D 360 -48.70 -20.89 -14.78
CA GLU D 360 -49.58 -19.73 -14.69
C GLU D 360 -49.11 -18.57 -15.55
N ASN D 361 -47.98 -18.71 -16.21
CA ASN D 361 -47.46 -17.69 -17.12
C ASN D 361 -47.30 -16.33 -16.43
N TYR D 362 -46.73 -16.36 -15.23
CA TYR D 362 -46.17 -15.17 -14.61
C TYR D 362 -44.81 -14.88 -15.25
N GLY D 363 -44.30 -13.66 -15.02
CA GLY D 363 -43.23 -13.14 -15.86
C GLY D 363 -41.88 -13.83 -15.71
N GLY D 364 -41.67 -14.53 -14.61
CA GLY D 364 -40.39 -15.15 -14.35
C GLY D 364 -40.18 -15.32 -12.86
N ALA D 365 -38.90 -15.44 -12.49
CA ALA D 365 -38.51 -15.69 -11.11
C ALA D 365 -37.25 -14.94 -10.80
N PHE D 366 -37.16 -14.43 -9.59
CA PHE D 366 -35.89 -13.94 -9.06
C PHE D 366 -35.62 -14.61 -7.73
N VAL D 367 -34.37 -14.53 -7.31
CA VAL D 367 -33.92 -15.26 -6.15
C VAL D 367 -33.12 -14.34 -5.24
N TRP D 368 -33.36 -14.47 -3.93
CA TRP D 368 -32.67 -13.75 -2.87
C TRP D 368 -32.26 -14.81 -1.86
N THR D 369 -30.95 -15.08 -1.75
CA THR D 369 -29.86 -14.43 -2.49
C THR D 369 -28.92 -15.45 -3.15
N LEU D 370 -27.90 -14.95 -3.86
CA LEU D 370 -26.87 -15.83 -4.39
C LEU D 370 -26.10 -16.53 -3.28
N ASP D 371 -25.70 -15.79 -2.25
CA ASP D 371 -24.78 -16.31 -1.25
C ASP D 371 -25.43 -17.29 -0.28
N TYR D 372 -26.73 -17.52 -0.38
CA TYR D 372 -27.42 -18.41 0.54
C TYR D 372 -27.52 -19.84 0.03
N ASP D 373 -27.48 -20.01 -1.30
CA ASP D 373 -27.47 -21.31 -1.92
C ASP D 373 -26.14 -22.00 -1.62
N ASP D 374 -26.08 -23.32 -1.86
CA ASP D 374 -24.82 -24.04 -1.74
C ASP D 374 -23.96 -23.70 -2.96
N PHE D 375 -23.46 -22.46 -2.98
CA PHE D 375 -22.73 -21.98 -4.15
C PHE D 375 -21.39 -22.67 -4.32
N LEU D 376 -20.87 -23.34 -3.29
CA LEU D 376 -19.64 -24.13 -3.45
C LEU D 376 -19.91 -25.58 -3.83
N GLY D 377 -21.16 -26.05 -3.74
CA GLY D 377 -21.46 -27.45 -3.97
C GLY D 377 -20.86 -28.38 -2.93
N SER D 378 -20.12 -27.81 -1.97
CA SER D 378 -19.42 -28.58 -0.94
C SER D 378 -20.24 -28.75 0.34
N PHE D 379 -21.24 -27.91 0.59
CA PHE D 379 -21.97 -28.01 1.84
C PHE D 379 -22.98 -29.14 1.85
N CYS D 380 -23.57 -29.46 0.69
CA CYS D 380 -24.75 -30.34 0.59
C CYS D 380 -24.32 -31.68 0.01
N THR D 381 -24.25 -32.69 0.89
CA THR D 381 -23.99 -34.05 0.45
C THR D 381 -25.06 -34.56 -0.52
N GLU D 382 -26.31 -34.09 -0.34
CA GLU D 382 -27.45 -34.66 -1.04
C GLU D 382 -27.37 -34.51 -2.56
N HIS D 383 -26.69 -33.49 -3.05
CA HIS D 383 -26.69 -33.17 -4.48
C HIS D 383 -25.36 -33.48 -5.17
N ASN D 384 -24.58 -34.42 -4.63
CA ASN D 384 -23.31 -34.89 -5.20
C ASN D 384 -22.37 -33.79 -5.70
N GLY D 385 -22.41 -32.62 -5.08
CA GLY D 385 -21.47 -31.56 -5.38
C GLY D 385 -21.92 -30.54 -6.40
N LYS D 386 -23.15 -30.63 -6.90
CA LYS D 386 -23.67 -29.64 -7.84
C LYS D 386 -23.64 -28.25 -7.24
N LYS D 387 -23.00 -27.32 -7.93
CA LYS D 387 -23.02 -25.94 -7.50
C LYS D 387 -24.39 -25.32 -7.76
N TYR D 388 -24.89 -24.56 -6.77
CA TYR D 388 -26.19 -23.90 -6.78
C TYR D 388 -27.30 -24.91 -7.03
N PRO D 389 -27.48 -25.89 -6.14
CA PRO D 389 -28.58 -26.85 -6.35
C PRO D 389 -29.95 -26.19 -6.48
N LEU D 390 -30.15 -25.03 -5.84
CA LEU D 390 -31.46 -24.37 -5.87
C LEU D 390 -31.57 -23.41 -7.05
N ILE D 391 -30.58 -22.53 -7.23
CA ILE D 391 -30.68 -21.47 -8.22
C ILE D 391 -30.53 -21.99 -9.66
N SER D 392 -30.00 -23.21 -9.83
CA SER D 392 -29.98 -23.82 -11.16
C SER D 392 -31.37 -24.09 -11.70
N LEU D 393 -32.33 -24.36 -10.82
CA LEU D 393 -33.65 -24.75 -11.29
C LEU D 393 -34.32 -23.67 -12.10
N MET D 394 -33.84 -22.42 -12.02
CA MET D 394 -34.43 -21.38 -12.84
C MET D 394 -34.15 -21.65 -14.31
N GLN D 395 -32.90 -21.90 -14.65
CA GLN D 395 -32.60 -22.12 -16.04
C GLN D 395 -32.99 -23.51 -16.50
N GLU D 396 -32.93 -24.49 -15.59
CA GLU D 396 -33.37 -25.83 -15.95
C GLU D 396 -34.83 -25.81 -16.39
N ILE D 397 -35.68 -25.14 -15.62
CA ILE D 397 -37.10 -25.22 -15.86
C ILE D 397 -37.61 -24.06 -16.72
N LEU D 398 -37.10 -22.86 -16.52
CA LEU D 398 -37.59 -21.68 -17.25
C LEU D 398 -36.68 -21.24 -18.39
N GLY D 399 -35.57 -21.94 -18.64
CA GLY D 399 -34.56 -21.50 -19.59
C GLY D 399 -35.04 -21.17 -21.00
N LYS E 32 36.00 -2.43 9.93
CA LYS E 32 36.95 -3.28 10.63
C LYS E 32 36.74 -4.79 10.38
N TYR E 33 35.48 -5.26 10.29
CA TYR E 33 35.21 -6.68 10.07
C TYR E 33 34.16 -6.90 8.97
N VAL E 34 34.29 -8.04 8.29
CA VAL E 34 33.35 -8.41 7.23
C VAL E 34 32.26 -9.28 7.82
N ARG E 35 31.00 -8.94 7.52
CA ARG E 35 29.87 -9.79 7.90
C ARG E 35 29.07 -10.15 6.66
N GLY E 36 29.20 -11.39 6.20
CA GLY E 36 28.52 -11.80 4.98
C GLY E 36 27.57 -12.96 5.19
N CYS E 37 26.59 -13.09 4.31
CA CYS E 37 25.65 -14.20 4.39
C CYS E 37 25.32 -14.71 3.01
N TYR E 38 25.11 -16.02 2.94
CA TYR E 38 24.66 -16.67 1.71
C TYR E 38 23.14 -16.82 1.76
N PHE E 39 22.48 -16.20 0.80
CA PHE E 39 21.11 -16.54 0.44
C PHE E 39 21.16 -17.68 -0.56
N THR E 40 20.29 -18.67 -0.41
CA THR E 40 20.18 -19.76 -1.37
C THR E 40 18.84 -19.70 -2.09
N ASN E 41 18.89 -19.85 -3.41
CA ASN E 41 17.71 -19.66 -4.25
C ASN E 41 16.88 -20.93 -4.39
N TRP E 42 17.18 -21.97 -3.63
CA TRP E 42 16.26 -23.10 -3.52
C TRP E 42 15.52 -23.13 -2.21
N ALA E 43 15.82 -22.21 -1.30
CA ALA E 43 15.12 -22.20 -0.02
C ALA E 43 13.65 -21.85 -0.19
N GLN E 44 13.29 -21.22 -1.32
CA GLN E 44 11.90 -20.93 -1.61
C GLN E 44 11.02 -22.18 -1.68
N TYR E 45 11.60 -23.38 -1.70
CA TYR E 45 10.83 -24.61 -1.91
C TYR E 45 10.68 -25.45 -0.65
N ARG E 46 11.07 -24.96 0.52
CA ARG E 46 10.88 -25.75 1.73
C ARG E 46 9.39 -25.76 2.11
N PRO E 47 8.93 -26.80 2.77
CA PRO E 47 7.52 -26.88 3.14
C PRO E 47 7.19 -26.04 4.38
N GLY E 48 5.96 -25.52 4.39
CA GLY E 48 5.46 -24.85 5.57
C GLY E 48 6.17 -23.55 5.86
N ASN E 49 6.53 -23.36 7.13
CA ASN E 49 7.17 -22.14 7.58
C ASN E 49 8.65 -22.12 7.30
N GLY E 50 9.22 -23.27 6.90
CA GLY E 50 10.58 -23.35 6.40
C GLY E 50 10.80 -22.64 5.08
N LYS E 51 9.73 -22.34 4.34
CA LYS E 51 9.88 -21.51 3.15
C LYS E 51 10.58 -20.20 3.52
N TYR E 52 11.66 -19.88 2.80
CA TYR E 52 12.40 -18.66 3.04
C TYR E 52 12.38 -17.80 1.77
N ASN E 53 12.02 -16.54 1.94
CA ASN E 53 11.85 -15.55 0.88
C ASN E 53 12.71 -14.34 1.17
N PRO E 54 13.04 -13.56 0.14
CA PRO E 54 13.83 -12.33 0.37
C PRO E 54 13.22 -11.38 1.40
N GLU E 55 11.89 -11.27 1.48
CA GLU E 55 11.28 -10.39 2.49
C GLU E 55 11.56 -10.86 3.91
N HIS E 56 11.96 -12.12 4.11
CA HIS E 56 12.37 -12.66 5.41
C HIS E 56 13.71 -12.10 5.90
N TYR E 57 14.48 -11.43 5.04
CA TYR E 57 15.73 -10.83 5.50
C TYR E 57 15.43 -9.78 6.55
N GLN E 58 16.41 -9.52 7.41
CA GLN E 58 16.34 -8.49 8.42
C GLN E 58 17.49 -7.52 8.22
N ALA E 59 17.17 -6.23 8.23
CA ALA E 59 18.17 -5.20 7.96
C ALA E 59 19.37 -5.27 8.92
N ASN E 60 20.55 -5.00 8.37
CA ASN E 60 21.87 -4.90 9.01
C ASN E 60 22.41 -6.23 9.53
N LEU E 61 21.63 -7.32 9.43
CA LEU E 61 22.11 -8.68 9.68
C LEU E 61 23.47 -8.92 9.04
N CYS E 62 23.60 -8.62 7.74
CA CYS E 62 24.82 -8.86 6.98
C CYS E 62 25.18 -7.60 6.22
N GLU E 63 26.47 -7.34 6.09
CA GLU E 63 26.93 -6.29 5.17
C GLU E 63 27.01 -6.82 3.74
N TYR E 64 27.27 -8.11 3.59
CA TYR E 64 27.38 -8.75 2.28
C TYR E 64 26.36 -9.86 2.20
N ILE E 65 25.58 -9.87 1.13
CA ILE E 65 24.75 -11.02 0.77
C ILE E 65 25.35 -11.64 -0.47
N PHE E 66 25.60 -12.95 -0.40
CA PHE E 66 26.06 -13.77 -1.52
C PHE E 66 24.88 -14.55 -2.08
N TYR E 67 24.43 -14.17 -3.28
CA TYR E 67 23.35 -14.87 -3.95
C TYR E 67 23.88 -16.17 -4.54
N ALA E 68 23.40 -17.29 -4.01
CA ALA E 68 23.76 -18.62 -4.47
C ALA E 68 22.54 -19.31 -5.09
N PHE E 69 22.65 -19.77 -6.32
CA PHE E 69 23.79 -19.58 -7.21
C PHE E 69 23.26 -19.16 -8.56
N ALA E 70 24.13 -18.59 -9.40
CA ALA E 70 23.88 -18.51 -10.82
C ALA E 70 24.26 -19.82 -11.49
N LYS E 71 23.94 -19.92 -12.77
CA LYS E 71 24.22 -21.10 -13.58
C LYS E 71 25.38 -20.80 -14.53
N LEU E 72 26.36 -21.70 -14.57
CA LEU E 72 27.37 -21.72 -15.63
C LEU E 72 26.90 -22.68 -16.73
N ASN E 73 26.65 -22.14 -17.91
CA ASN E 73 26.19 -22.93 -19.06
C ASN E 73 27.30 -23.76 -19.68
N ASP E 74 26.92 -24.90 -20.26
CA ASP E 74 27.90 -25.72 -20.98
C ASP E 74 28.73 -24.91 -21.97
N ASP E 75 28.14 -23.88 -22.58
CA ASP E 75 28.96 -23.05 -23.47
C ASP E 75 29.78 -21.99 -22.74
N PHE E 76 29.84 -22.05 -21.40
CA PHE E 76 30.63 -21.18 -20.52
C PHE E 76 29.99 -19.82 -20.30
N THR E 77 28.73 -19.64 -20.65
CA THR E 77 28.05 -18.38 -20.39
C THR E 77 27.27 -18.48 -19.09
N VAL E 78 26.92 -17.32 -18.55
CA VAL E 78 26.25 -17.21 -17.26
C VAL E 78 24.78 -16.90 -17.50
N ASP E 79 23.92 -17.58 -16.74
CA ASP E 79 22.48 -17.35 -16.79
C ASP E 79 21.89 -17.56 -15.39
N GLN E 80 20.60 -17.27 -15.25
CA GLN E 80 19.90 -17.53 -13.99
C GLN E 80 19.75 -19.03 -13.75
N PHE E 81 19.99 -19.46 -12.53
CA PHE E 81 19.77 -20.87 -12.24
C PHE E 81 18.28 -21.20 -12.07
N GLU E 82 17.57 -20.44 -11.26
CA GLU E 82 16.16 -20.70 -11.01
C GLU E 82 15.27 -19.89 -11.92
N TRP E 83 14.15 -20.50 -12.32
CA TRP E 83 13.25 -19.93 -13.33
C TRP E 83 12.71 -18.55 -12.95
N ASN E 84 12.75 -18.17 -11.67
CA ASN E 84 12.21 -16.90 -11.21
C ASN E 84 13.26 -15.98 -10.60
N ASP E 85 14.54 -16.27 -10.81
CA ASP E 85 15.63 -15.44 -10.31
C ASP E 85 15.52 -14.00 -10.82
N ILE E 86 15.65 -13.83 -12.14
CA ILE E 86 15.74 -12.49 -12.72
C ILE E 86 14.47 -11.69 -12.45
N ASP E 87 13.30 -12.32 -12.62
CA ASP E 87 12.05 -11.56 -12.58
C ASP E 87 11.54 -11.30 -11.16
N VAL E 88 11.98 -12.05 -10.15
CA VAL E 88 11.36 -11.99 -8.82
C VAL E 88 12.39 -11.94 -7.71
N LEU E 89 13.24 -12.97 -7.63
CA LEU E 89 14.10 -13.15 -6.47
C LEU E 89 15.32 -12.23 -6.48
N TYR E 90 15.97 -12.01 -7.64
CA TYR E 90 17.08 -11.04 -7.71
C TYR E 90 16.56 -9.68 -7.25
N PRO E 91 15.54 -9.11 -7.91
CA PRO E 91 15.05 -7.79 -7.48
C PRO E 91 14.47 -7.80 -6.08
N GLY E 92 14.05 -8.95 -5.57
CA GLY E 92 13.54 -9.00 -4.21
C GLY E 92 14.65 -8.86 -3.18
N VAL E 93 15.81 -9.45 -3.46
CA VAL E 93 16.95 -9.27 -2.58
C VAL E 93 17.44 -7.83 -2.67
N MET E 94 17.39 -7.24 -3.87
CA MET E 94 17.91 -5.89 -4.04
C MET E 94 17.04 -4.85 -3.34
N LYS E 95 15.75 -5.15 -3.17
CA LYS E 95 14.84 -4.24 -2.48
C LYS E 95 15.20 -4.05 -1.02
N GLN E 96 16.12 -4.87 -0.47
CA GLN E 96 16.49 -4.70 0.91
C GLN E 96 17.48 -3.56 1.10
N LYS E 97 18.20 -3.20 0.04
CA LYS E 97 19.01 -2.00 0.07
C LYS E 97 18.19 -0.79 0.50
N SER E 98 16.88 -0.79 0.20
CA SER E 98 16.05 0.34 0.54
C SER E 98 16.16 0.66 2.03
N SER E 99 16.03 -0.37 2.86
CA SER E 99 16.09 -0.21 4.30
C SER E 99 17.46 -0.55 4.88
N GLN E 100 18.47 -0.77 4.04
CA GLN E 100 19.84 -0.92 4.52
C GLN E 100 20.76 -0.51 3.38
N PRO E 101 21.10 0.77 3.30
CA PRO E 101 21.75 1.29 2.08
C PRO E 101 23.21 0.90 1.90
N ASP E 102 23.85 0.28 2.88
CA ASP E 102 25.21 -0.24 2.73
C ASP E 102 25.22 -1.69 2.23
N LEU E 103 24.05 -2.30 2.05
CA LEU E 103 23.97 -3.69 1.59
C LEU E 103 24.66 -3.84 0.25
N LYS E 104 25.49 -4.86 0.16
CA LYS E 104 26.09 -5.22 -1.10
C LYS E 104 25.77 -6.68 -1.36
N VAL E 105 25.32 -6.97 -2.58
CA VAL E 105 24.81 -8.28 -2.98
C VAL E 105 25.70 -8.81 -4.08
N LEU E 106 26.30 -9.97 -3.87
CA LEU E 106 27.19 -10.57 -4.85
C LEU E 106 26.60 -11.86 -5.39
N LEU E 107 26.81 -12.07 -6.68
CA LEU E 107 26.31 -13.27 -7.36
C LEU E 107 27.35 -14.38 -7.22
N SER E 108 26.92 -15.52 -6.67
CA SER E 108 27.82 -16.64 -6.45
C SER E 108 27.63 -17.73 -7.50
N LEU E 109 28.74 -18.23 -8.02
CA LEU E 109 28.76 -19.22 -9.07
C LEU E 109 29.41 -20.49 -8.54
N GLY E 110 28.72 -21.61 -8.70
CA GLY E 110 29.37 -22.87 -8.38
C GLY E 110 28.69 -23.66 -7.29
N GLY E 111 29.42 -23.89 -6.21
CA GLY E 111 28.93 -24.70 -5.13
C GLY E 111 29.21 -26.17 -5.37
N TRP E 112 28.84 -26.96 -4.37
CA TRP E 112 29.15 -28.39 -4.40
C TRP E 112 28.43 -29.10 -5.56
N ASN E 113 27.11 -28.91 -5.68
CA ASN E 113 26.35 -29.68 -6.67
C ASN E 113 26.84 -29.41 -8.08
N ALA E 114 27.37 -28.23 -8.35
CA ALA E 114 27.72 -27.87 -9.71
C ALA E 114 28.89 -28.68 -10.22
N GLY E 115 29.70 -29.22 -9.32
CA GLY E 115 30.89 -29.95 -9.68
C GLY E 115 31.86 -29.13 -10.52
N THR E 116 32.92 -29.81 -10.99
CA THR E 116 34.11 -29.18 -11.47
C THR E 116 34.30 -29.25 -12.99
N ALA E 117 33.46 -29.99 -13.71
CA ALA E 117 33.76 -30.32 -15.11
C ALA E 117 33.73 -29.08 -15.99
N THR E 118 32.63 -28.33 -15.97
CA THR E 118 32.50 -27.15 -16.81
C THR E 118 33.50 -26.07 -16.41
N PHE E 119 33.72 -25.89 -15.10
CA PHE E 119 34.75 -24.96 -14.64
C PHE E 119 36.10 -25.28 -15.26
N LYS E 120 36.46 -26.56 -15.29
CA LYS E 120 37.77 -26.95 -15.81
C LYS E 120 37.89 -26.61 -17.29
N LYS E 121 36.87 -26.91 -18.09
CA LYS E 121 36.91 -26.59 -19.51
C LYS E 121 36.84 -25.10 -19.77
N MET E 122 36.10 -24.37 -18.93
CA MET E 122 35.95 -22.94 -19.14
C MET E 122 37.28 -22.20 -18.99
N ALA E 123 38.09 -22.63 -18.02
CA ALA E 123 39.27 -21.90 -17.59
C ALA E 123 40.52 -22.25 -18.38
N ALA E 124 40.42 -23.14 -19.36
CA ALA E 124 41.60 -23.74 -19.98
C ALA E 124 42.26 -22.81 -20.98
N THR E 125 41.47 -22.08 -21.77
CA THR E 125 41.95 -21.24 -22.86
C THR E 125 41.54 -19.79 -22.63
N TYR E 126 42.28 -18.86 -23.24
CA TYR E 126 41.95 -17.46 -23.05
C TYR E 126 40.53 -17.16 -23.53
N SER E 127 40.15 -17.75 -24.67
CA SER E 127 38.88 -17.42 -25.32
C SER E 127 37.68 -17.89 -24.50
N ASN E 128 37.76 -19.08 -23.91
CA ASN E 128 36.67 -19.52 -23.07
C ASN E 128 36.53 -18.61 -21.85
N ARG E 129 37.65 -18.29 -21.21
CA ARG E 129 37.62 -17.34 -20.11
C ARG E 129 37.03 -16.01 -20.55
N ALA E 130 37.48 -15.50 -21.70
CA ALA E 130 36.97 -14.22 -22.20
C ALA E 130 35.46 -14.28 -22.39
N LYS E 131 34.98 -15.35 -23.02
CA LYS E 131 33.56 -15.53 -23.24
C LYS E 131 32.80 -15.54 -21.92
N PHE E 132 33.28 -16.33 -20.96
CA PHE E 132 32.67 -16.39 -19.64
C PHE E 132 32.62 -15.01 -18.97
N ILE E 133 33.76 -14.31 -18.92
CA ILE E 133 33.82 -13.04 -18.19
C ILE E 133 32.94 -12.00 -18.86
N SER E 134 32.90 -12.00 -20.20
CA SER E 134 32.02 -11.08 -20.94
C SER E 134 30.56 -11.38 -20.65
N SER E 135 30.17 -12.65 -20.81
CA SER E 135 28.88 -13.10 -20.35
C SER E 135 28.59 -12.57 -18.94
N LEU E 136 29.57 -12.72 -18.04
CA LEU E 136 29.33 -12.43 -16.63
C LEU E 136 29.13 -10.95 -16.39
N VAL E 137 30.08 -10.11 -16.84
CA VAL E 137 29.96 -8.67 -16.62
C VAL E 137 28.57 -8.20 -17.01
N SER E 138 28.10 -8.65 -18.16
CA SER E 138 26.78 -8.23 -18.62
C SER E 138 25.69 -8.62 -17.64
N PHE E 139 25.64 -9.91 -17.26
CA PHE E 139 24.65 -10.37 -16.28
C PHE E 139 24.71 -9.58 -14.99
N LEU E 140 25.93 -9.32 -14.48
CA LEU E 140 26.07 -8.60 -13.22
C LEU E 140 25.44 -7.21 -13.31
N GLN E 141 25.79 -6.47 -14.36
CA GLN E 141 25.22 -5.15 -14.52
C GLN E 141 23.71 -5.21 -14.73
N GLN E 142 23.24 -6.14 -15.59
CA GLN E 142 21.81 -6.17 -15.94
C GLN E 142 20.96 -6.35 -14.71
N ASN E 143 21.41 -7.21 -13.81
CA ASN E 143 20.66 -7.54 -12.63
C ASN E 143 21.12 -6.76 -11.40
N LYS E 144 21.91 -5.70 -11.61
CA LYS E 144 22.25 -4.72 -10.58
C LYS E 144 22.96 -5.37 -9.39
N PHE E 145 23.91 -6.26 -9.66
CA PHE E 145 24.72 -6.87 -8.61
C PHE E 145 25.90 -5.97 -8.30
N ASP E 146 26.47 -6.16 -7.11
CA ASP E 146 27.59 -5.34 -6.68
C ASP E 146 28.93 -6.05 -6.87
N GLY E 147 28.90 -7.33 -7.19
CA GLY E 147 30.13 -8.08 -7.34
C GLY E 147 29.81 -9.54 -7.58
N PHE E 148 30.89 -10.30 -7.77
CA PHE E 148 30.84 -11.71 -8.15
C PHE E 148 31.60 -12.50 -7.10
N ASP E 149 31.12 -13.70 -6.80
CA ASP E 149 31.74 -14.59 -5.83
C ASP E 149 31.91 -15.97 -6.49
N LEU E 150 33.16 -16.45 -6.57
CA LEU E 150 33.50 -17.66 -7.30
C LEU E 150 33.65 -18.86 -6.35
N ASP E 151 32.65 -19.77 -6.34
CA ASP E 151 32.73 -21.02 -5.57
C ASP E 151 33.03 -22.20 -6.48
N TRP E 152 34.22 -22.22 -7.03
CA TRP E 152 34.69 -23.40 -7.71
C TRP E 152 35.13 -24.39 -6.64
N GLU E 153 34.47 -25.55 -6.59
CA GLU E 153 34.74 -26.55 -5.54
C GLU E 153 35.13 -27.87 -6.20
N TYR E 154 36.43 -28.09 -6.40
CA TYR E 154 37.50 -27.12 -6.15
C TYR E 154 38.47 -27.13 -7.34
N PRO E 155 39.27 -26.10 -7.51
CA PRO E 155 40.34 -26.15 -8.51
C PRO E 155 41.35 -27.23 -8.15
N GLU E 156 41.79 -27.97 -9.17
CA GLU E 156 42.68 -29.09 -8.95
C GLU E 156 44.11 -28.70 -9.31
N SER E 157 45.03 -29.67 -9.20
CA SER E 157 46.40 -29.43 -9.64
C SER E 157 46.44 -28.98 -11.09
N SER E 158 45.76 -29.71 -11.97
CA SER E 158 45.70 -29.29 -13.36
C SER E 158 45.09 -27.90 -13.52
N ASP E 159 44.37 -27.39 -12.52
CA ASP E 159 43.67 -26.12 -12.64
C ASP E 159 44.40 -24.92 -12.05
N LYS E 160 45.43 -25.13 -11.21
CA LYS E 160 46.01 -24.05 -10.41
C LYS E 160 46.39 -22.84 -11.25
N GLU E 161 47.14 -23.05 -12.35
CA GLU E 161 47.53 -21.93 -13.20
C GLU E 161 46.35 -21.36 -13.97
N ASN E 162 45.46 -22.24 -14.47
CA ASN E 162 44.23 -21.77 -15.11
C ASN E 162 43.37 -20.99 -14.13
N TYR E 163 43.20 -21.49 -12.90
CA TYR E 163 42.35 -20.81 -11.93
C TYR E 163 42.81 -19.38 -11.75
N LEU E 164 44.12 -19.17 -11.57
CA LEU E 164 44.63 -17.85 -11.22
C LEU E 164 44.42 -16.88 -12.37
N LEU E 165 44.82 -17.30 -13.57
CA LEU E 165 44.50 -16.51 -14.76
C LEU E 165 43.05 -16.00 -14.73
N LEU E 166 42.11 -16.93 -14.54
CA LEU E 166 40.71 -16.54 -14.49
C LEU E 166 40.50 -15.37 -13.53
N CYS E 167 40.98 -15.51 -12.29
CA CYS E 167 40.77 -14.45 -11.29
C CYS E 167 41.50 -13.18 -11.67
N GLN E 168 42.68 -13.30 -12.28
CA GLN E 168 43.37 -12.12 -12.75
C GLN E 168 42.57 -11.43 -13.85
N GLU E 169 42.02 -12.20 -14.78
CA GLU E 169 41.30 -11.61 -15.92
C GLU E 169 39.97 -11.03 -15.48
N ILE E 170 39.32 -11.66 -14.49
CA ILE E 170 38.07 -11.13 -13.95
C ILE E 170 38.32 -9.76 -13.30
N LEU E 171 39.35 -9.66 -12.46
CA LEU E 171 39.59 -8.39 -11.78
C LEU E 171 39.97 -7.29 -12.77
N ALA E 172 40.77 -7.62 -13.80
CA ALA E 172 41.11 -6.63 -14.81
C ALA E 172 39.87 -6.11 -15.53
N LYS E 173 38.98 -7.01 -15.94
CA LYS E 173 37.75 -6.61 -16.61
C LYS E 173 36.95 -5.67 -15.72
N PHE E 174 36.74 -6.08 -14.48
CA PHE E 174 36.01 -5.27 -13.51
C PHE E 174 36.60 -3.87 -13.44
N GLU E 175 37.94 -3.78 -13.38
CA GLU E 175 38.61 -2.49 -13.37
C GLU E 175 38.37 -1.75 -14.67
N GLU E 176 38.67 -2.39 -15.80
CA GLU E 176 38.42 -1.79 -17.11
C GLU E 176 36.99 -1.27 -17.20
N VAL E 177 36.01 -2.06 -16.77
CA VAL E 177 34.62 -1.61 -16.86
C VAL E 177 34.38 -0.43 -15.93
N ALA E 178 35.00 -0.44 -14.74
CA ALA E 178 34.70 0.61 -13.77
C ALA E 178 35.27 1.96 -14.21
N LYS E 179 36.41 1.95 -14.92
CA LYS E 179 36.90 3.20 -15.49
C LYS E 179 35.99 3.68 -16.60
N CYS E 180 35.58 2.78 -17.49
CA CYS E 180 34.79 3.18 -18.64
C CYS E 180 33.46 3.80 -18.23
N THR E 181 32.84 3.27 -17.18
CA THR E 181 31.51 3.68 -16.79
C THR E 181 31.52 4.63 -15.61
N SER E 182 32.70 5.00 -15.12
CA SER E 182 32.84 5.92 -14.03
C SER E 182 31.97 5.48 -12.84
N THR E 183 32.27 4.28 -12.34
CA THR E 183 31.56 3.68 -11.21
C THR E 183 32.55 3.06 -10.25
N SER E 184 32.07 2.68 -9.06
CA SER E 184 32.88 1.86 -8.18
C SER E 184 33.01 0.48 -8.78
N ARG E 185 34.19 -0.14 -8.59
CA ARG E 185 34.47 -1.45 -9.16
C ARG E 185 33.53 -2.52 -8.60
N LEU E 186 33.18 -3.49 -9.44
CA LEU E 186 32.49 -4.68 -8.94
C LEU E 186 33.38 -5.42 -7.94
N LEU E 187 32.75 -6.01 -6.93
CA LEU E 187 33.49 -6.81 -5.99
C LEU E 187 33.81 -8.19 -6.55
N PHE E 188 34.92 -8.77 -6.08
CA PHE E 188 35.34 -10.10 -6.51
C PHE E 188 35.79 -10.88 -5.27
N THR E 189 35.07 -11.94 -4.94
CA THR E 189 35.38 -12.79 -3.80
C THR E 189 35.40 -14.24 -4.24
N ALA E 190 35.82 -15.11 -3.32
CA ALA E 190 35.86 -16.53 -3.60
C ALA E 190 35.52 -17.31 -2.35
N ALA E 191 34.76 -18.38 -2.52
CA ALA E 191 34.63 -19.37 -1.46
C ALA E 191 35.68 -20.43 -1.68
N VAL E 192 36.49 -20.68 -0.65
CA VAL E 192 37.72 -21.46 -0.83
C VAL E 192 37.77 -22.62 0.15
N SER E 193 38.43 -23.70 -0.27
CA SER E 193 38.48 -24.91 0.52
C SER E 193 39.24 -24.70 1.82
N ALA E 194 38.79 -25.37 2.87
CA ALA E 194 39.51 -25.37 4.12
C ALA E 194 40.47 -26.55 4.25
N ASN E 195 40.43 -27.49 3.31
CA ASN E 195 41.32 -28.63 3.34
C ASN E 195 42.76 -28.22 3.01
N PRO E 196 43.69 -28.27 3.97
CA PRO E 196 45.07 -27.81 3.69
C PRO E 196 45.69 -28.42 2.44
N LYS E 197 45.42 -29.70 2.16
CA LYS E 197 45.97 -30.32 0.95
C LYS E 197 45.26 -29.85 -0.31
N THR E 198 43.97 -29.52 -0.21
CA THR E 198 43.27 -28.95 -1.36
C THR E 198 43.77 -27.56 -1.66
N VAL E 199 44.08 -26.80 -0.60
CA VAL E 199 44.58 -25.44 -0.77
C VAL E 199 45.90 -25.43 -1.54
N ASP E 200 46.71 -26.48 -1.34
CA ASP E 200 48.04 -26.53 -1.93
C ASP E 200 47.97 -26.83 -3.41
N ALA E 201 47.23 -27.88 -3.78
CA ALA E 201 47.14 -28.26 -5.18
C ALA E 201 46.51 -27.17 -6.01
N GLY E 202 45.42 -26.57 -5.51
CA GLY E 202 44.58 -25.76 -6.37
C GLY E 202 44.89 -24.28 -6.43
N TYR E 203 45.44 -23.71 -5.37
CA TYR E 203 45.40 -22.28 -5.20
C TYR E 203 46.80 -21.69 -5.12
N ASP E 204 47.06 -20.66 -5.93
CA ASP E 204 48.26 -19.84 -5.80
C ASP E 204 47.92 -18.74 -4.79
N VAL E 205 48.14 -19.05 -3.51
CA VAL E 205 47.62 -18.18 -2.45
C VAL E 205 48.23 -16.80 -2.49
N PRO E 206 49.54 -16.61 -2.69
CA PRO E 206 50.07 -15.23 -2.73
C PRO E 206 49.54 -14.42 -3.92
N ALA E 207 49.55 -14.98 -5.13
CA ALA E 207 49.07 -14.24 -6.29
C ALA E 207 47.56 -13.99 -6.23
N LEU E 208 46.80 -14.90 -5.61
CA LEU E 208 45.36 -14.71 -5.47
C LEU E 208 45.05 -13.58 -4.51
N ALA E 209 45.81 -13.46 -3.42
CA ALA E 209 45.57 -12.40 -2.46
C ALA E 209 45.68 -11.03 -3.12
N LYS E 210 46.46 -10.93 -4.18
CA LYS E 210 46.60 -9.67 -4.91
C LYS E 210 45.46 -9.38 -5.88
N VAL E 211 44.51 -10.30 -6.11
CA VAL E 211 43.41 -9.99 -7.00
C VAL E 211 42.07 -10.12 -6.28
N LEU E 212 41.97 -11.06 -5.35
CA LEU E 212 40.71 -11.27 -4.66
C LEU E 212 40.55 -10.24 -3.55
N ASP E 213 39.33 -9.72 -3.40
CA ASP E 213 39.05 -8.83 -2.28
C ASP E 213 39.13 -9.59 -0.96
N PHE E 214 38.46 -10.74 -0.87
CA PHE E 214 38.71 -11.64 0.24
C PHE E 214 38.20 -13.03 -0.13
N VAL E 215 38.42 -13.97 0.78
CA VAL E 215 38.01 -15.35 0.55
C VAL E 215 37.10 -15.76 1.69
N ASN E 216 36.13 -16.61 1.35
CA ASN E 216 35.17 -17.11 2.33
C ASN E 216 35.64 -18.52 2.70
N LEU E 217 36.39 -18.59 3.79
CA LEU E 217 36.97 -19.86 4.22
C LEU E 217 35.86 -20.83 4.61
N MET E 218 35.63 -21.84 3.77
CA MET E 218 34.60 -22.84 4.03
C MET E 218 35.05 -23.82 5.11
N CYS E 219 35.31 -23.30 6.32
CA CYS E 219 35.76 -24.11 7.45
C CYS E 219 34.60 -24.83 8.13
N TYR E 220 33.87 -25.61 7.33
CA TYR E 220 32.87 -26.53 7.87
C TYR E 220 32.94 -27.82 7.05
N ASP E 221 31.98 -28.72 7.27
CA ASP E 221 31.94 -30.03 6.60
C ASP E 221 33.20 -30.85 6.88
N PHE E 222 33.81 -30.65 8.05
CA PHE E 222 35.02 -31.39 8.41
C PHE E 222 34.70 -32.86 8.70
N HIS E 223 33.53 -33.14 9.25
CA HIS E 223 33.05 -34.50 9.47
C HIS E 223 31.55 -34.54 9.19
N GLY E 224 31.05 -35.69 8.77
CA GLY E 224 29.65 -35.77 8.39
C GLY E 224 29.20 -37.20 8.22
N ALA E 225 28.02 -37.34 7.61
CA ALA E 225 27.40 -38.66 7.49
C ALA E 225 28.11 -39.55 6.48
N TRP E 226 29.06 -39.02 5.73
CA TRP E 226 29.94 -39.81 4.88
C TRP E 226 31.00 -40.58 5.68
N GLU E 227 31.05 -40.43 7.00
CA GLU E 227 31.90 -41.25 7.85
C GLU E 227 31.07 -42.26 8.63
N THR E 228 31.73 -43.31 9.11
CA THR E 228 31.07 -44.35 9.90
C THR E 228 31.17 -44.07 11.39
N GLN E 229 31.40 -42.82 11.75
CA GLN E 229 31.85 -42.48 13.09
C GLN E 229 31.44 -41.05 13.39
N THR E 230 30.69 -40.89 14.47
CA THR E 230 30.23 -39.60 14.93
C THR E 230 31.38 -38.61 15.11
N GLY E 231 31.17 -37.37 14.68
CA GLY E 231 32.18 -36.34 14.80
C GLY E 231 31.60 -34.95 14.79
N ILE E 232 32.51 -33.94 14.76
CA ILE E 232 32.13 -32.52 14.79
C ILE E 232 32.14 -31.96 13.38
N ASN E 233 31.14 -31.12 13.06
CA ASN E 233 31.07 -30.53 11.72
C ASN E 233 32.03 -29.35 11.55
N SER E 234 32.06 -28.46 12.54
CA SER E 234 32.86 -27.25 12.45
C SER E 234 33.48 -26.96 13.81
N PRO E 235 34.45 -27.77 14.23
CA PRO E 235 35.09 -27.53 15.52
C PRO E 235 36.04 -26.34 15.44
N LEU E 236 36.08 -25.55 16.53
CA LEU E 236 36.97 -24.40 16.58
C LEU E 236 38.42 -24.82 16.75
N TYR E 237 38.66 -25.80 17.65
CA TYR E 237 39.97 -26.38 17.90
C TYR E 237 39.91 -27.89 17.74
N SER E 238 41.08 -28.49 17.57
CA SER E 238 41.12 -29.93 17.46
C SER E 238 41.03 -30.55 18.84
N ARG E 239 40.63 -31.80 18.88
CA ARG E 239 40.43 -32.51 20.12
C ARG E 239 41.61 -33.45 20.37
N LYS E 240 41.85 -33.75 21.65
CA LYS E 240 42.94 -34.66 21.96
C LYS E 240 42.74 -36.00 21.27
N GLU E 241 41.49 -36.47 21.25
CA GLU E 241 41.12 -37.73 20.61
C GLU E 241 41.06 -37.62 19.09
N ASP E 242 41.38 -36.45 18.53
CA ASP E 242 41.43 -36.29 17.09
C ASP E 242 42.63 -37.02 16.51
N SER E 243 42.44 -37.64 15.35
CA SER E 243 43.52 -38.37 14.73
C SER E 243 44.51 -37.40 14.08
N SER E 244 45.73 -37.89 13.90
CA SER E 244 46.73 -37.10 13.17
C SER E 244 46.22 -36.68 11.81
N GLU E 245 45.50 -37.56 11.10
CA GLU E 245 44.98 -37.23 9.78
C GLU E 245 44.11 -35.98 9.82
N PHE E 246 43.50 -35.68 10.96
CA PHE E 246 42.53 -34.60 11.10
C PHE E 246 43.02 -33.48 12.01
N LYS E 247 44.31 -33.44 12.33
CA LYS E 247 44.80 -32.45 13.29
C LYS E 247 44.62 -31.03 12.79
N MET E 248 44.47 -30.86 11.48
CA MET E 248 44.26 -29.56 10.85
C MET E 248 42.80 -29.25 10.58
N TRP E 249 41.91 -30.22 10.71
CA TRP E 249 40.51 -30.08 10.25
C TRP E 249 39.69 -29.38 11.34
N ASN E 250 39.90 -28.08 11.45
CA ASN E 250 39.19 -27.22 12.40
C ASN E 250 39.44 -25.78 11.98
N VAL E 251 38.63 -24.88 12.54
CA VAL E 251 38.66 -23.48 12.15
C VAL E 251 40.06 -22.91 12.32
N GLU E 252 40.59 -22.97 13.54
CA GLU E 252 41.81 -22.24 13.89
C GLU E 252 43.00 -22.73 13.07
N GLN E 253 43.13 -24.04 12.87
CA GLN E 253 44.21 -24.56 12.05
C GLN E 253 44.01 -24.16 10.58
N SER E 254 42.83 -24.45 10.03
CA SER E 254 42.60 -24.23 8.61
C SER E 254 42.72 -22.75 8.26
N SER E 255 42.22 -21.87 9.14
CA SER E 255 42.37 -20.45 8.88
C SER E 255 43.84 -20.02 8.97
N LYS E 256 44.58 -20.50 9.98
CA LYS E 256 46.00 -20.18 10.05
C LYS E 256 46.76 -20.74 8.85
N TYR E 257 46.34 -21.88 8.32
CA TYR E 257 47.03 -22.44 7.15
C TYR E 257 46.97 -21.48 5.97
N TRP E 258 45.82 -20.84 5.76
CA TRP E 258 45.74 -19.85 4.69
C TRP E 258 46.66 -18.68 4.95
N SER E 259 46.76 -18.24 6.22
CA SER E 259 47.68 -17.16 6.56
C SER E 259 49.11 -17.60 6.35
N ASP E 260 49.47 -18.79 6.81
CA ASP E 260 50.82 -19.28 6.56
C ASP E 260 51.10 -19.47 5.08
N LYS E 261 50.07 -19.52 4.23
CA LYS E 261 50.24 -19.81 2.80
C LYS E 261 50.37 -18.55 1.95
N GLY E 262 50.33 -17.37 2.55
CA GLY E 262 50.47 -16.13 1.81
C GLY E 262 49.26 -15.19 1.86
N MET E 263 48.17 -15.52 2.56
CA MET E 263 46.94 -14.74 2.47
C MET E 263 46.74 -13.89 3.71
N PRO E 264 46.72 -12.56 3.57
CA PRO E 264 46.60 -11.68 4.74
C PRO E 264 45.41 -12.02 5.62
N LYS E 265 45.66 -12.02 6.93
CA LYS E 265 44.66 -12.46 7.90
C LYS E 265 43.34 -11.74 7.67
N LYS E 266 43.39 -10.46 7.29
CA LYS E 266 42.18 -9.66 7.16
C LYS E 266 41.38 -9.99 5.91
N GLN E 267 41.94 -10.75 4.98
CA GLN E 267 41.24 -11.19 3.79
C GLN E 267 40.67 -12.59 3.96
N ILE E 268 40.92 -13.24 5.08
CA ILE E 268 40.39 -14.57 5.36
C ILE E 268 39.11 -14.40 6.17
N ILE E 269 37.97 -14.72 5.56
CA ILE E 269 36.67 -14.58 6.21
C ILE E 269 36.17 -15.95 6.64
N ILE E 270 35.73 -16.05 7.90
CA ILE E 270 35.53 -17.33 8.57
C ILE E 270 34.10 -17.81 8.36
N GLY E 271 33.96 -19.08 7.96
CA GLY E 271 32.65 -19.65 7.69
C GLY E 271 31.97 -20.17 8.94
N LEU E 272 30.70 -19.78 9.11
CA LEU E 272 29.91 -20.25 10.24
C LEU E 272 28.72 -21.03 9.73
N PRO E 273 28.61 -22.32 10.07
CA PRO E 273 27.46 -23.13 9.64
C PRO E 273 26.27 -22.91 10.57
N THR E 274 25.15 -22.47 10.00
CA THR E 274 23.89 -22.46 10.74
C THR E 274 23.09 -23.72 10.52
N TYR E 275 23.73 -24.80 10.07
CA TYR E 275 23.14 -26.12 9.93
C TYR E 275 24.01 -27.11 10.68
N GLY E 276 23.50 -28.33 10.90
CA GLY E 276 24.29 -29.37 11.52
C GLY E 276 24.27 -30.64 10.68
N ARG E 277 25.10 -31.61 11.09
CA ARG E 277 25.17 -32.90 10.42
C ARG E 277 24.98 -34.01 11.44
N GLY E 278 24.18 -35.02 11.06
CA GLY E 278 23.81 -36.07 11.98
C GLY E 278 24.04 -37.47 11.45
N TRP E 279 23.96 -38.43 12.37
CA TRP E 279 24.06 -39.84 12.05
C TRP E 279 22.91 -40.59 12.69
N THR E 280 22.72 -41.83 12.25
CA THR E 280 21.90 -42.79 12.99
C THR E 280 22.83 -43.72 13.77
N LEU E 281 22.67 -43.73 15.10
CA LEU E 281 23.59 -44.44 15.99
C LEU E 281 23.41 -45.93 15.87
N SER E 282 24.54 -46.62 15.99
CA SER E 282 24.53 -48.08 15.98
C SER E 282 23.91 -48.64 17.24
N ASP E 283 24.08 -47.96 18.38
CA ASP E 283 23.51 -48.37 19.65
C ASP E 283 23.25 -47.11 20.48
N ALA E 284 22.00 -46.90 20.91
CA ALA E 284 21.65 -45.61 21.50
C ALA E 284 22.35 -45.34 22.83
N SER E 285 23.04 -46.33 23.42
CA SER E 285 23.72 -46.07 24.67
C SER E 285 25.09 -45.42 24.47
N LYS E 286 25.74 -45.66 23.33
CA LYS E 286 26.97 -44.94 23.04
C LYS E 286 26.59 -43.61 22.43
N THR E 287 26.91 -42.52 23.11
CA THR E 287 26.36 -41.22 22.75
C THR E 287 27.44 -40.17 22.62
N ASP E 288 28.68 -40.59 22.46
CA ASP E 288 29.79 -39.66 22.54
C ASP E 288 30.31 -39.34 21.15
N ILE E 289 31.17 -38.33 21.11
CA ILE E 289 31.88 -38.02 19.88
C ILE E 289 32.79 -39.20 19.54
N GLY E 290 32.53 -39.81 18.39
CA GLY E 290 33.24 -40.99 17.99
C GLY E 290 32.46 -42.27 18.17
N ALA E 291 31.16 -42.17 18.40
CA ALA E 291 30.33 -43.35 18.48
C ALA E 291 30.16 -43.96 17.09
N PRO E 292 30.04 -45.28 16.99
CA PRO E 292 29.78 -45.90 15.68
C PRO E 292 28.42 -45.53 15.13
N ALA E 293 28.38 -45.20 13.85
CA ALA E 293 27.13 -44.90 13.17
C ALA E 293 26.85 -45.96 12.12
N GLN E 294 25.57 -46.28 11.93
CA GLN E 294 25.19 -47.19 10.88
C GLN E 294 24.75 -46.46 9.61
N GLY E 295 24.71 -45.14 9.64
CA GLY E 295 24.30 -44.40 8.48
C GLY E 295 24.00 -42.97 8.84
N SER E 296 23.52 -42.24 7.84
CA SER E 296 23.16 -40.85 8.04
C SER E 296 21.97 -40.74 8.98
N SER E 297 21.87 -39.60 9.65
CA SER E 297 20.67 -39.29 10.41
C SER E 297 19.46 -39.20 9.47
N THR E 298 18.29 -39.57 10.01
CA THR E 298 17.04 -39.48 9.25
C THR E 298 16.85 -38.08 8.67
N ALA E 299 16.24 -38.04 7.49
CA ALA E 299 15.91 -36.76 6.91
C ALA E 299 14.95 -36.03 7.84
N THR E 300 15.13 -34.72 7.96
CA THR E 300 14.29 -33.93 8.84
C THR E 300 13.07 -33.39 8.09
N GLU E 301 12.20 -32.68 8.81
CA GLU E 301 10.89 -32.35 8.27
C GLU E 301 10.99 -31.27 7.20
N TYR E 302 11.89 -30.31 7.38
CA TYR E 302 11.97 -29.18 6.46
C TYR E 302 13.08 -29.31 5.44
N LEU E 303 14.30 -29.66 5.89
CA LEU E 303 15.41 -29.81 4.98
C LEU E 303 15.25 -31.05 4.12
N ARG E 304 14.68 -32.12 4.68
CA ARG E 304 14.35 -33.35 3.95
C ARG E 304 15.56 -33.90 3.20
N GLU E 305 16.75 -33.64 3.75
CA GLU E 305 18.01 -34.23 3.30
C GLU E 305 18.62 -34.96 4.49
N ALA E 306 18.79 -36.26 4.35
CA ALA E 306 19.30 -37.09 5.43
C ALA E 306 20.74 -36.72 5.78
N GLY E 307 21.17 -37.08 6.99
CA GLY E 307 22.45 -36.66 7.52
C GLY E 307 22.58 -35.18 7.87
N VAL E 308 21.55 -34.38 7.62
CA VAL E 308 21.62 -32.93 7.76
C VAL E 308 20.42 -32.44 8.56
N ILE E 309 20.64 -31.40 9.36
CA ILE E 309 19.60 -30.74 10.14
C ILE E 309 19.84 -29.23 10.05
N SER E 310 18.77 -28.46 10.17
CA SER E 310 18.91 -27.01 10.33
C SER E 310 18.87 -26.62 11.80
N TYR E 311 19.31 -25.39 12.10
CA TYR E 311 19.33 -24.97 13.49
C TYR E 311 17.91 -24.91 14.05
N TYR E 312 16.96 -24.39 13.26
CA TYR E 312 15.60 -24.32 13.77
C TYR E 312 15.03 -25.73 13.98
N GLU E 313 15.39 -26.67 13.10
CA GLU E 313 14.99 -28.06 13.32
C GLU E 313 15.61 -28.61 14.60
N VAL E 314 16.75 -28.06 15.01
CA VAL E 314 17.39 -28.50 16.25
C VAL E 314 16.61 -28.01 17.45
N CYS E 315 16.15 -26.76 17.40
CA CYS E 315 15.24 -26.28 18.43
C CYS E 315 14.03 -27.20 18.56
N GLN E 316 13.33 -27.45 17.45
CA GLN E 316 12.20 -28.36 17.40
C GLN E 316 12.49 -29.66 18.16
N LYS E 317 13.69 -30.19 17.99
CA LYS E 317 14.06 -31.45 18.64
C LYS E 317 14.43 -31.24 20.11
N LEU E 318 14.99 -30.08 20.45
CA LEU E 318 15.20 -29.78 21.85
C LEU E 318 13.89 -29.79 22.62
N SER E 319 12.79 -29.39 21.96
CA SER E 319 11.46 -29.43 22.56
C SER E 319 10.80 -30.81 22.50
N SER E 320 11.31 -31.75 21.71
CA SER E 320 10.86 -33.13 21.84
C SER E 320 11.55 -33.86 22.98
N GLY E 321 12.57 -33.23 23.58
CA GLY E 321 13.30 -33.78 24.71
C GLY E 321 14.69 -34.28 24.36
N ALA E 322 15.33 -33.68 23.37
CA ALA E 322 16.66 -34.13 22.95
C ALA E 322 17.73 -33.61 23.90
N LYS E 323 18.63 -34.50 24.33
CA LYS E 323 19.70 -34.19 25.28
C LYS E 323 20.82 -33.43 24.57
N ARG E 324 20.97 -32.14 24.90
CA ARG E 324 22.10 -31.36 24.40
C ARG E 324 23.35 -31.60 25.25
N VAL E 325 24.48 -31.77 24.59
CA VAL E 325 25.76 -32.04 25.23
C VAL E 325 26.80 -31.11 24.65
N TRP E 326 27.50 -30.39 25.52
CA TRP E 326 28.46 -29.38 25.09
C TRP E 326 29.88 -29.91 25.28
N ASP E 327 30.69 -29.77 24.23
CA ASP E 327 32.06 -30.26 24.22
C ASP E 327 32.99 -29.05 24.31
N ASP E 328 33.71 -28.91 25.43
CA ASP E 328 34.46 -27.69 25.64
C ASP E 328 35.72 -27.61 24.79
N GLU E 329 36.33 -28.75 24.50
CA GLU E 329 37.50 -28.75 23.63
C GLU E 329 37.16 -28.16 22.26
N SER E 330 36.21 -28.77 21.55
CA SER E 330 35.81 -28.26 20.25
C SER E 330 35.11 -26.91 20.35
N LYS E 331 34.47 -26.64 21.49
CA LYS E 331 33.65 -25.43 21.68
C LYS E 331 32.43 -25.42 20.75
N THR E 332 31.79 -26.58 20.62
CA THR E 332 30.60 -26.78 19.81
C THR E 332 29.69 -27.78 20.52
N PRO E 333 28.37 -27.69 20.30
CA PRO E 333 27.46 -28.64 20.96
C PRO E 333 27.14 -29.84 20.10
N TYR E 334 26.50 -30.86 20.67
CA TYR E 334 25.92 -31.94 19.88
C TYR E 334 24.62 -32.40 20.53
N LEU E 335 23.82 -33.11 19.75
CA LEU E 335 22.45 -33.48 20.08
C LEU E 335 22.23 -34.98 20.03
N VAL E 336 21.75 -35.56 21.12
CA VAL E 336 21.32 -36.96 21.15
C VAL E 336 19.81 -36.97 21.33
N GLN E 337 19.15 -37.88 20.61
CA GLN E 337 17.75 -38.20 20.87
C GLN E 337 17.47 -39.52 20.18
N GLY E 338 17.29 -40.58 20.98
CA GLY E 338 17.14 -41.90 20.39
C GLY E 338 18.45 -42.30 19.74
N ASN E 339 18.35 -42.82 18.52
CA ASN E 339 19.54 -43.15 17.76
C ASN E 339 19.98 -42.00 16.86
N GLN E 340 19.35 -40.84 16.96
CA GLN E 340 19.75 -39.68 16.16
C GLN E 340 20.80 -38.87 16.93
N TRP E 341 21.97 -38.72 16.33
CA TRP E 341 23.07 -37.96 16.90
C TRP E 341 23.48 -36.85 15.93
N PHE E 342 23.58 -35.62 16.43
CA PHE E 342 23.81 -34.45 15.58
C PHE E 342 24.90 -33.56 16.16
N SER E 343 25.88 -33.19 15.35
CA SER E 343 26.75 -32.07 15.68
C SER E 343 26.26 -30.82 14.95
N TYR E 344 26.16 -29.72 15.68
CA TYR E 344 25.65 -28.47 15.12
C TYR E 344 26.41 -27.31 15.75
N ASP E 345 25.80 -26.12 15.69
CA ASP E 345 26.39 -24.89 16.24
C ASP E 345 25.25 -24.02 16.74
N ASP E 346 25.19 -23.76 18.04
CA ASP E 346 24.16 -22.88 18.59
C ASP E 346 24.78 -21.55 19.03
N VAL E 347 24.07 -20.83 19.89
CA VAL E 347 24.52 -19.47 20.20
C VAL E 347 25.82 -19.50 20.99
N GLU E 348 26.00 -20.44 21.91
CA GLU E 348 27.24 -20.48 22.69
C GLU E 348 28.44 -20.70 21.79
N SER E 349 28.39 -21.75 20.95
CA SER E 349 29.51 -22.03 20.06
C SER E 349 29.72 -20.91 19.03
N MET E 350 28.62 -20.34 18.54
CA MET E 350 28.75 -19.23 17.62
C MET E 350 29.43 -18.04 18.29
N LYS E 351 29.13 -17.82 19.58
CA LYS E 351 29.79 -16.73 20.30
C LYS E 351 31.28 -17.01 20.45
N ALA E 352 31.64 -18.26 20.77
CA ALA E 352 33.05 -18.60 20.91
C ALA E 352 33.82 -18.31 19.63
N LYS E 353 33.23 -18.64 18.47
CA LYS E 353 33.94 -18.50 17.21
C LYS E 353 34.11 -17.03 16.82
N ILE E 354 33.04 -16.24 16.98
CA ILE E 354 33.11 -14.85 16.57
C ILE E 354 34.06 -14.08 17.48
N ASN E 355 33.99 -14.32 18.79
CA ASN E 355 34.94 -13.69 19.70
C ASN E 355 36.36 -14.09 19.35
N TRP E 356 36.55 -15.34 18.94
CA TRP E 356 37.86 -15.79 18.49
C TRP E 356 38.27 -15.12 17.17
N ILE E 357 37.32 -14.81 16.28
CA ILE E 357 37.66 -14.03 15.08
C ILE E 357 38.20 -12.66 15.50
N LYS E 358 37.49 -11.99 16.41
CA LYS E 358 37.93 -10.70 16.95
C LYS E 358 39.32 -10.81 17.57
N GLN E 359 39.55 -11.85 18.36
CA GLN E 359 40.85 -12.08 18.99
C GLN E 359 42.00 -12.08 17.99
N GLU E 360 42.05 -13.09 17.11
CA GLU E 360 43.15 -13.27 16.16
C GLU E 360 43.16 -12.28 15.01
N ASN E 361 42.14 -11.43 14.91
CA ASN E 361 42.09 -10.39 13.88
C ASN E 361 42.02 -10.98 12.48
N TYR E 362 41.23 -12.04 12.31
CA TYR E 362 40.84 -12.42 10.97
C TYR E 362 39.77 -11.43 10.48
N GLY E 363 39.55 -11.44 9.16
CA GLY E 363 38.90 -10.30 8.51
C GLY E 363 37.42 -10.17 8.75
N GLY E 364 36.74 -11.24 9.15
CA GLY E 364 35.31 -11.19 9.35
C GLY E 364 34.74 -12.60 9.45
N ALA E 365 33.41 -12.66 9.28
CA ALA E 365 32.68 -13.92 9.25
C ALA E 365 31.62 -13.88 8.17
N PHE E 366 31.22 -15.06 7.72
CA PHE E 366 30.08 -15.24 6.84
C PHE E 366 29.32 -16.46 7.31
N VAL E 367 28.01 -16.47 7.08
CA VAL E 367 27.19 -17.59 7.51
C VAL E 367 26.57 -18.27 6.30
N TRP E 368 26.43 -19.59 6.39
CA TRP E 368 25.75 -20.43 5.43
C TRP E 368 24.79 -21.29 6.24
N THR E 369 23.49 -21.02 6.15
CA THR E 369 22.83 -20.05 5.26
C THR E 369 21.87 -19.20 6.06
N LEU E 370 21.26 -18.20 5.41
CA LEU E 370 20.22 -17.42 6.08
C LEU E 370 19.03 -18.28 6.47
N ASP E 371 18.68 -19.25 5.63
CA ASP E 371 17.44 -20.02 5.80
C ASP E 371 17.55 -21.14 6.81
N TYR E 372 18.76 -21.45 7.30
CA TYR E 372 18.89 -22.44 8.36
C TYR E 372 18.80 -21.84 9.77
N ASP E 373 18.98 -20.54 9.93
CA ASP E 373 18.74 -19.88 11.22
C ASP E 373 17.24 -19.84 11.51
N ASP E 374 16.90 -19.65 12.80
CA ASP E 374 15.49 -19.45 13.13
C ASP E 374 15.03 -18.05 12.68
N PHE E 375 14.85 -17.88 11.36
CA PHE E 375 14.64 -16.56 10.79
C PHE E 375 13.27 -16.00 11.14
N LEU E 376 12.29 -16.87 11.41
CA LEU E 376 11.01 -16.40 11.92
C LEU E 376 11.12 -15.96 13.38
N GLY E 377 11.87 -16.69 14.19
CA GLY E 377 11.78 -16.58 15.63
C GLY E 377 10.80 -17.55 16.25
N SER E 378 10.08 -18.34 15.43
CA SER E 378 9.00 -19.22 15.87
C SER E 378 9.44 -20.61 16.31
N PHE E 379 10.66 -21.03 15.97
CA PHE E 379 11.06 -22.41 16.19
C PHE E 379 11.74 -22.62 17.54
N CYS E 380 12.44 -21.61 18.04
CA CYS E 380 13.27 -21.74 19.23
C CYS E 380 12.61 -21.01 20.38
N THR E 381 12.24 -21.74 21.42
CA THR E 381 11.59 -21.14 22.57
C THR E 381 12.59 -20.38 23.45
N GLU E 382 13.81 -20.91 23.56
CA GLU E 382 14.84 -20.40 24.46
C GLU E 382 15.41 -19.06 24.02
N HIS E 383 14.88 -18.43 22.96
CA HIS E 383 15.39 -17.15 22.49
C HIS E 383 14.35 -16.04 22.64
N ASN E 384 13.20 -16.37 23.24
CA ASN E 384 12.14 -15.40 23.47
C ASN E 384 11.78 -14.69 22.19
N GLY E 385 11.68 -15.48 21.12
CA GLY E 385 11.16 -15.01 19.86
C GLY E 385 12.11 -14.15 19.05
N LYS E 386 13.37 -14.05 19.44
CA LYS E 386 14.35 -13.33 18.64
C LYS E 386 14.49 -13.97 17.25
N LYS E 387 14.27 -13.16 16.23
CA LYS E 387 14.59 -13.54 14.87
C LYS E 387 16.10 -13.60 14.66
N TYR E 388 16.54 -14.60 13.91
CA TYR E 388 17.95 -14.85 13.67
C TYR E 388 18.72 -14.90 14.98
N PRO E 389 18.44 -15.87 15.85
CA PRO E 389 19.28 -16.05 17.03
C PRO E 389 20.76 -16.21 16.70
N LEU E 390 21.10 -17.00 15.68
CA LEU E 390 22.49 -17.27 15.35
C LEU E 390 23.11 -16.13 14.54
N ILE E 391 22.51 -15.79 13.41
CA ILE E 391 23.11 -14.80 12.53
C ILE E 391 23.15 -13.40 13.16
N SER E 392 22.30 -13.12 14.15
CA SER E 392 22.37 -11.84 14.85
C SER E 392 23.75 -11.61 15.46
N LEU E 393 24.37 -12.68 15.97
CA LEU E 393 25.58 -12.51 16.76
C LEU E 393 26.70 -11.85 15.96
N MET E 394 26.67 -11.98 14.64
CA MET E 394 27.68 -11.29 13.83
C MET E 394 27.61 -9.79 14.07
N GLN E 395 26.48 -9.16 13.72
CA GLN E 395 26.36 -7.73 13.91
C GLN E 395 26.78 -7.31 15.33
N GLU E 396 26.16 -7.94 16.34
CA GLU E 396 26.43 -7.61 17.75
C GLU E 396 27.92 -7.56 18.07
N ILE E 397 28.58 -8.73 18.02
CA ILE E 397 29.98 -8.85 18.42
C ILE E 397 30.94 -8.12 17.48
N LEU E 398 30.62 -8.03 16.18
CA LEU E 398 31.60 -7.56 15.21
C LEU E 398 31.37 -6.14 14.68
N GLY E 399 30.18 -5.58 14.80
CA GLY E 399 29.89 -4.26 14.26
C GLY E 399 30.88 -3.16 14.55
N LYS F 32 -24.59 -31.06 -18.18
CA LYS F 32 -24.71 -32.45 -17.78
C LYS F 32 -23.57 -33.29 -18.38
N TYR F 33 -22.93 -32.80 -19.46
CA TYR F 33 -21.92 -33.58 -20.18
C TYR F 33 -20.74 -32.73 -20.61
N VAL F 34 -19.53 -33.13 -20.19
CA VAL F 34 -18.28 -32.56 -20.72
C VAL F 34 -18.14 -32.88 -22.20
N ARG F 35 -17.80 -31.87 -23.02
CA ARG F 35 -17.37 -32.06 -24.41
C ARG F 35 -15.98 -31.47 -24.58
N GLY F 36 -14.96 -32.33 -24.75
CA GLY F 36 -13.57 -31.88 -24.76
C GLY F 36 -12.83 -32.14 -26.05
N CYS F 37 -11.79 -31.35 -26.35
CA CYS F 37 -11.01 -31.52 -27.58
C CYS F 37 -9.53 -31.28 -27.34
N TYR F 38 -8.68 -32.05 -28.03
CA TYR F 38 -7.25 -31.86 -27.96
C TYR F 38 -6.73 -31.16 -29.22
N PHE F 39 -6.09 -30.01 -29.02
CA PHE F 39 -5.34 -29.31 -30.05
C PHE F 39 -3.87 -29.69 -29.91
N THR F 40 -3.16 -29.71 -31.03
CA THR F 40 -1.75 -30.08 -30.99
C THR F 40 -0.91 -29.02 -31.69
N ASN F 41 0.24 -28.71 -31.10
CA ASN F 41 1.11 -27.65 -31.60
C ASN F 41 2.11 -28.16 -32.62
N TRP F 42 1.92 -29.38 -33.12
CA TRP F 42 2.67 -29.86 -34.26
C TRP F 42 1.80 -30.07 -35.49
N ALA F 43 0.48 -29.97 -35.35
CA ALA F 43 -0.36 -30.04 -36.54
C ALA F 43 -0.05 -28.92 -37.52
N GLN F 44 0.58 -27.83 -37.05
CA GLN F 44 0.98 -26.75 -37.95
C GLN F 44 1.99 -27.19 -39.01
N TYR F 45 2.62 -28.34 -38.86
CA TYR F 45 3.69 -28.78 -39.76
C TYR F 45 3.24 -29.86 -40.73
N ARG F 46 1.97 -30.16 -40.85
CA ARG F 46 1.59 -31.11 -41.84
C ARG F 46 1.59 -30.42 -43.18
N PRO F 47 1.70 -31.16 -44.26
CA PRO F 47 1.78 -30.54 -45.59
C PRO F 47 0.42 -30.23 -46.17
N GLY F 48 0.41 -29.26 -47.08
CA GLY F 48 -0.80 -28.85 -47.78
C GLY F 48 -1.94 -28.55 -46.83
N ASN F 49 -3.08 -29.17 -47.12
CA ASN F 49 -4.32 -28.91 -46.41
C ASN F 49 -4.40 -29.61 -45.06
N GLY F 50 -3.52 -30.59 -44.80
CA GLY F 50 -3.48 -31.20 -43.48
C GLY F 50 -3.01 -30.27 -42.39
N LYS F 51 -2.40 -29.14 -42.78
CA LYS F 51 -1.95 -28.12 -41.86
C LYS F 51 -3.12 -27.53 -41.08
N TYR F 52 -3.01 -27.55 -39.77
CA TYR F 52 -4.11 -27.18 -38.88
C TYR F 52 -3.67 -26.01 -38.03
N ASN F 53 -4.47 -24.96 -38.05
CA ASN F 53 -4.24 -23.67 -37.42
C ASN F 53 -5.29 -23.41 -36.36
N PRO F 54 -5.01 -22.50 -35.43
CA PRO F 54 -6.05 -22.11 -34.47
C PRO F 54 -7.30 -21.55 -35.12
N GLU F 55 -7.15 -20.73 -36.16
CA GLU F 55 -8.34 -20.18 -36.78
C GLU F 55 -9.19 -21.23 -37.48
N HIS F 56 -8.71 -22.48 -37.58
CA HIS F 56 -9.53 -23.61 -38.04
C HIS F 56 -10.49 -24.11 -36.98
N TYR F 57 -10.41 -23.63 -35.75
CA TYR F 57 -11.39 -24.00 -34.75
C TYR F 57 -12.76 -23.49 -35.18
N GLN F 58 -13.80 -24.18 -34.75
CA GLN F 58 -15.18 -23.76 -34.99
C GLN F 58 -15.91 -23.61 -33.68
N ALA F 59 -16.66 -22.51 -33.54
CA ALA F 59 -17.28 -22.19 -32.26
C ALA F 59 -18.23 -23.29 -31.78
N ASN F 60 -18.20 -23.53 -30.47
CA ASN F 60 -19.04 -24.47 -29.74
C ASN F 60 -18.81 -25.93 -30.09
N LEU F 61 -17.88 -26.22 -30.98
CA LEU F 61 -17.41 -27.59 -31.14
C LEU F 61 -17.06 -28.22 -29.81
N CYS F 62 -16.39 -27.46 -28.93
CA CYS F 62 -15.86 -27.99 -27.69
C CYS F 62 -16.10 -27.01 -26.57
N GLU F 63 -16.37 -27.54 -25.38
CA GLU F 63 -16.36 -26.68 -24.21
C GLU F 63 -14.96 -26.51 -23.65
N TYR F 64 -14.17 -27.57 -23.65
CA TYR F 64 -12.79 -27.52 -23.19
C TYR F 64 -11.86 -27.80 -24.37
N ILE F 65 -10.86 -26.96 -24.56
CA ILE F 65 -9.74 -27.25 -25.45
C ILE F 65 -8.50 -27.51 -24.58
N PHE F 66 -7.90 -28.69 -24.76
CA PHE F 66 -6.63 -29.05 -24.13
C PHE F 66 -5.49 -28.83 -25.12
N TYR F 67 -4.57 -27.93 -24.77
CA TYR F 67 -3.41 -27.60 -25.60
C TYR F 67 -2.29 -28.59 -25.29
N ALA F 68 -2.09 -29.54 -26.19
CA ALA F 68 -0.98 -30.48 -26.12
C ALA F 68 0.15 -29.99 -27.01
N PHE F 69 1.36 -29.85 -26.45
CA PHE F 69 1.72 -30.00 -25.03
C PHE F 69 2.70 -28.88 -24.68
N ALA F 70 2.87 -28.64 -23.38
CA ALA F 70 3.97 -27.81 -22.91
C ALA F 70 5.21 -28.67 -22.69
N LYS F 71 6.32 -28.01 -22.40
CA LYS F 71 7.61 -28.69 -22.23
C LYS F 71 7.96 -28.75 -20.74
N LEU F 72 8.22 -29.96 -20.25
CA LEU F 72 8.73 -30.17 -18.90
C LEU F 72 10.25 -30.25 -18.99
N ASN F 73 10.91 -29.15 -18.62
CA ASN F 73 12.36 -29.06 -18.65
C ASN F 73 13.00 -30.08 -17.71
N ASP F 74 14.29 -30.29 -17.90
CA ASP F 74 14.99 -31.21 -17.03
C ASP F 74 15.10 -30.68 -15.60
N ASP F 75 15.14 -29.35 -15.42
CA ASP F 75 15.22 -28.80 -14.07
C ASP F 75 13.89 -28.81 -13.36
N PHE F 76 12.84 -29.32 -14.02
CA PHE F 76 11.47 -29.44 -13.52
C PHE F 76 10.64 -28.18 -13.75
N THR F 77 11.20 -27.19 -14.44
CA THR F 77 10.38 -26.02 -14.76
C THR F 77 9.54 -26.30 -16.01
N VAL F 78 8.70 -25.33 -16.37
CA VAL F 78 7.72 -25.47 -17.45
C VAL F 78 7.95 -24.37 -18.47
N ASP F 79 8.10 -24.76 -19.74
CA ASP F 79 8.22 -23.78 -20.80
C ASP F 79 7.37 -24.21 -21.99
N GLN F 80 7.34 -23.37 -23.02
CA GLN F 80 6.65 -23.71 -24.26
C GLN F 80 7.39 -24.80 -24.99
N PHE F 81 6.64 -25.66 -25.67
CA PHE F 81 7.29 -26.73 -26.40
C PHE F 81 7.75 -26.27 -27.78
N GLU F 82 6.92 -25.50 -28.46
CA GLU F 82 7.23 -24.99 -29.78
C GLU F 82 7.59 -23.52 -29.72
N TRP F 83 8.40 -23.08 -30.67
CA TRP F 83 8.99 -21.75 -30.63
C TRP F 83 7.96 -20.66 -30.86
N ASN F 84 6.75 -21.01 -31.31
CA ASN F 84 5.71 -20.02 -31.58
C ASN F 84 4.48 -20.22 -30.69
N ASP F 85 4.59 -21.09 -29.68
CA ASP F 85 3.50 -21.28 -28.73
C ASP F 85 3.11 -19.98 -28.05
N ILE F 86 4.08 -19.28 -27.45
CA ILE F 86 3.73 -18.11 -26.65
C ILE F 86 3.27 -16.95 -27.53
N ASP F 87 4.03 -16.60 -28.56
CA ASP F 87 3.71 -15.40 -29.32
C ASP F 87 2.58 -15.58 -30.31
N VAL F 88 2.30 -16.79 -30.77
CA VAL F 88 1.35 -17.00 -31.86
C VAL F 88 0.24 -17.96 -31.48
N LEU F 89 0.61 -19.14 -30.97
CA LEU F 89 -0.33 -20.24 -30.98
C LEU F 89 -1.23 -20.23 -29.76
N TYR F 90 -0.64 -20.10 -28.56
CA TYR F 90 -1.42 -19.90 -27.34
C TYR F 90 -2.44 -18.79 -27.51
N PRO F 91 -2.07 -17.57 -27.92
CA PRO F 91 -3.07 -16.52 -28.06
C PRO F 91 -4.02 -16.74 -29.23
N GLY F 92 -3.55 -17.36 -30.32
CA GLY F 92 -4.45 -17.73 -31.40
C GLY F 92 -5.61 -18.59 -30.92
N VAL F 93 -5.32 -19.59 -30.09
CA VAL F 93 -6.41 -20.41 -29.56
C VAL F 93 -7.30 -19.57 -28.65
N MET F 94 -6.71 -18.66 -27.87
CA MET F 94 -7.51 -17.84 -26.96
C MET F 94 -8.46 -16.92 -27.70
N LYS F 95 -8.05 -16.43 -28.88
CA LYS F 95 -8.94 -15.62 -29.73
C LYS F 95 -10.30 -16.27 -29.88
N GLN F 96 -10.37 -17.60 -29.94
CA GLN F 96 -11.63 -18.29 -30.16
C GLN F 96 -12.67 -17.91 -29.12
N LYS F 97 -12.23 -17.46 -27.94
CA LYS F 97 -13.17 -17.03 -26.91
C LYS F 97 -13.98 -15.82 -27.35
N SER F 98 -13.50 -15.05 -28.34
CA SER F 98 -14.30 -14.00 -28.98
C SER F 98 -15.65 -14.53 -29.39
N SER F 99 -15.66 -15.64 -30.12
CA SER F 99 -16.91 -16.15 -30.68
C SER F 99 -17.54 -17.22 -29.81
N GLN F 100 -16.85 -17.67 -28.76
CA GLN F 100 -17.39 -18.69 -27.85
C GLN F 100 -16.91 -18.36 -26.45
N PRO F 101 -17.73 -17.69 -25.64
CA PRO F 101 -17.23 -17.17 -24.37
C PRO F 101 -17.24 -18.20 -23.23
N ASP F 102 -17.89 -19.35 -23.38
CA ASP F 102 -17.79 -20.40 -22.37
C ASP F 102 -16.58 -21.32 -22.61
N LEU F 103 -15.76 -21.01 -23.61
CA LEU F 103 -14.62 -21.85 -23.95
C LEU F 103 -13.54 -21.76 -22.89
N LYS F 104 -13.09 -22.91 -22.43
CA LYS F 104 -12.03 -22.99 -21.46
C LYS F 104 -10.86 -23.78 -22.06
N VAL F 105 -9.66 -23.23 -21.95
CA VAL F 105 -8.48 -23.76 -22.60
C VAL F 105 -7.51 -24.18 -21.50
N LEU F 106 -7.17 -25.46 -21.48
CA LEU F 106 -6.23 -26.01 -20.52
C LEU F 106 -4.93 -26.33 -21.24
N LEU F 107 -3.83 -26.23 -20.52
CA LEU F 107 -2.51 -26.58 -21.03
C LEU F 107 -2.16 -27.99 -20.56
N SER F 108 -1.71 -28.82 -21.50
CA SER F 108 -1.40 -30.21 -21.23
C SER F 108 0.11 -30.41 -21.13
N LEU F 109 0.51 -31.33 -20.28
CA LEU F 109 1.92 -31.67 -20.09
C LEU F 109 2.08 -33.18 -20.15
N GLY F 110 3.07 -33.64 -20.93
CA GLY F 110 3.33 -35.07 -21.04
C GLY F 110 3.08 -35.66 -22.41
N GLY F 111 2.21 -36.68 -22.47
CA GLY F 111 2.02 -37.44 -23.68
C GLY F 111 3.04 -38.56 -23.81
N TRP F 112 2.80 -39.43 -24.79
CA TRP F 112 3.62 -40.62 -24.98
C TRP F 112 5.10 -40.25 -25.13
N ASN F 113 5.40 -39.33 -26.03
CA ASN F 113 6.79 -38.97 -26.29
C ASN F 113 7.49 -38.37 -25.09
N ALA F 114 6.76 -37.88 -24.10
CA ALA F 114 7.44 -37.34 -22.94
C ALA F 114 8.08 -38.43 -22.09
N GLY F 115 7.62 -39.67 -22.20
CA GLY F 115 8.10 -40.71 -21.34
C GLY F 115 7.85 -40.39 -19.88
N THR F 116 8.53 -41.16 -19.03
CA THR F 116 8.36 -41.08 -17.59
C THR F 116 9.60 -40.55 -16.87
N ALA F 117 10.66 -40.20 -17.60
CA ALA F 117 11.93 -39.90 -16.97
C ALA F 117 11.88 -38.66 -16.08
N THR F 118 11.77 -37.47 -16.67
CA THR F 118 11.68 -36.26 -15.84
C THR F 118 10.48 -36.35 -14.87
N PHE F 119 9.37 -36.94 -15.33
CA PHE F 119 8.17 -37.05 -14.49
C PHE F 119 8.47 -37.83 -13.21
N LYS F 120 9.09 -38.99 -13.35
CA LYS F 120 9.38 -39.82 -12.19
C LYS F 120 10.20 -39.03 -11.18
N LYS F 121 11.24 -38.34 -11.67
CA LYS F 121 12.15 -37.65 -10.76
C LYS F 121 11.48 -36.45 -10.10
N MET F 122 10.75 -35.64 -10.88
CA MET F 122 10.11 -34.43 -10.35
C MET F 122 9.20 -34.74 -9.18
N ALA F 123 8.46 -35.84 -9.25
CA ALA F 123 7.45 -36.13 -8.24
C ALA F 123 8.01 -36.76 -6.97
N ALA F 124 9.32 -37.05 -6.92
CA ALA F 124 9.88 -37.85 -5.84
C ALA F 124 10.02 -37.11 -4.51
N THR F 125 10.20 -35.78 -4.54
CA THR F 125 10.44 -34.99 -3.32
C THR F 125 9.55 -33.75 -3.31
N TYR F 126 9.17 -33.31 -2.10
CA TYR F 126 8.31 -32.13 -2.02
C TYR F 126 8.95 -30.92 -2.66
N SER F 127 10.26 -30.73 -2.46
CA SER F 127 10.93 -29.55 -3.00
C SER F 127 10.88 -29.53 -4.53
N ASN F 128 10.93 -30.70 -5.17
CA ASN F 128 10.88 -30.69 -6.62
C ASN F 128 9.46 -30.42 -7.11
N ARG F 129 8.46 -30.97 -6.42
CA ARG F 129 7.09 -30.68 -6.79
C ARG F 129 6.77 -29.21 -6.60
N ALA F 130 7.29 -28.60 -5.53
CA ALA F 130 7.13 -27.16 -5.35
C ALA F 130 7.73 -26.38 -6.51
N LYS F 131 8.92 -26.76 -6.99
CA LYS F 131 9.52 -26.04 -8.11
C LYS F 131 8.70 -26.19 -9.39
N PHE F 132 8.18 -27.40 -9.65
CA PHE F 132 7.35 -27.60 -10.84
C PHE F 132 6.03 -26.83 -10.76
N ILE F 133 5.42 -26.80 -9.57
CA ILE F 133 4.10 -26.18 -9.42
C ILE F 133 4.21 -24.67 -9.51
N SER F 134 5.21 -24.09 -8.84
CA SER F 134 5.48 -22.66 -8.99
C SER F 134 5.74 -22.30 -10.44
N SER F 135 6.64 -23.05 -11.10
CA SER F 135 6.88 -22.85 -12.52
C SER F 135 5.56 -22.96 -13.29
N LEU F 136 4.78 -23.98 -12.97
CA LEU F 136 3.48 -24.18 -13.61
C LEU F 136 2.58 -22.98 -13.42
N VAL F 137 2.17 -22.72 -12.16
CA VAL F 137 1.21 -21.66 -11.85
C VAL F 137 1.55 -20.39 -12.61
N SER F 138 2.82 -20.01 -12.59
CA SER F 138 3.20 -18.75 -13.20
C SER F 138 3.04 -18.81 -14.72
N PHE F 139 3.33 -19.97 -15.32
CA PHE F 139 3.24 -20.09 -16.78
C PHE F 139 1.79 -20.06 -17.23
N LEU F 140 0.92 -20.78 -16.51
CA LEU F 140 -0.52 -20.69 -16.76
C LEU F 140 -0.99 -19.24 -16.75
N GLN F 141 -0.45 -18.43 -15.84
CA GLN F 141 -1.01 -17.11 -15.67
C GLN F 141 -0.54 -16.14 -16.76
N GLN F 142 0.76 -16.12 -17.08
CA GLN F 142 1.19 -15.19 -18.13
C GLN F 142 0.54 -15.51 -19.45
N ASN F 143 0.16 -16.77 -19.66
CA ASN F 143 -0.35 -17.23 -20.94
C ASN F 143 -1.86 -17.47 -20.90
N LYS F 144 -2.51 -17.06 -19.80
CA LYS F 144 -3.96 -16.86 -19.73
C LYS F 144 -4.75 -18.15 -19.95
N PHE F 145 -4.19 -19.27 -19.50
CA PHE F 145 -4.89 -20.55 -19.52
C PHE F 145 -5.91 -20.63 -18.39
N ASP F 146 -6.84 -21.56 -18.54
CA ASP F 146 -7.86 -21.76 -17.51
C ASP F 146 -7.61 -23.00 -16.68
N GLY F 147 -6.71 -23.88 -17.09
CA GLY F 147 -6.44 -25.04 -16.27
C GLY F 147 -5.21 -25.81 -16.71
N PHE F 148 -5.03 -26.96 -16.07
CA PHE F 148 -3.89 -27.81 -16.31
C PHE F 148 -4.38 -29.24 -16.47
N ASP F 149 -3.81 -29.92 -17.45
CA ASP F 149 -4.15 -31.32 -17.75
C ASP F 149 -2.87 -32.15 -17.67
N LEU F 150 -2.87 -33.18 -16.83
CA LEU F 150 -1.67 -33.94 -16.51
C LEU F 150 -1.65 -35.29 -17.27
N ASP F 151 -0.80 -35.37 -18.30
CA ASP F 151 -0.72 -36.51 -19.22
C ASP F 151 0.52 -37.38 -18.99
N TRP F 152 0.86 -37.62 -17.74
CA TRP F 152 1.91 -38.55 -17.38
C TRP F 152 1.56 -39.95 -17.86
N GLU F 153 2.34 -40.48 -18.80
CA GLU F 153 2.02 -41.76 -19.47
C GLU F 153 3.15 -42.79 -19.29
N TYR F 154 3.15 -43.53 -18.17
CA TYR F 154 2.14 -43.46 -17.11
C TYR F 154 2.79 -43.61 -15.73
N PRO F 155 2.07 -43.22 -14.68
CA PRO F 155 2.54 -43.54 -13.32
C PRO F 155 2.70 -45.04 -13.16
N GLU F 156 3.82 -45.44 -12.58
CA GLU F 156 4.03 -46.83 -12.21
C GLU F 156 3.88 -46.98 -10.71
N SER F 157 3.94 -48.23 -10.23
CA SER F 157 3.80 -48.50 -8.80
C SER F 157 4.71 -47.59 -7.97
N SER F 158 5.97 -47.46 -8.37
CA SER F 158 6.91 -46.62 -7.64
C SER F 158 6.46 -45.17 -7.56
N ASP F 159 5.61 -44.71 -8.46
CA ASP F 159 5.20 -43.32 -8.51
C ASP F 159 3.80 -43.10 -7.95
N LYS F 160 3.09 -44.17 -7.59
CA LYS F 160 1.70 -44.03 -7.14
C LYS F 160 1.60 -43.04 -5.98
N GLU F 161 2.35 -43.28 -4.90
CA GLU F 161 2.34 -42.39 -3.75
C GLU F 161 2.76 -40.97 -4.14
N ASN F 162 3.78 -40.86 -5.00
CA ASN F 162 4.26 -39.55 -5.43
C ASN F 162 3.25 -38.87 -6.35
N TYR F 163 2.62 -39.64 -7.25
CA TYR F 163 1.56 -39.09 -8.08
C TYR F 163 0.52 -38.39 -7.22
N LEU F 164 0.00 -39.10 -6.20
CA LEU F 164 -1.12 -38.58 -5.40
C LEU F 164 -0.74 -37.28 -4.72
N LEU F 165 0.45 -37.23 -4.14
CA LEU F 165 0.93 -35.98 -3.55
C LEU F 165 1.05 -34.89 -4.59
N LEU F 166 1.55 -35.23 -5.79
CA LEU F 166 1.70 -34.23 -6.84
C LEU F 166 0.36 -33.58 -7.15
N CYS F 167 -0.71 -34.38 -7.22
CA CYS F 167 -2.02 -33.82 -7.56
C CYS F 167 -2.60 -33.04 -6.41
N GLN F 168 -2.58 -33.63 -5.21
CA GLN F 168 -3.10 -32.94 -4.04
C GLN F 168 -2.43 -31.58 -3.85
N GLU F 169 -1.12 -31.51 -4.13
CA GLU F 169 -0.41 -30.26 -4.02
C GLU F 169 -0.80 -29.30 -5.14
N ILE F 170 -1.13 -29.83 -6.33
CA ILE F 170 -1.55 -28.95 -7.42
C ILE F 170 -2.89 -28.33 -7.09
N LEU F 171 -3.86 -29.15 -6.69
CA LEU F 171 -5.16 -28.61 -6.31
C LEU F 171 -5.00 -27.56 -5.22
N ALA F 172 -4.13 -27.82 -4.24
CA ALA F 172 -3.96 -26.91 -3.11
C ALA F 172 -3.38 -25.58 -3.56
N LYS F 173 -2.28 -25.60 -4.31
CA LYS F 173 -1.73 -24.35 -4.81
C LYS F 173 -2.76 -23.57 -5.61
N PHE F 174 -3.49 -24.28 -6.48
CA PHE F 174 -4.56 -23.62 -7.21
C PHE F 174 -5.57 -23.01 -6.24
N GLU F 175 -5.93 -23.75 -5.19
CA GLU F 175 -6.86 -23.22 -4.21
C GLU F 175 -6.27 -22.01 -3.50
N GLU F 176 -5.04 -22.16 -2.97
CA GLU F 176 -4.26 -21.03 -2.45
C GLU F 176 -4.31 -19.85 -3.41
N VAL F 177 -3.90 -20.07 -4.66
CA VAL F 177 -3.76 -18.95 -5.59
C VAL F 177 -5.09 -18.29 -5.92
N ALA F 178 -6.21 -19.03 -5.92
CA ALA F 178 -7.49 -18.40 -6.23
C ALA F 178 -7.92 -17.46 -5.11
N LYS F 179 -7.86 -17.92 -3.85
CA LYS F 179 -8.18 -17.05 -2.72
C LYS F 179 -7.29 -15.82 -2.71
N CYS F 180 -6.00 -16.03 -2.94
CA CYS F 180 -5.02 -14.94 -2.89
C CYS F 180 -5.35 -13.85 -3.91
N THR F 181 -5.83 -14.22 -5.08
CA THR F 181 -6.03 -13.28 -6.17
C THR F 181 -7.50 -12.99 -6.45
N SER F 182 -8.41 -13.55 -5.68
CA SER F 182 -9.86 -13.43 -5.88
C SER F 182 -10.24 -13.72 -7.33
N THR F 183 -9.90 -14.92 -7.75
CA THR F 183 -10.30 -15.44 -9.05
C THR F 183 -10.93 -16.81 -8.84
N SER F 184 -11.52 -17.32 -9.91
CA SER F 184 -11.94 -18.71 -9.94
C SER F 184 -10.72 -19.59 -10.03
N ARG F 185 -10.74 -20.68 -9.27
CA ARG F 185 -9.69 -21.68 -9.29
C ARG F 185 -9.36 -22.16 -10.70
N LEU F 186 -8.07 -22.30 -10.98
CA LEU F 186 -7.66 -23.00 -12.19
C LEU F 186 -8.25 -24.40 -12.24
N LEU F 187 -8.59 -24.84 -13.45
CA LEU F 187 -9.07 -26.21 -13.62
C LEU F 187 -7.91 -27.20 -13.52
N PHE F 188 -8.23 -28.45 -13.21
CA PHE F 188 -7.21 -29.50 -13.00
C PHE F 188 -7.73 -30.82 -13.53
N THR F 189 -7.27 -31.24 -14.70
CA THR F 189 -7.67 -32.53 -15.25
C THR F 189 -6.44 -33.40 -15.48
N ALA F 190 -6.72 -34.63 -15.92
CA ALA F 190 -5.71 -35.63 -16.20
C ALA F 190 -6.19 -36.55 -17.31
N ALA F 191 -5.27 -36.95 -18.19
CA ALA F 191 -5.54 -38.01 -19.14
C ALA F 191 -4.90 -39.29 -18.62
N VAL F 192 -5.70 -40.32 -18.45
CA VAL F 192 -5.28 -41.49 -17.71
C VAL F 192 -5.37 -42.75 -18.56
N SER F 193 -4.52 -43.73 -18.23
CA SER F 193 -4.55 -45.04 -18.87
C SER F 193 -5.95 -45.63 -18.85
N ALA F 194 -6.28 -46.38 -19.90
CA ALA F 194 -7.49 -47.18 -19.95
C ALA F 194 -7.19 -48.67 -19.72
N ASN F 195 -5.92 -49.03 -19.57
CA ASN F 195 -5.50 -50.38 -19.27
C ASN F 195 -5.76 -50.67 -17.79
N PRO F 196 -6.58 -51.67 -17.44
CA PRO F 196 -6.92 -51.88 -16.02
C PRO F 196 -5.72 -52.20 -15.16
N LYS F 197 -4.79 -53.01 -15.64
CA LYS F 197 -3.64 -53.33 -14.80
C LYS F 197 -2.69 -52.16 -14.69
N THR F 198 -2.73 -51.21 -15.64
CA THR F 198 -1.98 -49.97 -15.47
C THR F 198 -2.58 -49.12 -14.38
N VAL F 199 -3.91 -49.19 -14.20
CA VAL F 199 -4.58 -48.33 -13.24
C VAL F 199 -4.32 -48.79 -11.82
N ASP F 200 -4.33 -50.11 -11.57
CA ASP F 200 -3.91 -50.59 -10.25
C ASP F 200 -2.48 -50.15 -9.95
N ALA F 201 -1.60 -50.24 -10.94
CA ALA F 201 -0.19 -49.89 -10.78
C ALA F 201 -0.02 -48.52 -10.15
N GLY F 202 -0.53 -47.48 -10.83
CA GLY F 202 -0.10 -46.14 -10.51
C GLY F 202 -1.14 -45.13 -10.11
N TYR F 203 -2.41 -45.54 -10.00
CA TYR F 203 -3.49 -44.61 -9.66
C TYR F 203 -4.19 -45.03 -8.38
N ASP F 204 -4.08 -44.19 -7.33
CA ASP F 204 -4.97 -44.28 -6.19
C ASP F 204 -6.28 -43.61 -6.60
N VAL F 205 -7.15 -44.39 -7.22
CA VAL F 205 -8.33 -43.83 -7.85
C VAL F 205 -9.19 -43.03 -6.87
N PRO F 206 -9.62 -43.58 -5.72
CA PRO F 206 -10.61 -42.86 -4.90
C PRO F 206 -10.06 -41.60 -4.27
N ALA F 207 -8.77 -41.56 -3.94
CA ALA F 207 -8.16 -40.32 -3.47
C ALA F 207 -8.05 -39.30 -4.60
N LEU F 208 -7.74 -39.76 -5.82
CA LEU F 208 -7.62 -38.82 -6.93
C LEU F 208 -8.97 -38.23 -7.31
N ALA F 209 -10.04 -38.98 -7.08
CA ALA F 209 -11.37 -38.49 -7.38
C ALA F 209 -11.67 -37.20 -6.62
N LYS F 210 -11.17 -37.07 -5.39
CA LYS F 210 -11.43 -35.87 -4.59
C LYS F 210 -10.59 -34.69 -5.01
N VAL F 211 -9.64 -34.90 -5.91
CA VAL F 211 -8.58 -33.95 -6.18
C VAL F 211 -8.61 -33.47 -7.63
N LEU F 212 -8.99 -34.34 -8.55
CA LEU F 212 -9.02 -34.03 -9.98
C LEU F 212 -10.42 -33.66 -10.38
N ASP F 213 -10.55 -32.73 -11.33
CA ASP F 213 -11.87 -32.27 -11.72
C ASP F 213 -12.60 -33.34 -12.53
N PHE F 214 -11.96 -33.81 -13.60
CA PHE F 214 -12.35 -35.06 -14.23
C PHE F 214 -11.10 -35.68 -14.85
N VAL F 215 -11.25 -36.89 -15.35
CA VAL F 215 -10.19 -37.59 -16.03
C VAL F 215 -10.63 -37.90 -17.45
N ASN F 216 -9.69 -37.80 -18.38
CA ASN F 216 -9.94 -38.07 -19.81
C ASN F 216 -9.50 -39.50 -20.08
N LEU F 217 -10.46 -40.42 -20.09
CA LEU F 217 -10.18 -41.84 -20.30
C LEU F 217 -9.59 -42.07 -21.68
N MET F 218 -8.30 -42.38 -21.75
CA MET F 218 -7.67 -42.69 -23.02
C MET F 218 -8.08 -44.08 -23.48
N CYS F 219 -9.38 -44.28 -23.71
CA CYS F 219 -9.89 -45.58 -24.16
C CYS F 219 -9.69 -45.75 -25.67
N TYR F 220 -8.44 -45.71 -26.08
CA TYR F 220 -8.05 -46.01 -27.45
C TYR F 220 -6.66 -46.63 -27.44
N ASP F 221 -6.05 -46.76 -28.61
CA ASP F 221 -4.75 -47.41 -28.76
C ASP F 221 -4.74 -48.82 -28.18
N PHE F 222 -5.90 -49.49 -28.20
CA PHE F 222 -5.98 -50.87 -27.70
C PHE F 222 -5.23 -51.85 -28.58
N HIS F 223 -5.20 -51.61 -29.89
CA HIS F 223 -4.47 -52.45 -30.82
C HIS F 223 -3.87 -51.55 -31.89
N GLY F 224 -2.72 -51.95 -32.40
CA GLY F 224 -2.01 -51.15 -33.36
C GLY F 224 -1.04 -51.98 -34.15
N ALA F 225 -0.13 -51.30 -34.83
CA ALA F 225 0.88 -52.01 -35.61
C ALA F 225 1.93 -52.67 -34.76
N TRP F 226 1.92 -52.49 -33.43
CA TRP F 226 2.80 -53.30 -32.59
C TRP F 226 2.31 -54.76 -32.48
N GLU F 227 1.23 -55.10 -33.17
CA GLU F 227 0.64 -56.43 -33.11
C GLU F 227 0.74 -57.10 -34.48
N THR F 228 0.87 -58.43 -34.44
CA THR F 228 1.05 -59.24 -35.64
C THR F 228 -0.26 -59.57 -36.35
N GLN F 229 -1.41 -59.20 -35.78
CA GLN F 229 -2.71 -59.40 -36.41
C GLN F 229 -3.51 -58.11 -36.31
N THR F 230 -4.52 -58.01 -37.16
CA THR F 230 -5.40 -56.84 -37.16
C THR F 230 -6.39 -56.94 -36.00
N GLY F 231 -6.60 -55.82 -35.32
CA GLY F 231 -7.59 -55.72 -34.25
C GLY F 231 -8.11 -54.29 -34.22
N ILE F 232 -9.12 -54.06 -33.37
CA ILE F 232 -9.79 -52.76 -33.37
C ILE F 232 -9.08 -51.79 -32.43
N ASN F 233 -8.93 -50.55 -32.91
CA ASN F 233 -8.22 -49.52 -32.15
C ASN F 233 -9.00 -49.07 -30.94
N SER F 234 -10.28 -48.72 -31.12
CA SER F 234 -11.14 -48.22 -30.03
C SER F 234 -12.48 -48.93 -30.06
N PRO F 235 -12.52 -50.23 -29.73
CA PRO F 235 -13.78 -50.97 -29.76
C PRO F 235 -14.66 -50.67 -28.55
N LEU F 236 -15.95 -50.40 -28.81
CA LEU F 236 -16.92 -50.15 -27.74
C LEU F 236 -17.06 -51.36 -26.83
N TYR F 237 -17.40 -52.52 -27.40
CA TYR F 237 -17.57 -53.73 -26.61
C TYR F 237 -16.51 -54.76 -27.00
N SER F 238 -16.33 -55.73 -26.12
CA SER F 238 -15.50 -56.86 -26.47
C SER F 238 -16.27 -57.79 -27.37
N ARG F 239 -15.53 -58.53 -28.18
CA ARG F 239 -16.05 -59.58 -29.03
C ARG F 239 -15.66 -60.92 -28.43
N LYS F 240 -16.47 -61.96 -28.67
CA LYS F 240 -16.04 -63.28 -28.19
C LYS F 240 -14.79 -63.73 -28.93
N GLU F 241 -14.51 -63.12 -30.09
CA GLU F 241 -13.28 -63.42 -30.85
C GLU F 241 -12.02 -62.96 -30.12
N ASP F 242 -12.08 -61.83 -29.41
CA ASP F 242 -10.96 -61.39 -28.56
C ASP F 242 -10.47 -62.54 -27.67
N SER F 243 -9.22 -62.49 -27.25
CA SER F 243 -8.82 -63.49 -26.28
C SER F 243 -9.12 -62.96 -24.88
N SER F 244 -8.79 -63.76 -23.87
CA SER F 244 -9.26 -63.48 -22.52
C SER F 244 -8.55 -62.29 -21.89
N GLU F 245 -7.27 -62.07 -22.21
CA GLU F 245 -6.53 -60.96 -21.63
C GLU F 245 -6.96 -59.61 -22.21
N PHE F 246 -7.70 -59.59 -23.32
CA PHE F 246 -8.04 -58.36 -24.01
C PHE F 246 -9.52 -58.04 -23.96
N LYS F 247 -10.29 -58.76 -23.15
CA LYS F 247 -11.71 -58.44 -23.12
C LYS F 247 -12.02 -57.41 -22.05
N MET F 248 -11.02 -57.00 -21.26
CA MET F 248 -11.09 -55.75 -20.53
C MET F 248 -10.85 -54.53 -21.43
N TRP F 249 -10.34 -54.76 -22.64
CA TRP F 249 -9.77 -53.69 -23.45
C TRP F 249 -10.84 -53.12 -24.39
N ASN F 250 -11.78 -52.40 -23.79
CA ASN F 250 -12.89 -51.81 -24.52
C ASN F 250 -13.14 -50.41 -23.99
N VAL F 251 -14.08 -49.72 -24.63
CA VAL F 251 -14.64 -48.53 -24.01
C VAL F 251 -15.56 -48.93 -22.86
N GLU F 252 -16.35 -50.00 -23.05
CA GLU F 252 -17.32 -50.40 -22.03
C GLU F 252 -16.60 -50.85 -20.76
N GLN F 253 -15.67 -51.79 -20.89
CA GLN F 253 -15.08 -52.43 -19.72
C GLN F 253 -14.06 -51.54 -19.03
N SER F 254 -13.28 -50.79 -19.81
CA SER F 254 -12.30 -49.91 -19.20
C SER F 254 -12.99 -48.78 -18.44
N SER F 255 -14.04 -48.20 -19.02
CA SER F 255 -14.79 -47.16 -18.32
C SER F 255 -15.40 -47.71 -17.04
N LYS F 256 -16.05 -48.87 -17.13
CA LYS F 256 -16.51 -49.56 -15.93
C LYS F 256 -15.39 -49.69 -14.90
N TYR F 257 -14.21 -50.19 -15.33
CA TYR F 257 -13.14 -50.47 -14.38
C TYR F 257 -12.79 -49.22 -13.58
N TRP F 258 -12.84 -48.05 -14.20
CA TRP F 258 -12.54 -46.84 -13.46
C TRP F 258 -13.64 -46.54 -12.44
N SER F 259 -14.91 -46.63 -12.84
CA SER F 259 -16.00 -46.42 -11.89
C SER F 259 -15.91 -47.40 -10.72
N ASP F 260 -15.66 -48.68 -11.01
CA ASP F 260 -15.57 -49.67 -9.94
C ASP F 260 -14.39 -49.40 -9.02
N LYS F 261 -13.33 -48.77 -9.53
CA LYS F 261 -12.18 -48.44 -8.70
C LYS F 261 -12.41 -47.22 -7.81
N GLY F 262 -13.43 -46.42 -8.11
CA GLY F 262 -13.84 -45.34 -7.22
C GLY F 262 -14.09 -43.99 -7.85
N MET F 263 -13.95 -43.88 -9.16
CA MET F 263 -14.19 -42.59 -9.80
C MET F 263 -15.68 -42.42 -10.08
N PRO F 264 -16.30 -41.35 -9.59
CA PRO F 264 -17.69 -41.06 -9.98
C PRO F 264 -17.79 -41.01 -11.50
N LYS F 265 -18.86 -41.61 -12.03
CA LYS F 265 -19.01 -41.71 -13.47
C LYS F 265 -18.99 -40.36 -14.14
N LYS F 266 -19.56 -39.34 -13.49
CA LYS F 266 -19.57 -37.99 -14.04
C LYS F 266 -18.17 -37.39 -14.15
N GLN F 267 -17.17 -37.99 -13.50
CA GLN F 267 -15.79 -37.55 -13.61
C GLN F 267 -14.99 -38.40 -14.59
N ILE F 268 -15.67 -39.19 -15.41
CA ILE F 268 -15.04 -40.07 -16.39
C ILE F 268 -15.43 -39.56 -17.77
N ILE F 269 -14.46 -39.08 -18.54
CA ILE F 269 -14.71 -38.54 -19.87
C ILE F 269 -14.20 -39.54 -20.89
N ILE F 270 -15.12 -40.01 -21.74
CA ILE F 270 -14.79 -41.04 -22.74
C ILE F 270 -14.09 -40.40 -23.93
N GLY F 271 -12.88 -40.89 -24.24
CA GLY F 271 -12.12 -40.35 -25.34
C GLY F 271 -12.39 -41.03 -26.67
N LEU F 272 -12.51 -40.22 -27.71
CA LEU F 272 -12.88 -40.66 -29.04
C LEU F 272 -11.71 -40.42 -30.00
N PRO F 273 -11.18 -41.45 -30.64
CA PRO F 273 -10.10 -41.22 -31.63
C PRO F 273 -10.64 -40.70 -32.96
N THR F 274 -10.06 -39.60 -33.46
CA THR F 274 -10.30 -39.18 -34.83
C THR F 274 -9.26 -39.76 -35.79
N TYR F 275 -8.40 -40.65 -35.30
CA TYR F 275 -7.39 -41.32 -36.09
C TYR F 275 -7.73 -42.80 -36.20
N GLY F 276 -7.04 -43.46 -37.13
CA GLY F 276 -7.04 -44.90 -37.22
C GLY F 276 -5.63 -45.47 -37.10
N ARG F 277 -5.57 -46.78 -36.93
CA ARG F 277 -4.33 -47.54 -36.96
C ARG F 277 -4.44 -48.61 -38.03
N GLY F 278 -3.30 -49.01 -38.59
CA GLY F 278 -3.31 -49.87 -39.75
C GLY F 278 -2.12 -50.81 -39.81
N TRP F 279 -2.30 -51.87 -40.62
CA TRP F 279 -1.31 -52.89 -40.89
C TRP F 279 -1.18 -53.13 -42.39
N THR F 280 -0.11 -53.81 -42.76
CA THR F 280 0.03 -54.38 -44.09
C THR F 280 -0.27 -55.87 -43.99
N LEU F 281 -1.30 -56.32 -44.69
CA LEU F 281 -1.71 -57.71 -44.60
C LEU F 281 -0.63 -58.63 -45.16
N SER F 282 -0.43 -59.75 -44.46
CA SER F 282 0.45 -60.80 -44.97
C SER F 282 -0.11 -61.39 -46.25
N ASP F 283 -1.43 -61.65 -46.29
CA ASP F 283 -2.11 -62.15 -47.45
C ASP F 283 -3.35 -61.29 -47.70
N ALA F 284 -3.47 -60.75 -48.90
CA ALA F 284 -4.50 -59.75 -49.19
C ALA F 284 -5.89 -60.33 -49.32
N SER F 285 -6.03 -61.65 -49.16
CA SER F 285 -7.33 -62.32 -49.17
C SER F 285 -7.81 -62.65 -47.77
N LYS F 286 -6.89 -63.01 -46.88
CA LYS F 286 -7.15 -63.01 -45.44
C LYS F 286 -7.30 -61.57 -45.00
N THR F 287 -8.55 -61.13 -44.86
CA THR F 287 -8.89 -59.72 -44.78
C THR F 287 -9.76 -59.38 -43.57
N ASP F 288 -10.00 -60.35 -42.69
CA ASP F 288 -10.90 -60.13 -41.57
C ASP F 288 -10.17 -59.51 -40.39
N ILE F 289 -10.89 -59.31 -39.29
CA ILE F 289 -10.29 -58.79 -38.07
C ILE F 289 -9.51 -59.95 -37.42
N GLY F 290 -8.19 -59.83 -37.41
CA GLY F 290 -7.31 -60.91 -37.00
C GLY F 290 -6.44 -61.46 -38.11
N ALA F 291 -6.55 -60.90 -39.32
CA ALA F 291 -5.78 -61.41 -40.44
C ALA F 291 -4.30 -61.14 -40.22
N PRO F 292 -3.42 -62.07 -40.62
CA PRO F 292 -2.00 -61.92 -40.29
C PRO F 292 -1.37 -60.72 -40.99
N ALA F 293 -0.53 -60.00 -40.25
CA ALA F 293 0.14 -58.80 -40.73
C ALA F 293 1.64 -59.04 -40.89
N GLN F 294 2.19 -58.62 -42.03
CA GLN F 294 3.63 -58.61 -42.25
C GLN F 294 4.28 -57.32 -41.77
N GLY F 295 3.52 -56.40 -41.20
CA GLY F 295 4.07 -55.13 -40.75
C GLY F 295 2.99 -54.08 -40.61
N SER F 296 3.43 -52.83 -40.59
CA SER F 296 2.55 -51.69 -40.34
C SER F 296 1.90 -51.19 -41.61
N SER F 297 0.82 -50.44 -41.44
CA SER F 297 0.25 -49.64 -42.52
C SER F 297 1.32 -48.78 -43.17
N THR F 298 1.24 -48.63 -44.49
CA THR F 298 2.11 -47.71 -45.17
C THR F 298 1.89 -46.29 -44.67
N ALA F 299 2.98 -45.52 -44.56
CA ALA F 299 2.82 -44.14 -44.09
C ALA F 299 1.92 -43.37 -45.05
N THR F 300 0.99 -42.62 -44.48
CA THR F 300 -0.07 -41.87 -45.14
C THR F 300 0.42 -40.54 -45.68
N GLU F 301 -0.41 -39.93 -46.51
CA GLU F 301 0.04 -38.80 -47.30
C GLU F 301 0.32 -37.59 -46.43
N TYR F 302 -0.47 -37.37 -45.39
CA TYR F 302 -0.30 -36.18 -44.56
C TYR F 302 0.29 -36.47 -43.19
N LEU F 303 -0.18 -37.50 -42.49
CA LEU F 303 0.38 -37.79 -41.17
C LEU F 303 1.79 -38.34 -41.28
N ARG F 304 2.07 -39.12 -42.29
CA ARG F 304 3.40 -39.64 -42.53
C ARG F 304 4.02 -40.39 -41.43
N GLU F 305 3.18 -41.09 -40.73
CA GLU F 305 3.61 -41.99 -39.66
C GLU F 305 2.99 -43.35 -39.96
N ALA F 306 3.84 -44.31 -40.30
CA ALA F 306 3.40 -45.68 -40.53
C ALA F 306 2.53 -46.18 -39.39
N GLY F 307 1.55 -47.01 -39.74
CA GLY F 307 0.66 -47.60 -38.76
C GLY F 307 -0.41 -46.66 -38.24
N VAL F 308 -0.62 -45.54 -38.90
CA VAL F 308 -1.49 -44.48 -38.40
C VAL F 308 -2.09 -43.76 -39.59
N ILE F 309 -3.40 -43.49 -39.52
CA ILE F 309 -4.12 -42.77 -40.55
C ILE F 309 -5.02 -41.74 -39.88
N SER F 310 -5.20 -40.60 -40.53
CA SER F 310 -6.18 -39.62 -40.08
C SER F 310 -7.55 -39.93 -40.70
N TYR F 311 -8.60 -39.36 -40.12
CA TYR F 311 -9.93 -39.64 -40.63
C TYR F 311 -10.11 -39.10 -42.04
N TYR F 312 -9.75 -37.84 -42.29
CA TYR F 312 -9.87 -37.34 -43.65
C TYR F 312 -9.03 -38.13 -44.63
N GLU F 313 -7.96 -38.78 -44.15
CA GLU F 313 -7.20 -39.64 -45.05
C GLU F 313 -8.00 -40.89 -45.40
N VAL F 314 -8.79 -41.42 -44.46
CA VAL F 314 -9.60 -42.57 -44.82
C VAL F 314 -10.69 -42.16 -45.79
N CYS F 315 -11.07 -40.88 -45.78
CA CYS F 315 -12.02 -40.38 -46.77
C CYS F 315 -11.42 -40.45 -48.17
N GLN F 316 -10.22 -39.88 -48.34
CA GLN F 316 -9.52 -39.97 -49.63
C GLN F 316 -9.33 -41.42 -50.06
N LYS F 317 -9.01 -42.30 -49.11
CA LYS F 317 -8.82 -43.71 -49.45
C LYS F 317 -10.13 -44.36 -49.87
N LEU F 318 -11.23 -44.02 -49.21
CA LEU F 318 -12.52 -44.55 -49.65
C LEU F 318 -12.84 -44.07 -51.06
N SER F 319 -12.48 -42.81 -51.37
CA SER F 319 -12.82 -42.25 -52.67
C SER F 319 -12.10 -42.96 -53.80
N SER F 320 -10.94 -43.56 -53.49
CA SER F 320 -10.18 -44.37 -54.45
C SER F 320 -10.64 -45.83 -54.47
N GLY F 321 -11.75 -46.16 -53.81
CA GLY F 321 -12.30 -47.48 -53.89
C GLY F 321 -11.74 -48.44 -52.86
N ALA F 322 -11.98 -48.15 -51.58
CA ALA F 322 -11.57 -49.02 -50.49
C ALA F 322 -12.79 -49.65 -49.84
N LYS F 323 -12.73 -50.95 -49.62
CA LYS F 323 -13.84 -51.69 -49.04
C LYS F 323 -13.95 -51.31 -47.56
N ARG F 324 -15.17 -50.96 -47.13
CA ARG F 324 -15.42 -50.61 -45.74
C ARG F 324 -16.34 -51.67 -45.15
N VAL F 325 -15.81 -52.47 -44.25
CA VAL F 325 -16.60 -53.41 -43.47
C VAL F 325 -17.05 -52.73 -42.18
N TRP F 326 -18.22 -53.14 -41.67
CA TRP F 326 -18.72 -52.68 -40.38
C TRP F 326 -18.77 -53.87 -39.43
N ASP F 327 -18.23 -53.69 -38.22
CA ASP F 327 -18.21 -54.72 -37.18
C ASP F 327 -19.28 -54.36 -36.15
N ASP F 328 -20.41 -55.05 -36.18
CA ASP F 328 -21.50 -54.71 -35.26
C ASP F 328 -21.16 -55.07 -33.82
N GLU F 329 -20.31 -56.08 -33.61
CA GLU F 329 -19.90 -56.43 -32.25
C GLU F 329 -19.13 -55.29 -31.58
N SER F 330 -18.10 -54.77 -32.26
CA SER F 330 -17.35 -53.66 -31.69
C SER F 330 -18.02 -52.31 -31.95
N LYS F 331 -18.97 -52.26 -32.89
CA LYS F 331 -19.60 -51.01 -33.28
C LYS F 331 -18.56 -50.01 -33.78
N THR F 332 -17.56 -50.51 -34.51
CA THR F 332 -16.53 -49.74 -35.19
C THR F 332 -16.40 -50.27 -36.61
N PRO F 333 -15.84 -49.46 -37.54
CA PRO F 333 -15.56 -49.97 -38.89
C PRO F 333 -14.07 -50.22 -39.15
N TYR F 334 -13.75 -50.97 -40.21
CA TYR F 334 -12.37 -51.11 -40.67
C TYR F 334 -12.30 -50.90 -42.18
N LEU F 335 -11.10 -50.53 -42.65
CA LEU F 335 -10.84 -50.21 -44.04
C LEU F 335 -9.86 -51.20 -44.65
N VAL F 336 -10.14 -51.64 -45.88
CA VAL F 336 -9.27 -52.54 -46.63
C VAL F 336 -9.04 -51.94 -48.02
N GLN F 337 -7.77 -51.90 -48.43
CA GLN F 337 -7.43 -51.44 -49.77
C GLN F 337 -6.12 -52.10 -50.16
N GLY F 338 -6.19 -53.06 -51.09
CA GLY F 338 -5.01 -53.84 -51.43
C GLY F 338 -4.55 -54.64 -50.22
N ASN F 339 -3.28 -54.48 -49.87
CA ASN F 339 -2.73 -55.10 -48.67
C ASN F 339 -2.69 -54.15 -47.48
N GLN F 340 -3.43 -53.03 -47.53
CA GLN F 340 -3.50 -52.11 -46.40
C GLN F 340 -4.80 -52.31 -45.62
N TRP F 341 -4.69 -52.47 -44.30
CA TRP F 341 -5.82 -52.77 -43.42
C TRP F 341 -5.83 -51.79 -42.25
N PHE F 342 -6.91 -51.03 -42.11
CA PHE F 342 -7.01 -50.04 -41.04
C PHE F 342 -8.23 -50.28 -40.17
N SER F 343 -8.12 -49.92 -38.90
CA SER F 343 -9.26 -49.76 -38.03
C SER F 343 -9.40 -48.27 -37.71
N TYR F 344 -10.60 -47.72 -37.93
CA TYR F 344 -10.82 -46.30 -37.74
C TYR F 344 -12.18 -46.07 -37.08
N ASP F 345 -12.52 -44.81 -36.85
CA ASP F 345 -13.82 -44.43 -36.31
C ASP F 345 -14.49 -43.40 -37.21
N ASP F 346 -15.72 -43.68 -37.63
CA ASP F 346 -16.50 -42.80 -38.49
C ASP F 346 -17.75 -42.33 -37.76
N VAL F 347 -18.67 -41.74 -38.51
CA VAL F 347 -19.83 -41.10 -37.89
C VAL F 347 -20.70 -42.14 -37.19
N GLU F 348 -20.88 -43.29 -37.84
CA GLU F 348 -21.68 -44.35 -37.25
C GLU F 348 -21.07 -44.83 -35.94
N SER F 349 -19.83 -45.32 -36.00
CA SER F 349 -19.12 -45.74 -34.79
C SER F 349 -19.14 -44.67 -33.69
N MET F 350 -19.10 -43.38 -34.07
CA MET F 350 -19.07 -42.33 -33.06
C MET F 350 -20.47 -42.04 -32.51
N LYS F 351 -21.50 -42.09 -33.37
CA LYS F 351 -22.86 -41.96 -32.87
C LYS F 351 -23.18 -43.07 -31.89
N ALA F 352 -22.74 -44.29 -32.18
CA ALA F 352 -22.84 -45.40 -31.24
C ALA F 352 -22.21 -45.03 -29.89
N LYS F 353 -20.93 -44.69 -29.95
CA LYS F 353 -20.15 -44.37 -28.75
C LYS F 353 -20.65 -43.20 -27.90
N ILE F 354 -21.07 -42.12 -28.53
CA ILE F 354 -21.51 -40.95 -27.77
C ILE F 354 -22.88 -41.20 -27.18
N ASN F 355 -23.75 -41.90 -27.90
CA ASN F 355 -25.04 -42.30 -27.35
C ASN F 355 -24.85 -43.20 -26.14
N TRP F 356 -23.87 -44.09 -26.21
CA TRP F 356 -23.56 -44.95 -25.08
C TRP F 356 -23.08 -44.16 -23.87
N ILE F 357 -22.53 -42.97 -24.10
CA ILE F 357 -22.13 -42.14 -22.96
C ILE F 357 -23.36 -41.60 -22.24
N LYS F 358 -24.44 -41.33 -22.97
CA LYS F 358 -25.70 -40.93 -22.33
C LYS F 358 -26.37 -42.09 -21.60
N GLN F 359 -26.40 -43.27 -22.24
CA GLN F 359 -27.07 -44.43 -21.66
C GLN F 359 -26.48 -44.79 -20.30
N GLU F 360 -25.16 -44.77 -20.18
CA GLU F 360 -24.50 -45.12 -18.94
C GLU F 360 -24.27 -43.92 -18.03
N ASN F 361 -24.52 -42.71 -18.51
CA ASN F 361 -24.37 -41.49 -17.73
C ASN F 361 -22.93 -41.29 -17.25
N TYR F 362 -21.98 -41.53 -18.15
CA TYR F 362 -20.62 -41.09 -17.94
C TYR F 362 -20.53 -39.57 -18.13
N GLY F 363 -19.34 -39.02 -17.90
CA GLY F 363 -19.21 -37.57 -17.76
C GLY F 363 -19.34 -36.80 -19.05
N GLY F 364 -19.16 -37.46 -20.19
CA GLY F 364 -19.06 -36.79 -21.47
C GLY F 364 -18.01 -37.38 -22.38
N ALA F 365 -17.51 -36.57 -23.33
CA ALA F 365 -16.56 -37.07 -24.32
C ALA F 365 -15.48 -36.04 -24.59
N PHE F 366 -14.32 -36.55 -24.94
CA PHE F 366 -13.24 -35.73 -25.46
C PHE F 366 -12.72 -36.38 -26.72
N VAL F 367 -12.25 -35.56 -27.63
CA VAL F 367 -11.79 -36.00 -28.94
C VAL F 367 -10.29 -35.74 -29.03
N TRP F 368 -9.58 -36.71 -29.60
CA TRP F 368 -8.15 -36.64 -29.94
C TRP F 368 -8.04 -37.03 -31.41
N THR F 369 -7.77 -36.07 -32.31
CA THR F 369 -7.55 -34.67 -32.04
C THR F 369 -8.44 -33.79 -32.92
N LEU F 370 -8.28 -32.48 -32.77
CA LEU F 370 -8.96 -31.55 -33.65
C LEU F 370 -8.48 -31.70 -35.08
N ASP F 371 -7.20 -31.98 -35.27
CA ASP F 371 -6.58 -31.89 -36.58
C ASP F 371 -6.63 -33.20 -37.37
N TYR F 372 -7.25 -34.25 -36.81
CA TYR F 372 -7.44 -35.50 -37.54
C TYR F 372 -8.79 -35.58 -38.28
N ASP F 373 -9.84 -34.96 -37.75
CA ASP F 373 -11.14 -34.85 -38.42
C ASP F 373 -10.99 -34.09 -39.75
N ASP F 374 -12.02 -34.21 -40.58
CA ASP F 374 -12.11 -33.42 -41.83
C ASP F 374 -12.52 -31.99 -41.46
N PHE F 375 -11.58 -31.28 -40.84
CA PHE F 375 -11.84 -29.95 -40.28
C PHE F 375 -12.09 -28.87 -41.35
N LEU F 376 -11.67 -29.11 -42.59
CA LEU F 376 -11.97 -28.21 -43.70
C LEU F 376 -13.27 -28.54 -44.42
N GLY F 377 -13.80 -29.75 -44.28
CA GLY F 377 -14.90 -30.21 -45.12
C GLY F 377 -14.53 -30.51 -46.56
N SER F 378 -13.27 -30.26 -46.98
CA SER F 378 -12.84 -30.53 -48.34
C SER F 378 -12.60 -32.02 -48.60
N PHE F 379 -12.32 -32.79 -47.56
CA PHE F 379 -11.72 -34.11 -47.74
C PHE F 379 -12.72 -35.24 -47.88
N CYS F 380 -13.97 -35.07 -47.42
CA CYS F 380 -14.95 -36.15 -47.44
C CYS F 380 -16.15 -35.73 -48.28
N THR F 381 -16.43 -36.54 -49.30
CA THR F 381 -17.58 -36.28 -50.14
C THR F 381 -18.88 -36.65 -49.43
N GLU F 382 -18.83 -37.72 -48.65
CA GLU F 382 -19.99 -38.32 -48.00
C GLU F 382 -20.73 -37.37 -47.07
N HIS F 383 -20.26 -36.14 -46.91
CA HIS F 383 -20.83 -35.21 -45.93
C HIS F 383 -21.32 -33.90 -46.52
N ASN F 384 -21.26 -33.73 -47.85
CA ASN F 384 -21.56 -32.46 -48.51
C ASN F 384 -20.75 -31.32 -47.92
N GLY F 385 -19.55 -31.64 -47.44
CA GLY F 385 -18.61 -30.61 -47.07
C GLY F 385 -18.86 -30.01 -45.70
N LYS F 386 -19.46 -30.78 -44.79
CA LYS F 386 -19.60 -30.37 -43.40
C LYS F 386 -18.26 -30.46 -42.69
N LYS F 387 -17.83 -29.33 -42.11
CA LYS F 387 -16.64 -29.31 -41.28
C LYS F 387 -16.85 -30.08 -39.98
N TYR F 388 -15.84 -30.87 -39.61
CA TYR F 388 -15.88 -31.68 -38.41
C TYR F 388 -17.08 -32.63 -38.44
N PRO F 389 -17.21 -33.46 -39.49
CA PRO F 389 -18.27 -34.48 -39.46
C PRO F 389 -18.20 -35.37 -38.25
N LEU F 390 -16.98 -35.64 -37.75
CA LEU F 390 -16.82 -36.46 -36.56
C LEU F 390 -17.07 -35.66 -35.28
N ILE F 391 -16.29 -34.59 -35.07
CA ILE F 391 -16.29 -33.91 -33.77
C ILE F 391 -17.59 -33.13 -33.53
N SER F 392 -18.33 -32.80 -34.59
CA SER F 392 -19.62 -32.14 -34.42
C SER F 392 -20.59 -32.98 -33.59
N LEU F 393 -20.46 -34.31 -33.66
CA LEU F 393 -21.39 -35.18 -32.97
C LEU F 393 -21.36 -35.01 -31.45
N MET F 394 -20.32 -34.40 -30.89
CA MET F 394 -20.29 -34.17 -29.45
C MET F 394 -21.28 -33.08 -29.06
N GLN F 395 -21.20 -31.92 -29.71
CA GLN F 395 -22.20 -30.89 -29.49
C GLN F 395 -23.59 -31.40 -29.81
N GLU F 396 -23.73 -32.09 -30.94
CA GLU F 396 -25.06 -32.47 -31.44
C GLU F 396 -25.78 -33.40 -30.48
N ILE F 397 -25.06 -34.36 -29.88
CA ILE F 397 -25.70 -35.31 -28.99
C ILE F 397 -25.61 -34.94 -27.50
N LEU F 398 -24.64 -34.10 -27.10
CA LEU F 398 -24.39 -33.82 -25.69
C LEU F 398 -24.47 -32.32 -25.37
N GLY F 399 -25.38 -31.61 -26.02
CA GLY F 399 -25.52 -30.18 -25.78
C GLY F 399 -26.77 -29.81 -25.01
C1 EDO G . -3.83 22.17 19.92
O1 EDO G . -3.57 23.59 20.01
C2 EDO G . -4.80 21.80 18.77
O2 EDO G . -4.17 21.37 17.55
C1 EDO H . -26.89 34.67 1.13
O1 EDO H . -27.68 33.84 2.00
C2 EDO H . -27.86 35.70 0.56
O2 EDO H . -27.12 36.62 -0.25
C1 EDO I . 21.99 29.94 15.70
O1 EDO I . 22.73 30.13 16.92
C2 EDO I . 22.82 29.24 14.63
O2 EDO I . 22.05 29.10 13.43
C1 EDO J . 24.08 44.20 9.85
O1 EDO J . 22.83 44.32 10.55
C2 EDO J . 24.69 45.54 9.42
O2 EDO J . 25.83 45.91 10.22
C1 EDO K . -34.75 -6.33 -0.73
O1 EDO K . -34.61 -6.53 0.69
C2 EDO K . -35.07 -7.60 -1.55
O2 EDO K . -35.63 -8.65 -0.74
#